data_8FFQ
#
_entry.id   8FFQ
#
_cell.length_a   1.00
_cell.length_b   1.00
_cell.length_c   1.00
_cell.angle_alpha   90.00
_cell.angle_beta   90.00
_cell.angle_gamma   90.00
#
_symmetry.space_group_name_H-M   'P 1'
#
loop_
_entity.id
_entity.type
_entity.pdbx_description
1 polymer 'Transient receptor potential cation channel subfamily V member 5'
2 non-polymer ERGOSTEROL
3 non-polymer 'ruthenium(6+) azanide pentaamino(oxido)ruthenium (1/4/2)'
4 non-polymer 1-PALMITOYL-2-LINOLEOYL-SN-GLYCERO-3-PHOSPHOCHOLINE
#
_entity_poly.entity_id   1
_entity_poly.type   'polypeptide(L)'
_entity_poly.pdbx_seq_one_letter_code
;MGACPPKAKGPWAQLQKLLISWPVGEQDWEQYRDRVNMLQQERIRDSPLLQAAKENDLRLLKILLLNQSCDFQQRGAVGE
TALHVAALYDNLEAATLLMEAAPELAKEPALCEPFVGQTALHIAVMNQNLNLVRALLARGASVSARATGAAFRRSPHNLI
YYGEHPLSFAACVGSEEIVRLLIEHGADIRAQDSLGNTVLHILILQPNKTFACQMYNLLLSYDEHSDHLQSLELVPNHQG
LTPFKLAGVEGNTVMFQHLMQKRKHVQWTCGPLTSTLYDLTEIDSWGEELSFLELVVSSKKREARQILEQTPVKELVSFK
WKKYGRPYFCVLASLYILYMICFTTCCIYRPLKLRDDNRTDPRDITILQQKLLQEAYVTHQDNIRLVGELVTVTGAVIIL
LLEIPDIFRVGASRYFGQTILGGPFHVIIITYASLVLLTMVMRLTNMNGEVVPLSFALVLGWCSVMYFARGFQMLGPFTI
MIQKMIFGDLMRFCWLMAVVILGFASAFHITFQTEDPNNLGEFSDYPTALFSTFELFLTIIDGPANYSVDLPFMYCITYA
AFAIIATLLMLNLFIAMMGDTHWRVAQERDELWRAQVVATTVMLERKMPRFLWPRSGICGYEYGLGDRWFLRVENHHDQN
PLRVLRYVEAFKCSDKEDGQEQLSEKRPSTVESGMLSRASVAFQTPSLSRTTSQSSNSHRGWEILRRNTLGHLNLGLDLG
EGDGEEVYHFTETSQVAPA
;
_entity_poly.pdbx_strand_id   A,B,C,D
#
# COMPACT_ATOMS: atom_id res chain seq x y z
N ASP A 28 -28.38 -28.00 -15.26
CA ASP A 28 -28.79 -29.26 -15.94
C ASP A 28 -27.93 -29.59 -17.17
N TRP A 29 -27.71 -28.67 -18.12
CA TRP A 29 -26.94 -28.88 -19.37
C TRP A 29 -25.61 -29.61 -19.26
N GLU A 30 -24.85 -29.36 -18.17
CA GLU A 30 -23.61 -30.10 -17.93
C GLU A 30 -23.86 -31.60 -17.77
N GLN A 31 -24.77 -32.03 -16.88
CA GLN A 31 -25.04 -33.47 -16.70
C GLN A 31 -25.55 -34.11 -18.02
N TYR A 32 -26.35 -33.39 -18.80
CA TYR A 32 -26.83 -33.87 -20.09
C TYR A 32 -25.68 -34.05 -21.09
N ARG A 33 -24.88 -33.00 -21.27
CA ARG A 33 -23.70 -33.09 -22.17
C ARG A 33 -22.80 -34.23 -21.68
N ASP A 34 -22.47 -34.23 -20.38
CA ASP A 34 -21.69 -35.32 -19.84
C ASP A 34 -22.24 -36.68 -20.27
N ARG A 35 -23.54 -36.95 -20.10
CA ARG A 35 -24.17 -38.20 -20.56
C ARG A 35 -23.96 -38.43 -22.04
N VAL A 36 -24.15 -37.43 -22.89
CA VAL A 36 -23.93 -37.50 -24.34
C VAL A 36 -22.51 -37.95 -24.65
N ASN A 37 -21.51 -37.37 -23.99
CA ASN A 37 -20.12 -37.74 -24.14
C ASN A 37 -19.87 -39.18 -23.70
N MET A 38 -20.40 -39.61 -22.56
CA MET A 38 -20.27 -41.00 -22.12
C MET A 38 -20.91 -41.98 -23.10
N LEU A 39 -22.08 -41.62 -23.62
CA LEU A 39 -22.88 -42.42 -24.52
C LEU A 39 -22.25 -42.53 -25.92
N GLN A 40 -21.55 -41.48 -26.40
CA GLN A 40 -20.74 -41.54 -27.61
C GLN A 40 -19.63 -42.58 -27.47
N GLN A 41 -18.87 -42.54 -26.39
CA GLN A 41 -17.78 -43.48 -26.13
C GLN A 41 -18.30 -44.91 -25.94
N GLU A 42 -19.43 -45.09 -25.25
CA GLU A 42 -20.13 -46.37 -25.13
C GLU A 42 -20.42 -46.98 -26.51
N ARG A 43 -20.90 -46.20 -27.45
CA ARG A 43 -21.28 -46.80 -28.74
C ARG A 43 -19.99 -47.14 -29.50
N ILE A 44 -19.03 -46.25 -29.47
CA ILE A 44 -17.75 -46.50 -30.13
C ILE A 44 -17.15 -47.80 -29.62
N ARG A 45 -17.09 -47.99 -28.31
CA ARG A 45 -16.55 -49.17 -27.64
C ARG A 45 -17.37 -50.43 -27.92
N ASP A 46 -18.68 -50.29 -28.04
CA ASP A 46 -19.61 -51.36 -28.44
C ASP A 46 -19.47 -51.81 -29.91
N SER A 47 -18.97 -50.97 -30.81
CA SER A 47 -19.04 -51.21 -32.25
C SER A 47 -17.65 -51.42 -32.85
N PRO A 48 -17.33 -52.57 -33.47
CA PRO A 48 -15.98 -52.84 -33.93
C PRO A 48 -15.52 -51.91 -35.07
N LEU A 49 -16.44 -51.46 -35.93
CA LEU A 49 -16.15 -50.44 -36.94
C LEU A 49 -15.70 -49.11 -36.32
N LEU A 50 -16.47 -48.57 -35.37
CA LEU A 50 -16.18 -47.29 -34.73
C LEU A 50 -14.94 -47.40 -33.83
N GLN A 51 -14.75 -48.51 -33.11
CA GLN A 51 -13.54 -48.75 -32.37
C GLN A 51 -12.32 -48.81 -33.30
N ALA A 52 -12.40 -49.48 -34.44
CA ALA A 52 -11.30 -49.51 -35.41
C ALA A 52 -10.99 -48.12 -35.97
N ALA A 53 -12.01 -47.31 -36.25
CA ALA A 53 -11.87 -45.92 -36.69
C ALA A 53 -11.19 -45.02 -35.64
N LYS A 54 -11.48 -45.21 -34.34
CA LYS A 54 -10.83 -44.51 -33.23
C LYS A 54 -9.39 -44.99 -32.99
N GLU A 55 -9.22 -46.30 -32.93
CA GLU A 55 -7.95 -46.98 -32.64
C GLU A 55 -6.94 -46.87 -33.80
N ASN A 56 -7.39 -46.52 -35.00
CA ASN A 56 -6.64 -46.64 -36.26
C ASN A 56 -6.24 -48.09 -36.53
N ASP A 57 -7.11 -49.05 -36.24
CA ASP A 57 -6.85 -50.46 -36.51
C ASP A 57 -7.13 -50.76 -38.00
N LEU A 58 -6.16 -50.44 -38.85
CA LEU A 58 -6.21 -50.68 -40.29
C LEU A 58 -6.50 -52.15 -40.59
N ARG A 59 -5.86 -53.08 -39.88
CA ARG A 59 -6.08 -54.52 -40.07
C ARG A 59 -7.52 -54.93 -39.75
N LEU A 60 -8.11 -54.44 -38.67
CA LEU A 60 -9.54 -54.70 -38.40
C LEU A 60 -10.44 -54.08 -39.47
N LEU A 61 -10.19 -52.85 -39.94
CA LEU A 61 -10.96 -52.28 -41.06
C LEU A 61 -10.82 -53.13 -42.33
N LYS A 62 -9.61 -53.57 -42.68
CA LYS A 62 -9.31 -54.45 -43.82
C LYS A 62 -9.93 -55.85 -43.72
N ILE A 63 -10.47 -56.24 -42.59
CA ILE A 63 -11.30 -57.45 -42.44
C ILE A 63 -12.79 -57.05 -42.49
N LEU A 64 -13.16 -56.05 -41.69
CA LEU A 64 -14.53 -55.69 -41.38
C LEU A 64 -15.27 -55.01 -42.53
N LEU A 65 -14.56 -54.24 -43.36
CA LEU A 65 -15.14 -53.50 -44.50
C LEU A 65 -15.50 -54.39 -45.70
N LEU A 66 -15.18 -55.69 -45.67
CA LEU A 66 -15.32 -56.59 -46.82
C LEU A 66 -16.68 -57.30 -46.90
N ASN A 67 -17.33 -57.61 -45.77
CA ASN A 67 -18.56 -58.42 -45.76
C ASN A 67 -19.74 -57.71 -46.45
N ASP A 71 -22.51 -53.12 -42.18
CA ASP A 71 -23.17 -51.81 -42.39
C ASP A 71 -22.20 -50.65 -42.18
N PHE A 72 -21.95 -49.84 -43.21
CA PHE A 72 -21.10 -48.64 -43.14
C PHE A 72 -21.81 -47.38 -42.62
N GLN A 73 -23.14 -47.34 -42.67
CA GLN A 73 -23.97 -46.19 -42.30
C GLN A 73 -24.37 -46.20 -40.82
N GLN A 74 -23.94 -47.20 -40.04
CA GLN A 74 -24.17 -47.31 -38.59
C GLN A 74 -23.62 -46.10 -37.83
N ARG A 75 -24.27 -45.75 -36.73
CA ARG A 75 -24.09 -44.48 -36.05
C ARG A 75 -23.64 -44.63 -34.59
N GLY A 76 -22.79 -43.72 -34.16
CA GLY A 76 -22.59 -43.40 -32.74
C GLY A 76 -23.84 -42.74 -32.12
N ALA A 77 -23.81 -42.47 -30.82
CA ALA A 77 -24.99 -42.06 -30.06
C ALA A 77 -25.66 -40.76 -30.55
N VAL A 78 -24.93 -39.86 -31.21
CA VAL A 78 -25.43 -38.56 -31.71
C VAL A 78 -25.68 -38.54 -33.22
N GLY A 79 -25.64 -39.69 -33.89
CA GLY A 79 -25.73 -39.78 -35.34
C GLY A 79 -24.41 -39.59 -36.08
N GLU A 80 -23.27 -39.58 -35.40
CA GLU A 80 -21.94 -39.60 -36.00
C GLU A 80 -21.66 -40.91 -36.75
N THR A 81 -21.02 -40.85 -37.91
CA THR A 81 -20.56 -42.04 -38.66
C THR A 81 -19.17 -42.49 -38.18
N ALA A 82 -18.71 -43.65 -38.64
CA ALA A 82 -17.32 -44.06 -38.46
C ALA A 82 -16.30 -43.04 -39.02
N LEU A 83 -16.66 -42.29 -40.06
CA LEU A 83 -15.80 -41.26 -40.63
C LEU A 83 -15.69 -40.02 -39.73
N HIS A 84 -16.78 -39.65 -39.04
CA HIS A 84 -16.72 -38.64 -37.98
C HIS A 84 -15.77 -39.09 -36.87
N VAL A 85 -15.85 -40.36 -36.46
CA VAL A 85 -14.93 -40.94 -35.49
C VAL A 85 -13.47 -40.90 -35.97
N ALA A 86 -13.20 -41.33 -37.20
CA ALA A 86 -11.84 -41.29 -37.77
C ALA A 86 -11.29 -39.86 -37.83
N ALA A 87 -12.10 -38.89 -38.23
CA ALA A 87 -11.72 -37.46 -38.26
C ALA A 87 -11.45 -36.93 -36.87
N LEU A 88 -12.29 -37.29 -35.88
CA LEU A 88 -12.16 -36.86 -34.49
C LEU A 88 -10.88 -37.36 -33.82
N TYR A 89 -10.52 -38.62 -34.05
CA TYR A 89 -9.25 -39.18 -33.57
C TYR A 89 -8.07 -38.91 -34.52
N ASP A 90 -8.28 -38.08 -35.53
CA ASP A 90 -7.25 -37.51 -36.38
C ASP A 90 -6.50 -38.60 -37.18
N ASN A 91 -7.24 -39.62 -37.62
CA ASN A 91 -6.75 -40.83 -38.30
C ASN A 91 -7.00 -40.80 -39.81
N LEU A 92 -6.11 -40.15 -40.57
CA LEU A 92 -6.21 -40.07 -42.03
C LEU A 92 -6.28 -41.44 -42.69
N GLU A 93 -5.51 -42.40 -42.17
CA GLU A 93 -5.38 -43.75 -42.71
C GLU A 93 -6.72 -44.50 -42.63
N ALA A 94 -7.35 -44.54 -41.45
CA ALA A 94 -8.70 -45.06 -41.30
C ALA A 94 -9.73 -44.33 -42.18
N ALA A 95 -9.66 -43.01 -42.27
CA ALA A 95 -10.63 -42.19 -42.99
C ALA A 95 -10.56 -42.45 -44.49
N THR A 96 -9.38 -42.56 -45.07
CA THR A 96 -9.26 -42.94 -46.46
C THR A 96 -9.79 -44.39 -46.69
N LEU A 97 -9.59 -45.36 -45.79
CA LEU A 97 -10.25 -46.66 -45.94
C LEU A 97 -11.78 -46.56 -45.94
N LEU A 98 -12.35 -45.78 -45.01
CA LEU A 98 -13.80 -45.64 -44.85
C LEU A 98 -14.46 -45.02 -46.09
N MET A 99 -13.82 -44.02 -46.69
CA MET A 99 -14.24 -43.44 -47.98
C MET A 99 -14.01 -44.38 -49.17
N GLU A 100 -12.88 -45.11 -49.23
CA GLU A 100 -12.66 -46.15 -50.24
C GLU A 100 -13.77 -47.23 -50.24
N ALA A 101 -14.22 -47.64 -49.05
CA ALA A 101 -15.33 -48.57 -48.88
C ALA A 101 -16.73 -47.95 -49.10
N ALA A 102 -16.98 -46.73 -48.64
CA ALA A 102 -18.30 -46.10 -48.66
C ALA A 102 -18.19 -44.56 -48.79
N PRO A 103 -18.00 -44.01 -50.00
CA PRO A 103 -17.68 -42.59 -50.15
C PRO A 103 -18.81 -41.63 -49.71
N GLU A 104 -20.06 -42.10 -49.68
CA GLU A 104 -21.19 -41.29 -49.22
C GLU A 104 -21.07 -40.81 -47.76
N LEU A 105 -20.23 -41.45 -46.93
CA LEU A 105 -19.95 -41.01 -45.57
C LEU A 105 -19.40 -39.56 -45.52
N ALA A 106 -18.68 -39.10 -46.54
CA ALA A 106 -18.18 -37.72 -46.59
C ALA A 106 -19.31 -36.67 -46.57
N LYS A 107 -20.49 -37.03 -47.07
CA LYS A 107 -21.66 -36.14 -47.14
C LYS A 107 -22.54 -36.15 -45.88
N GLU A 108 -22.33 -37.08 -44.95
CA GLU A 108 -23.27 -37.33 -43.85
C GLU A 108 -23.19 -36.29 -42.71
N PRO A 109 -24.32 -35.69 -42.29
CA PRO A 109 -24.41 -34.94 -41.06
C PRO A 109 -24.66 -35.84 -39.84
N ALA A 110 -24.23 -35.41 -38.65
CA ALA A 110 -24.72 -35.92 -37.38
C ALA A 110 -26.18 -35.48 -37.13
N LEU A 111 -26.93 -36.19 -36.29
CA LEU A 111 -28.40 -36.16 -36.30
C LEU A 111 -29.07 -35.67 -35.02
N CYS A 112 -28.41 -35.77 -33.86
CA CYS A 112 -29.00 -35.45 -32.55
C CYS A 112 -28.63 -34.05 -32.07
N GLU A 113 -29.50 -33.40 -31.27
CA GLU A 113 -29.46 -31.97 -30.94
C GLU A 113 -28.09 -31.39 -30.52
N PRO A 114 -27.20 -32.09 -29.79
CA PRO A 114 -25.91 -31.53 -29.43
C PRO A 114 -25.05 -31.22 -30.66
N PHE A 115 -25.00 -32.14 -31.63
CA PHE A 115 -24.07 -32.09 -32.76
C PHE A 115 -24.75 -32.05 -34.13
N VAL A 116 -26.07 -31.88 -34.20
CA VAL A 116 -26.83 -31.96 -35.45
C VAL A 116 -26.25 -31.07 -36.56
N GLY A 117 -26.10 -31.65 -37.74
CA GLY A 117 -25.51 -31.01 -38.91
C GLY A 117 -23.99 -31.10 -38.99
N GLN A 118 -23.29 -31.47 -37.92
CA GLN A 118 -21.83 -31.62 -37.95
C GLN A 118 -21.39 -32.69 -38.93
N THR A 119 -20.39 -32.39 -39.76
CA THR A 119 -19.82 -33.32 -40.74
C THR A 119 -18.39 -33.70 -40.36
N ALA A 120 -17.85 -34.77 -40.94
CA ALA A 120 -16.43 -35.10 -40.82
C ALA A 120 -15.54 -33.97 -41.35
N LEU A 121 -16.04 -33.11 -42.26
CA LEU A 121 -15.31 -31.94 -42.74
C LEU A 121 -15.16 -30.87 -41.65
N HIS A 122 -16.21 -30.56 -40.88
CA HIS A 122 -16.09 -29.67 -39.72
C HIS A 122 -15.02 -30.16 -38.74
N ILE A 123 -14.96 -31.47 -38.54
CA ILE A 123 -14.04 -32.12 -37.58
C ILE A 123 -12.61 -32.08 -38.14
N ALA A 124 -12.39 -32.40 -39.41
CA ALA A 124 -11.08 -32.32 -40.03
C ALA A 124 -10.48 -30.92 -40.05
N VAL A 125 -11.32 -29.89 -40.23
CA VAL A 125 -10.94 -28.49 -40.00
C VAL A 125 -10.63 -28.18 -38.53
N MET A 126 -11.46 -28.59 -37.55
CA MET A 126 -11.12 -28.43 -36.13
C MET A 126 -9.73 -28.99 -35.80
N ASN A 127 -9.44 -30.19 -36.31
CA ASN A 127 -8.18 -30.88 -36.10
C ASN A 127 -7.06 -30.40 -37.07
N GLN A 128 -7.28 -29.38 -37.90
CA GLN A 128 -6.29 -28.81 -38.83
C GLN A 128 -5.61 -29.81 -39.75
N ASN A 129 -6.26 -30.90 -40.06
CA ASN A 129 -5.72 -31.96 -40.91
C ASN A 129 -6.00 -31.63 -42.40
N LEU A 130 -5.04 -30.93 -43.02
CA LEU A 130 -5.17 -30.46 -44.40
C LEU A 130 -5.39 -31.60 -45.39
N ASN A 131 -4.67 -32.72 -45.25
CA ASN A 131 -4.80 -33.86 -46.11
C ASN A 131 -6.16 -34.56 -45.97
N LEU A 132 -6.65 -34.72 -44.73
CA LEU A 132 -8.00 -35.25 -44.48
C LEU A 132 -9.10 -34.30 -45.01
N VAL A 133 -8.95 -32.98 -44.81
CA VAL A 133 -9.89 -32.01 -45.41
C VAL A 133 -9.91 -32.18 -46.94
N ARG A 134 -8.78 -32.10 -47.62
CA ARG A 134 -8.67 -32.25 -49.07
C ARG A 134 -9.17 -33.60 -49.58
N ALA A 135 -9.00 -34.67 -48.79
CA ALA A 135 -9.61 -35.98 -49.08
C ALA A 135 -11.15 -35.98 -48.97
N LEU A 136 -11.75 -35.31 -47.98
CA LEU A 136 -13.21 -35.22 -47.85
C LEU A 136 -13.78 -34.37 -48.99
N LEU A 137 -13.05 -33.33 -49.42
CA LEU A 137 -13.45 -32.49 -50.53
C LEU A 137 -13.35 -33.17 -51.88
N ALA A 138 -12.37 -34.03 -52.05
CA ALA A 138 -12.24 -34.93 -53.18
C ALA A 138 -13.41 -35.90 -53.28
N ARG A 139 -13.93 -36.43 -52.17
CA ARG A 139 -15.19 -37.17 -52.11
C ARG A 139 -16.46 -36.33 -52.19
N GLY A 140 -16.35 -35.00 -52.28
CA GLY A 140 -17.49 -34.10 -52.39
C GLY A 140 -18.29 -33.89 -51.09
N ALA A 141 -17.62 -33.86 -49.91
CA ALA A 141 -18.15 -33.28 -48.69
C ALA A 141 -18.56 -31.83 -48.93
N SER A 142 -19.67 -31.40 -48.34
CA SER A 142 -20.24 -30.08 -48.55
C SER A 142 -19.46 -28.98 -47.84
N VAL A 143 -18.92 -28.02 -48.59
CA VAL A 143 -18.28 -26.81 -48.02
C VAL A 143 -19.27 -25.88 -47.29
N SER A 144 -20.57 -26.05 -47.51
CA SER A 144 -21.63 -25.18 -46.99
C SER A 144 -22.55 -25.86 -45.97
N ALA A 145 -22.18 -27.03 -45.44
CA ALA A 145 -22.92 -27.69 -44.36
C ALA A 145 -22.93 -26.85 -43.08
N ARG A 146 -24.08 -26.75 -42.40
CA ARG A 146 -24.20 -26.03 -41.13
C ARG A 146 -24.24 -27.01 -39.96
N ALA A 147 -23.27 -26.92 -39.08
CA ALA A 147 -23.28 -27.58 -37.78
C ALA A 147 -24.19 -26.78 -36.83
N THR A 148 -25.50 -26.91 -36.99
CA THR A 148 -26.49 -26.07 -36.29
C THR A 148 -26.80 -26.51 -34.85
N GLY A 149 -26.31 -27.66 -34.40
CA GLY A 149 -26.56 -28.17 -33.06
C GLY A 149 -26.05 -27.32 -31.90
N ALA A 150 -26.56 -27.58 -30.70
CA ALA A 150 -26.35 -26.77 -29.51
C ALA A 150 -24.86 -26.62 -29.10
N ALA A 151 -23.99 -27.57 -29.47
CA ALA A 151 -22.54 -27.48 -29.26
C ALA A 151 -21.83 -26.39 -30.06
N PHE A 152 -22.52 -25.75 -31.01
CA PHE A 152 -21.95 -24.78 -31.94
C PHE A 152 -22.54 -23.37 -31.83
N ARG A 153 -23.40 -23.16 -30.84
CA ARG A 153 -24.08 -21.87 -30.73
C ARG A 153 -23.31 -20.99 -29.74
N ARG A 154 -23.18 -19.70 -29.99
CA ARG A 154 -22.55 -18.83 -28.97
C ARG A 154 -23.39 -18.94 -27.69
N SER A 155 -22.78 -19.41 -26.63
CA SER A 155 -23.42 -19.57 -25.33
C SER A 155 -22.36 -19.67 -24.22
N PRO A 156 -22.73 -19.45 -22.94
CA PRO A 156 -21.84 -19.73 -21.82
C PRO A 156 -21.59 -21.24 -21.62
N HIS A 157 -22.41 -22.10 -22.22
CA HIS A 157 -22.21 -23.54 -22.19
C HIS A 157 -21.00 -24.00 -23.02
N ASN A 158 -20.69 -23.30 -24.12
CA ASN A 158 -19.68 -23.70 -25.08
C ASN A 158 -18.36 -22.93 -24.86
N LEU A 159 -17.24 -23.63 -24.85
CA LEU A 159 -15.91 -23.05 -24.63
C LEU A 159 -15.34 -22.33 -25.86
N ILE A 160 -15.86 -22.63 -27.04
CA ILE A 160 -15.54 -21.97 -28.31
C ILE A 160 -16.84 -21.58 -29.01
N TYR A 161 -16.76 -20.57 -29.86
CA TYR A 161 -17.78 -20.27 -30.85
C TYR A 161 -17.10 -20.02 -32.19
N TYR A 162 -17.19 -21.00 -33.09
CA TYR A 162 -16.58 -20.95 -34.42
C TYR A 162 -17.63 -20.73 -35.51
N GLY A 163 -18.86 -20.33 -35.17
CA GLY A 163 -19.96 -20.28 -36.13
C GLY A 163 -20.48 -21.67 -36.48
N GLU A 164 -21.03 -21.86 -37.67
CA GLU A 164 -21.65 -23.13 -38.10
C GLU A 164 -21.07 -23.74 -39.38
N HIS A 165 -20.23 -23.03 -40.15
CA HIS A 165 -19.72 -23.48 -41.46
C HIS A 165 -18.24 -23.87 -41.40
N PRO A 166 -17.77 -24.80 -42.26
CA PRO A 166 -16.36 -25.18 -42.31
C PRO A 166 -15.40 -24.00 -42.51
N LEU A 167 -15.76 -23.02 -43.32
CA LEU A 167 -14.96 -21.82 -43.50
C LEU A 167 -14.81 -20.99 -42.21
N SER A 168 -15.88 -20.84 -41.44
CA SER A 168 -15.85 -20.17 -40.15
C SER A 168 -14.92 -20.90 -39.17
N PHE A 169 -14.94 -22.23 -39.18
CA PHE A 169 -14.02 -23.02 -38.36
C PHE A 169 -12.59 -22.80 -38.81
N ALA A 170 -12.33 -22.85 -40.12
CA ALA A 170 -10.97 -22.70 -40.70
C ALA A 170 -10.33 -21.35 -40.39
N ALA A 171 -11.15 -20.31 -40.40
CA ALA A 171 -10.77 -18.99 -39.93
C ALA A 171 -10.46 -18.94 -38.43
N CYS A 172 -11.27 -19.55 -37.58
CA CYS A 172 -11.06 -19.52 -36.13
C CYS A 172 -9.91 -20.40 -35.63
N VAL A 173 -9.60 -21.51 -36.29
CA VAL A 173 -8.36 -22.27 -36.04
C VAL A 173 -7.13 -21.62 -36.67
N GLY A 174 -7.29 -20.56 -37.48
CA GLY A 174 -6.16 -19.83 -38.04
C GLY A 174 -5.49 -20.54 -39.23
N SER A 175 -6.14 -21.49 -39.89
CA SER A 175 -5.48 -22.23 -40.97
C SER A 175 -5.62 -21.50 -42.33
N GLU A 176 -4.59 -20.77 -42.76
CA GLU A 176 -4.59 -20.11 -44.07
C GLU A 176 -4.72 -21.13 -45.22
N GLU A 177 -4.04 -22.27 -45.15
CA GLU A 177 -4.15 -23.34 -46.15
C GLU A 177 -5.57 -23.86 -46.31
N ILE A 178 -6.24 -24.15 -45.19
CA ILE A 178 -7.62 -24.67 -45.23
C ILE A 178 -8.65 -23.58 -45.63
N VAL A 179 -8.50 -22.35 -45.16
CA VAL A 179 -9.34 -21.21 -45.61
C VAL A 179 -9.23 -21.02 -47.13
N ARG A 180 -8.04 -21.08 -47.69
CA ARG A 180 -7.87 -20.99 -49.18
C ARG A 180 -8.46 -22.22 -49.85
N LEU A 181 -8.11 -23.41 -49.35
CA LEU A 181 -8.64 -24.63 -49.97
C LEU A 181 -10.18 -24.71 -50.00
N LEU A 182 -10.86 -24.20 -48.94
CA LEU A 182 -12.32 -24.17 -48.87
C LEU A 182 -12.91 -23.12 -49.82
N ILE A 183 -12.33 -21.92 -49.94
CA ILE A 183 -12.80 -20.93 -50.91
C ILE A 183 -12.53 -21.41 -52.36
N GLU A 184 -11.42 -22.10 -52.62
CA GLU A 184 -11.18 -22.76 -53.90
C GLU A 184 -12.25 -23.80 -54.25
N HIS A 185 -12.80 -24.53 -53.28
CA HIS A 185 -13.90 -25.51 -53.45
C HIS A 185 -15.28 -24.82 -53.35
N GLY A 186 -15.41 -23.48 -53.30
CA GLY A 186 -16.69 -22.78 -53.42
C GLY A 186 -17.32 -22.42 -52.07
N ALA A 187 -16.60 -22.49 -50.96
CA ALA A 187 -17.13 -21.95 -49.74
C ALA A 187 -17.42 -20.46 -49.86
N ASP A 188 -18.59 -20.06 -49.37
CA ASP A 188 -19.07 -18.68 -49.44
C ASP A 188 -18.62 -17.88 -48.20
N ILE A 189 -17.77 -16.88 -48.39
CA ILE A 189 -17.34 -15.96 -47.31
C ILE A 189 -18.52 -15.23 -46.67
N ARG A 190 -19.65 -15.09 -47.35
CA ARG A 190 -20.75 -14.26 -46.79
C ARG A 190 -21.78 -15.11 -46.07
N ALA A 191 -21.57 -16.42 -46.00
CA ALA A 191 -22.43 -17.32 -45.25
C ALA A 191 -22.65 -16.83 -43.81
N GLN A 192 -23.89 -16.81 -43.35
CA GLN A 192 -24.28 -16.38 -42.01
C GLN A 192 -24.81 -17.53 -41.18
N ASP A 193 -24.48 -17.56 -39.89
CA ASP A 193 -25.01 -18.57 -38.98
C ASP A 193 -26.36 -18.17 -38.36
N SER A 194 -26.84 -18.92 -37.34
CA SER A 194 -28.10 -18.68 -36.63
C SER A 194 -28.18 -17.35 -35.86
N LEU A 195 -27.07 -16.68 -35.59
CA LEU A 195 -27.03 -15.31 -35.05
C LEU A 195 -26.93 -14.27 -36.17
N GLY A 196 -26.84 -14.69 -37.43
CA GLY A 196 -26.56 -13.82 -38.57
C GLY A 196 -25.08 -13.45 -38.69
N ASN A 197 -24.19 -14.07 -37.92
CA ASN A 197 -22.78 -13.74 -37.96
C ASN A 197 -22.13 -14.32 -39.22
N THR A 198 -21.55 -13.45 -40.05
CA THR A 198 -20.60 -13.83 -41.09
C THR A 198 -19.27 -14.19 -40.46
N VAL A 199 -18.35 -14.79 -41.21
CA VAL A 199 -17.02 -15.14 -40.71
C VAL A 199 -16.28 -13.94 -40.11
N LEU A 200 -16.50 -12.73 -40.60
CA LEU A 200 -15.86 -11.52 -40.06
C LEU A 200 -16.34 -11.23 -38.64
N HIS A 201 -17.64 -11.41 -38.37
CA HIS A 201 -18.15 -11.36 -37.01
C HIS A 201 -17.57 -12.48 -36.14
N ILE A 202 -17.48 -13.71 -36.66
CA ILE A 202 -16.95 -14.84 -35.87
C ILE A 202 -15.49 -14.56 -35.49
N LEU A 203 -14.67 -14.08 -36.42
CA LEU A 203 -13.28 -13.71 -36.16
C LEU A 203 -13.14 -12.63 -35.07
N ILE A 204 -13.95 -11.60 -35.13
CA ILE A 204 -13.93 -10.58 -34.10
C ILE A 204 -14.35 -11.08 -32.69
N LEU A 205 -15.05 -12.20 -32.60
CA LEU A 205 -15.40 -12.83 -31.34
C LEU A 205 -14.32 -13.75 -30.75
N GLN A 206 -13.24 -14.04 -31.47
CA GLN A 206 -12.17 -14.92 -31.00
C GLN A 206 -11.27 -14.29 -29.94
N PRO A 207 -10.68 -15.09 -29.02
CA PRO A 207 -9.63 -14.61 -28.11
C PRO A 207 -8.43 -14.09 -28.88
N ASN A 208 -7.88 -12.95 -28.48
CA ASN A 208 -6.89 -12.21 -29.28
C ASN A 208 -5.59 -13.06 -29.41
N LYS A 209 -5.32 -13.55 -30.62
CA LYS A 209 -4.21 -14.44 -31.01
C LYS A 209 -3.76 -14.01 -32.42
N THR A 210 -2.46 -14.17 -32.72
CA THR A 210 -1.76 -13.43 -33.80
C THR A 210 -2.38 -13.53 -35.20
N PHE A 211 -2.95 -14.68 -35.55
CA PHE A 211 -3.54 -14.86 -36.87
C PHE A 211 -4.85 -14.09 -37.05
N ALA A 212 -5.53 -13.62 -36.00
CA ALA A 212 -6.94 -13.21 -36.17
C ALA A 212 -7.14 -12.00 -37.10
N CYS A 213 -6.23 -11.03 -37.08
CA CYS A 213 -6.19 -9.90 -38.01
C CYS A 213 -5.66 -10.32 -39.40
N GLN A 214 -4.63 -11.17 -39.45
CA GLN A 214 -4.14 -11.76 -40.71
C GLN A 214 -5.25 -12.48 -41.49
N MET A 215 -6.07 -13.22 -40.75
CA MET A 215 -7.18 -14.01 -41.26
C MET A 215 -8.34 -13.14 -41.74
N TYR A 216 -8.64 -12.05 -41.04
CA TYR A 216 -9.59 -11.04 -41.48
C TYR A 216 -9.13 -10.35 -42.79
N ASN A 217 -7.86 -9.93 -42.84
CA ASN A 217 -7.25 -9.33 -44.04
C ASN A 217 -7.18 -10.31 -45.23
N LEU A 218 -6.98 -11.61 -44.99
CA LEU A 218 -7.10 -12.66 -46.00
C LEU A 218 -8.54 -12.80 -46.49
N LEU A 219 -9.52 -12.88 -45.60
CA LEU A 219 -10.91 -13.09 -46.01
C LEU A 219 -11.49 -11.92 -46.79
N LEU A 220 -11.16 -10.68 -46.43
CA LEU A 220 -11.53 -9.52 -47.26
C LEU A 220 -10.89 -9.53 -48.64
N SER A 221 -9.75 -10.21 -48.84
CA SER A 221 -9.17 -10.33 -50.19
C SER A 221 -10.04 -11.15 -51.17
N TYR A 222 -11.04 -11.89 -50.67
CA TYR A 222 -12.05 -12.57 -51.47
C TYR A 222 -13.41 -11.83 -51.55
N ASP A 223 -13.58 -10.70 -50.85
CA ASP A 223 -14.77 -9.84 -50.97
C ASP A 223 -14.90 -9.24 -52.38
N GLU A 224 -13.77 -8.88 -53.00
CA GLU A 224 -13.68 -8.57 -54.42
C GLU A 224 -13.93 -9.80 -55.30
N GLN A 230 -22.85 -4.96 -51.95
CA GLN A 230 -22.12 -4.27 -50.85
C GLN A 230 -20.99 -5.14 -50.31
N SER A 231 -19.95 -4.52 -49.73
CA SER A 231 -18.82 -5.24 -49.09
C SER A 231 -19.27 -6.14 -47.94
N LEU A 232 -18.58 -7.26 -47.73
CA LEU A 232 -18.88 -8.18 -46.64
C LEU A 232 -18.78 -7.51 -45.25
N GLU A 233 -17.86 -6.57 -45.06
CA GLU A 233 -17.76 -5.88 -43.77
C GLU A 233 -18.88 -4.86 -43.50
N LEU A 234 -19.87 -4.74 -44.39
CA LEU A 234 -21.11 -3.97 -44.16
C LEU A 234 -22.32 -4.86 -43.85
N VAL A 235 -22.21 -6.19 -43.93
CA VAL A 235 -23.31 -7.12 -43.61
C VAL A 235 -23.58 -7.10 -42.10
N PRO A 236 -24.81 -6.83 -41.63
CA PRO A 236 -25.13 -6.87 -40.21
C PRO A 236 -25.57 -8.27 -39.74
N ASN A 237 -25.31 -8.61 -38.49
CA ASN A 237 -25.90 -9.79 -37.84
C ASN A 237 -27.33 -9.50 -37.35
N HIS A 238 -27.99 -10.45 -36.70
CA HIS A 238 -29.38 -10.30 -36.23
C HIS A 238 -29.57 -9.31 -35.08
N GLN A 239 -28.49 -8.87 -34.41
CA GLN A 239 -28.52 -7.72 -33.50
C GLN A 239 -28.45 -6.38 -34.25
N GLY A 240 -28.23 -6.40 -35.56
CA GLY A 240 -27.99 -5.21 -36.38
C GLY A 240 -26.54 -4.76 -36.46
N LEU A 241 -25.60 -5.51 -35.89
CA LEU A 241 -24.19 -5.11 -35.83
C LEU A 241 -23.44 -5.55 -37.07
N THR A 242 -22.79 -4.61 -37.75
CA THR A 242 -21.71 -4.89 -38.69
C THR A 242 -20.47 -5.32 -37.92
N PRO A 243 -19.46 -5.94 -38.56
CA PRO A 243 -18.23 -6.35 -37.91
C PRO A 243 -17.51 -5.22 -37.15
N PHE A 244 -17.54 -3.99 -37.67
CA PHE A 244 -16.94 -2.82 -37.00
C PHE A 244 -17.62 -2.47 -35.68
N LYS A 245 -18.96 -2.41 -35.66
CA LYS A 245 -19.75 -2.17 -34.46
C LYS A 245 -19.60 -3.33 -33.51
N LEU A 246 -19.50 -4.56 -33.99
CA LEU A 246 -19.23 -5.72 -33.14
C LEU A 246 -17.86 -5.61 -32.47
N ALA A 247 -16.81 -5.17 -33.17
CA ALA A 247 -15.53 -4.95 -32.53
C ALA A 247 -15.62 -3.91 -31.41
N GLY A 248 -16.38 -2.84 -31.63
CA GLY A 248 -16.66 -1.83 -30.61
C GLY A 248 -17.40 -2.41 -29.40
N VAL A 249 -18.53 -3.07 -29.59
CA VAL A 249 -19.33 -3.71 -28.53
C VAL A 249 -18.53 -4.77 -27.78
N GLU A 250 -17.75 -5.58 -28.48
CA GLU A 250 -16.98 -6.67 -27.88
C GLU A 250 -15.70 -6.21 -27.24
N GLY A 251 -15.33 -4.91 -27.37
CA GLY A 251 -14.09 -4.41 -26.84
C GLY A 251 -12.85 -4.95 -27.53
N ASN A 252 -12.94 -5.50 -28.74
CA ASN A 252 -11.74 -5.98 -29.47
C ASN A 252 -10.92 -4.83 -30.05
N THR A 253 -10.02 -4.31 -29.22
CA THR A 253 -9.23 -3.12 -29.57
C THR A 253 -8.14 -3.40 -30.59
N VAL A 254 -7.65 -4.64 -30.69
CA VAL A 254 -6.71 -5.08 -31.74
C VAL A 254 -7.42 -5.11 -33.10
N MET A 255 -8.59 -5.71 -33.23
CA MET A 255 -9.35 -5.65 -34.45
C MET A 255 -9.82 -4.22 -34.75
N PHE A 256 -10.18 -3.40 -33.75
CA PHE A 256 -10.56 -2.00 -34.00
C PHE A 256 -9.44 -1.17 -34.64
N GLN A 257 -8.22 -1.25 -34.09
CA GLN A 257 -7.05 -0.63 -34.72
C GLN A 257 -6.80 -1.19 -36.10
N HIS A 258 -6.96 -2.50 -36.33
CA HIS A 258 -6.82 -3.08 -37.67
C HIS A 258 -7.87 -2.54 -38.65
N LEU A 259 -9.13 -2.47 -38.24
CA LEU A 259 -10.22 -1.91 -39.05
C LEU A 259 -9.93 -0.46 -39.42
N MET A 260 -9.38 0.33 -38.51
CA MET A 260 -9.06 1.73 -38.80
C MET A 260 -7.87 1.93 -39.71
N GLN A 261 -6.92 1.00 -39.86
CA GLN A 261 -5.80 1.10 -40.81
C GLN A 261 -6.33 1.33 -42.26
N LYS A 262 -7.55 0.87 -42.57
CA LYS A 262 -8.20 1.06 -43.89
C LYS A 262 -9.22 2.19 -43.95
N ARG A 263 -9.37 2.91 -42.84
CA ARG A 263 -10.26 4.08 -42.80
C ARG A 263 -9.40 5.34 -42.63
N LYS A 264 -8.15 5.21 -42.20
CA LYS A 264 -7.21 6.36 -42.18
C LYS A 264 -6.61 6.66 -43.57
N HIS A 265 -6.27 7.91 -43.81
CA HIS A 265 -5.39 8.35 -44.90
C HIS A 265 -4.27 9.19 -44.28
N VAL A 266 -3.01 8.84 -44.46
CA VAL A 266 -1.85 9.67 -44.07
C VAL A 266 -1.67 10.82 -45.06
N GLN A 267 -2.06 12.01 -44.64
CA GLN A 267 -2.18 13.22 -45.44
C GLN A 267 -0.82 13.82 -45.80
N TRP A 268 0.09 13.94 -44.83
CA TRP A 268 1.50 14.31 -45.02
C TRP A 268 2.36 13.90 -43.83
N THR A 269 3.66 13.80 -44.03
CA THR A 269 4.64 13.60 -42.96
C THR A 269 5.78 14.57 -43.13
N CYS A 270 6.19 15.31 -42.10
CA CYS A 270 7.27 16.27 -42.15
C CYS A 270 8.10 16.20 -40.88
N GLY A 271 9.38 15.79 -40.98
CA GLY A 271 10.22 15.52 -39.81
C GLY A 271 9.50 14.52 -38.89
N PRO A 272 9.31 14.87 -37.59
CA PRO A 272 8.63 14.02 -36.65
C PRO A 272 7.11 14.11 -36.69
N LEU A 273 6.53 15.06 -37.43
CA LEU A 273 5.10 15.28 -37.47
C LEU A 273 4.44 14.55 -38.63
N THR A 274 3.24 14.05 -38.40
CA THR A 274 2.37 13.60 -39.47
C THR A 274 0.94 14.05 -39.24
N SER A 275 0.24 14.35 -40.32
CA SER A 275 -1.18 14.64 -40.32
C SER A 275 -1.91 13.46 -40.93
N THR A 276 -2.88 12.91 -40.22
CA THR A 276 -3.64 11.74 -40.61
C THR A 276 -5.12 12.08 -40.59
N LEU A 277 -5.84 11.70 -41.62
CA LEU A 277 -7.24 11.98 -41.78
C LEU A 277 -8.04 10.68 -41.64
N TYR A 278 -8.89 10.59 -40.62
CA TYR A 278 -9.66 9.40 -40.27
C TYR A 278 -11.10 9.57 -40.72
N ASP A 279 -11.65 8.62 -41.47
CA ASP A 279 -13.06 8.62 -41.86
C ASP A 279 -13.96 8.30 -40.65
N LEU A 280 -14.85 9.22 -40.29
CA LEU A 280 -15.73 9.11 -39.15
C LEU A 280 -17.03 8.38 -39.43
N THR A 281 -17.28 7.91 -40.66
CA THR A 281 -18.58 7.37 -41.06
C THR A 281 -19.09 6.28 -40.11
N GLU A 282 -18.32 5.21 -39.90
CA GLU A 282 -18.71 4.15 -38.96
C GLU A 282 -18.69 4.61 -37.50
N ILE A 283 -17.72 5.42 -37.10
CA ILE A 283 -17.54 5.85 -35.69
C ILE A 283 -18.65 6.78 -35.19
N ASP A 284 -18.98 7.81 -35.95
CA ASP A 284 -20.02 8.78 -35.56
C ASP A 284 -21.44 8.24 -35.92
N SER A 285 -21.53 7.32 -36.86
CA SER A 285 -22.78 6.59 -37.11
C SER A 285 -23.99 7.48 -37.39
N TRP A 286 -23.80 8.48 -38.24
CA TRP A 286 -24.73 9.62 -38.41
C TRP A 286 -26.12 9.22 -38.90
N GLY A 287 -27.15 9.74 -38.23
CA GLY A 287 -28.56 9.55 -38.57
C GLY A 287 -29.14 8.22 -38.21
N GLU A 288 -28.34 7.25 -37.77
CA GLU A 288 -28.78 5.95 -37.27
C GLU A 288 -29.37 6.05 -35.83
N GLU A 289 -30.33 5.19 -35.50
CA GLU A 289 -30.96 5.12 -34.19
C GLU A 289 -29.98 4.72 -33.08
N LEU A 290 -29.19 3.65 -33.26
CA LEU A 290 -28.13 3.24 -32.34
C LEU A 290 -26.76 3.51 -32.98
N SER A 291 -25.99 4.43 -32.41
CA SER A 291 -24.67 4.77 -32.91
C SER A 291 -23.60 3.81 -32.41
N PHE A 292 -22.49 3.71 -33.14
CA PHE A 292 -21.28 3.05 -32.65
C PHE A 292 -20.90 3.52 -31.22
N LEU A 293 -20.84 4.81 -30.92
CA LEU A 293 -20.44 5.31 -29.59
C LEU A 293 -21.47 4.89 -28.54
N GLU A 294 -22.77 4.94 -28.81
CA GLU A 294 -23.78 4.46 -27.87
C GLU A 294 -23.67 2.96 -27.59
N LEU A 295 -23.44 2.15 -28.60
CA LEU A 295 -23.28 0.71 -28.45
C LEU A 295 -22.04 0.34 -27.65
N VAL A 296 -20.95 1.09 -27.79
CA VAL A 296 -19.71 0.95 -27.02
C VAL A 296 -19.93 1.27 -25.54
N VAL A 297 -20.45 2.45 -25.20
CA VAL A 297 -20.65 2.85 -23.79
C VAL A 297 -21.70 2.01 -23.08
N SER A 298 -22.76 1.60 -23.78
CA SER A 298 -23.81 0.76 -23.23
C SER A 298 -23.50 -0.74 -23.28
N SER A 299 -22.33 -1.16 -23.76
CA SER A 299 -21.92 -2.56 -23.76
C SER A 299 -21.78 -3.09 -22.33
N LYS A 300 -22.20 -4.34 -22.10
CA LYS A 300 -22.02 -5.03 -20.82
C LYS A 300 -20.57 -5.45 -20.58
N LYS A 301 -19.80 -5.69 -21.64
CA LYS A 301 -18.41 -6.13 -21.54
C LYS A 301 -17.48 -5.02 -21.06
N ARG A 302 -16.60 -5.35 -20.11
CA ARG A 302 -15.62 -4.46 -19.49
C ARG A 302 -14.66 -3.85 -20.52
N GLU A 303 -14.19 -4.66 -21.46
CA GLU A 303 -13.23 -4.29 -22.49
C GLU A 303 -13.72 -3.22 -23.44
N ALA A 304 -15.06 -3.01 -23.58
CA ALA A 304 -15.55 -2.01 -24.53
C ALA A 304 -15.17 -0.60 -24.13
N ARG A 305 -14.80 -0.35 -22.87
CA ARG A 305 -14.29 0.98 -22.46
C ARG A 305 -12.97 1.31 -23.17
N GLN A 306 -12.15 0.32 -23.48
CA GLN A 306 -10.83 0.55 -24.06
C GLN A 306 -10.93 1.08 -25.50
N ILE A 307 -12.06 0.84 -26.18
CA ILE A 307 -12.30 1.37 -27.51
C ILE A 307 -12.38 2.91 -27.49
N LEU A 308 -12.88 3.47 -26.39
CA LEU A 308 -13.00 4.93 -26.19
C LEU A 308 -11.64 5.62 -26.03
N GLU A 309 -10.57 4.88 -25.74
CA GLU A 309 -9.20 5.38 -25.67
C GLU A 309 -8.42 5.19 -26.98
N GLN A 310 -9.04 4.62 -28.02
CA GLN A 310 -8.44 4.44 -29.38
C GLN A 310 -8.49 5.71 -30.22
N THR A 311 -7.41 5.99 -30.95
CA THR A 311 -7.05 7.34 -31.41
C THR A 311 -8.17 8.20 -32.00
N PRO A 312 -8.86 7.78 -33.07
CA PRO A 312 -9.89 8.62 -33.68
C PRO A 312 -11.08 8.81 -32.74
N VAL A 313 -11.48 7.74 -32.03
CA VAL A 313 -12.59 7.79 -31.08
C VAL A 313 -12.28 8.75 -29.95
N LYS A 314 -11.10 8.62 -29.33
CA LYS A 314 -10.64 9.45 -28.23
C LYS A 314 -10.65 10.94 -28.63
N GLU A 315 -10.06 11.29 -29.76
CA GLU A 315 -10.06 12.69 -30.20
C GLU A 315 -11.47 13.19 -30.55
N LEU A 316 -12.33 12.38 -31.20
CA LEU A 316 -13.70 12.78 -31.51
C LEU A 316 -14.53 13.09 -30.26
N VAL A 317 -14.61 12.16 -29.31
CA VAL A 317 -15.40 12.36 -28.06
C VAL A 317 -14.82 13.47 -27.20
N SER A 318 -13.51 13.63 -27.20
CA SER A 318 -12.85 14.75 -26.55
C SER A 318 -13.27 16.10 -27.14
N PHE A 319 -13.21 16.25 -28.47
CA PHE A 319 -13.69 17.43 -29.15
C PHE A 319 -15.16 17.71 -28.81
N LYS A 320 -16.04 16.72 -28.95
CA LYS A 320 -17.45 16.86 -28.63
C LYS A 320 -17.72 17.32 -27.21
N TRP A 321 -16.95 16.80 -26.25
CA TRP A 321 -17.07 17.17 -24.85
C TRP A 321 -16.58 18.58 -24.59
N LYS A 322 -15.35 18.94 -24.98
CA LYS A 322 -14.80 20.27 -24.70
C LYS A 322 -15.50 21.37 -25.47
N LYS A 323 -16.01 21.09 -26.66
CA LYS A 323 -16.74 22.03 -27.54
C LYS A 323 -18.20 22.21 -27.14
N TYR A 324 -18.96 21.15 -26.89
CA TYR A 324 -20.40 21.25 -26.63
C TYR A 324 -20.85 20.60 -25.32
N GLY A 325 -20.35 19.40 -25.03
CA GLY A 325 -20.81 18.61 -23.90
C GLY A 325 -20.60 19.29 -22.55
N ARG A 326 -19.37 19.72 -22.26
CA ARG A 326 -19.11 20.30 -20.92
C ARG A 326 -19.90 21.60 -20.77
N PRO A 327 -19.90 22.56 -21.73
CA PRO A 327 -20.73 23.75 -21.64
C PRO A 327 -22.20 23.45 -21.36
N TYR A 328 -22.83 22.54 -22.11
CA TYR A 328 -24.23 22.24 -21.91
C TYR A 328 -24.50 21.49 -20.60
N PHE A 329 -23.62 20.59 -20.19
CA PHE A 329 -23.75 19.88 -18.93
C PHE A 329 -23.62 20.81 -17.72
N CYS A 330 -22.77 21.83 -17.77
CA CYS A 330 -22.69 22.86 -16.74
C CYS A 330 -23.97 23.71 -16.66
N VAL A 331 -24.60 24.01 -17.79
CA VAL A 331 -25.90 24.68 -17.82
C VAL A 331 -26.97 23.78 -17.21
N LEU A 332 -27.08 22.52 -17.64
CA LEU A 332 -28.05 21.58 -17.09
C LEU A 332 -27.86 21.35 -15.59
N ALA A 333 -26.61 21.25 -15.11
CA ALA A 333 -26.31 21.21 -13.70
C ALA A 333 -26.81 22.46 -12.97
N SER A 334 -26.55 23.65 -13.49
CA SER A 334 -27.05 24.91 -12.92
C SER A 334 -28.57 24.96 -12.86
N LEU A 335 -29.27 24.62 -13.94
CA LEU A 335 -30.73 24.54 -13.96
C LEU A 335 -31.27 23.51 -12.98
N TYR A 336 -30.64 22.35 -12.85
CA TYR A 336 -31.06 21.34 -11.89
C TYR A 336 -30.83 21.78 -10.43
N ILE A 337 -29.71 22.42 -10.13
CA ILE A 337 -29.45 22.99 -8.80
C ILE A 337 -30.47 24.09 -8.47
N LEU A 338 -30.74 25.01 -9.40
CA LEU A 338 -31.79 26.02 -9.25
C LEU A 338 -33.17 25.42 -9.05
N TYR A 339 -33.52 24.39 -9.79
CA TYR A 339 -34.74 23.63 -9.55
C TYR A 339 -34.78 22.99 -8.16
N MET A 340 -33.68 22.43 -7.67
CA MET A 340 -33.62 21.83 -6.34
C MET A 340 -33.71 22.88 -5.22
N ILE A 341 -33.21 24.09 -5.43
CA ILE A 341 -33.40 25.23 -4.54
C ILE A 341 -34.87 25.64 -4.52
N CYS A 342 -35.53 25.71 -5.67
CA CYS A 342 -36.96 26.02 -5.77
C CYS A 342 -37.79 25.02 -4.97
N PHE A 343 -37.60 23.72 -5.20
CA PHE A 343 -38.27 22.66 -4.44
C PHE A 343 -38.00 22.74 -2.94
N THR A 344 -36.76 23.01 -2.54
CA THR A 344 -36.38 23.16 -1.12
C THR A 344 -37.08 24.33 -0.43
N THR A 345 -37.13 25.46 -1.10
CA THR A 345 -37.93 26.60 -0.68
C THR A 345 -39.42 26.28 -0.55
N CYS A 346 -39.98 25.46 -1.43
CA CYS A 346 -41.39 25.06 -1.34
C CYS A 346 -41.66 24.07 -0.20
N CYS A 347 -40.67 23.27 0.18
CA CYS A 347 -40.66 22.47 1.39
C CYS A 347 -40.56 23.34 2.65
N ILE A 348 -39.64 24.28 2.72
CA ILE A 348 -39.48 25.16 3.88
C ILE A 348 -40.73 26.01 4.16
N TYR A 349 -41.33 26.58 3.12
CA TYR A 349 -42.51 27.43 3.27
C TYR A 349 -43.81 26.63 3.15
N ARG A 350 -43.79 25.29 3.32
CA ARG A 350 -45.00 24.44 3.22
C ARG A 350 -46.11 24.90 4.19
N PRO A 351 -47.40 24.76 3.84
CA PRO A 351 -48.49 25.45 4.54
C PRO A 351 -48.91 24.72 5.85
N LEU A 352 -48.53 25.29 7.00
CA LEU A 352 -48.79 24.72 8.33
C LEU A 352 -49.53 25.71 9.27
N LYS A 353 -50.46 25.20 10.07
CA LYS A 353 -51.27 25.94 11.07
C LYS A 353 -51.20 25.31 12.47
N LEU A 354 -51.44 26.09 13.53
CA LEU A 354 -51.49 25.59 14.90
C LEU A 354 -52.50 24.43 15.02
N ARG A 355 -52.08 23.32 15.61
CA ARG A 355 -52.92 22.08 15.67
C ARG A 355 -54.36 22.34 16.16
N ASP A 356 -55.31 21.52 15.71
CA ASP A 356 -56.75 21.67 16.02
C ASP A 356 -57.23 20.93 17.29
N ASP A 357 -56.34 20.30 18.05
CA ASP A 357 -56.65 19.59 19.30
C ASP A 357 -55.57 19.79 20.37
N ASN A 358 -55.95 19.68 21.64
CA ASN A 358 -55.01 19.89 22.76
C ASN A 358 -54.04 18.71 22.91
N ARG A 359 -52.82 19.05 23.29
CA ARG A 359 -51.88 17.97 23.62
C ARG A 359 -52.24 17.60 25.06
N THR A 360 -52.23 16.31 25.40
CA THR A 360 -52.63 15.74 26.69
C THR A 360 -51.42 15.19 27.45
N ASP A 361 -50.85 14.08 27.02
CA ASP A 361 -49.67 13.46 27.62
C ASP A 361 -48.40 14.28 27.36
N PRO A 362 -47.47 14.37 28.33
CA PRO A 362 -46.27 15.21 28.22
C PRO A 362 -45.34 14.75 27.09
N ARG A 363 -45.57 13.52 26.63
CA ARG A 363 -44.69 12.90 25.60
C ARG A 363 -45.03 13.40 24.21
N ASP A 364 -46.21 13.99 24.00
CA ASP A 364 -46.58 14.60 22.71
C ASP A 364 -45.97 16.02 22.55
N ILE A 365 -45.18 16.21 21.50
CA ILE A 365 -44.54 17.49 21.15
C ILE A 365 -45.05 18.10 19.84
N THR A 366 -46.02 17.51 19.15
CA THR A 366 -46.58 18.10 17.94
C THR A 366 -47.46 19.28 18.31
N ILE A 367 -47.19 20.47 17.76
CA ILE A 367 -47.91 21.72 18.05
C ILE A 367 -48.61 22.34 16.84
N LEU A 368 -48.09 21.94 15.66
CA LEU A 368 -48.53 22.49 14.33
C LEU A 368 -49.12 21.38 13.46
N GLN A 369 -49.63 21.70 12.27
CA GLN A 369 -50.46 20.78 11.49
C GLN A 369 -50.60 21.23 10.03
N GLN A 370 -50.83 20.34 9.06
CA GLN A 370 -51.08 20.73 7.68
C GLN A 370 -52.36 21.57 7.52
N LYS A 371 -52.26 22.69 6.80
CA LYS A 371 -53.43 23.48 6.32
C LYS A 371 -54.17 22.73 5.22
N LEU A 372 -55.48 22.93 5.12
CA LEU A 372 -56.31 22.43 4.01
C LEU A 372 -56.14 23.30 2.76
N LEU A 373 -56.46 22.83 1.56
CA LEU A 373 -56.27 23.60 0.30
C LEU A 373 -56.80 25.03 0.36
N GLN A 374 -58.05 25.22 0.79
CA GLN A 374 -58.69 26.53 0.89
C GLN A 374 -58.18 27.41 2.06
N GLU A 375 -57.36 26.85 2.95
CA GLU A 375 -56.56 27.59 3.93
C GLU A 375 -55.13 27.86 3.42
N ALA A 376 -54.61 27.01 2.53
CA ALA A 376 -53.21 26.97 2.11
C ALA A 376 -52.81 28.01 1.06
N TYR A 377 -53.77 28.58 0.33
CA TYR A 377 -53.53 29.56 -0.73
C TYR A 377 -54.42 30.79 -0.51
N VAL A 378 -54.01 31.66 0.42
CA VAL A 378 -54.83 32.81 0.88
C VAL A 378 -54.03 34.11 1.07
N THR A 379 -52.73 34.10 0.81
CA THR A 379 -51.83 35.26 0.91
C THR A 379 -50.93 35.38 -0.33
N HIS A 380 -50.37 36.57 -0.58
CA HIS A 380 -49.36 36.78 -1.62
C HIS A 380 -48.16 35.82 -1.48
N GLN A 381 -47.74 35.56 -0.24
CA GLN A 381 -46.70 34.56 0.08
C GLN A 381 -47.08 33.15 -0.37
N ASP A 382 -48.34 32.73 -0.21
CA ASP A 382 -48.81 31.47 -0.77
C ASP A 382 -48.84 31.48 -2.29
N ASN A 383 -49.20 32.60 -2.92
CA ASN A 383 -49.24 32.71 -4.38
C ASN A 383 -47.83 32.61 -4.99
N ILE A 384 -46.83 33.18 -4.33
CA ILE A 384 -45.42 32.99 -4.69
C ILE A 384 -45.01 31.54 -4.47
N ARG A 385 -45.35 30.92 -3.35
CA ARG A 385 -45.08 29.49 -3.13
C ARG A 385 -45.77 28.61 -4.18
N LEU A 386 -46.99 28.93 -4.59
CA LEU A 386 -47.73 28.18 -5.61
C LEU A 386 -46.99 28.14 -6.94
N VAL A 387 -46.43 29.24 -7.43
CA VAL A 387 -45.62 29.16 -8.67
C VAL A 387 -44.35 28.34 -8.47
N GLY A 388 -43.72 28.40 -7.30
CA GLY A 388 -42.64 27.48 -6.94
C GLY A 388 -43.08 26.01 -6.93
N GLU A 389 -44.26 25.69 -6.41
CA GLU A 389 -44.84 24.35 -6.47
C GLU A 389 -45.14 23.92 -7.91
N LEU A 390 -45.68 24.80 -8.75
CA LEU A 390 -45.92 24.51 -10.17
C LEU A 390 -44.63 24.29 -10.94
N VAL A 391 -43.57 25.07 -10.72
CA VAL A 391 -42.23 24.80 -11.25
C VAL A 391 -41.70 23.46 -10.76
N THR A 392 -41.87 23.15 -9.47
CA THR A 392 -41.50 21.87 -8.87
C THR A 392 -42.17 20.70 -9.58
N VAL A 393 -43.49 20.74 -9.74
CA VAL A 393 -44.29 19.70 -10.38
C VAL A 393 -43.97 19.59 -11.86
N THR A 394 -43.87 20.71 -12.57
CA THR A 394 -43.49 20.76 -13.99
C THR A 394 -42.17 20.05 -14.21
N GLY A 395 -41.16 20.33 -13.38
CA GLY A 395 -39.86 19.65 -13.45
C GLY A 395 -39.92 18.15 -13.17
N ALA A 396 -40.79 17.69 -12.27
CA ALA A 396 -40.99 16.25 -12.07
C ALA A 396 -41.60 15.59 -13.30
N VAL A 397 -42.59 16.22 -13.94
CA VAL A 397 -43.13 15.75 -15.22
C VAL A 397 -42.05 15.71 -16.30
N ILE A 398 -41.28 16.79 -16.48
CA ILE A 398 -40.18 16.86 -17.45
C ILE A 398 -39.14 15.76 -17.21
N ILE A 399 -38.75 15.48 -15.96
CA ILE A 399 -37.91 14.32 -15.63
C ILE A 399 -38.53 13.03 -16.17
N LEU A 400 -39.81 12.76 -15.90
CA LEU A 400 -40.43 11.53 -16.40
C LEU A 400 -40.51 11.49 -17.92
N LEU A 401 -40.87 12.59 -18.59
CA LEU A 401 -40.87 12.67 -20.05
C LEU A 401 -39.47 12.43 -20.67
N LEU A 402 -38.40 12.84 -20.00
CA LEU A 402 -37.04 12.61 -20.46
C LEU A 402 -36.53 11.20 -20.13
N GLU A 403 -36.85 10.65 -18.96
CA GLU A 403 -36.34 9.37 -18.49
C GLU A 403 -37.10 8.16 -19.04
N ILE A 404 -38.43 8.15 -18.95
CA ILE A 404 -39.24 6.95 -19.17
C ILE A 404 -39.05 6.35 -20.59
N PRO A 405 -38.99 7.15 -21.68
CA PRO A 405 -38.70 6.60 -23.01
C PRO A 405 -37.35 5.89 -23.12
N ASP A 406 -36.33 6.35 -22.40
CA ASP A 406 -35.00 5.74 -22.44
C ASP A 406 -34.92 4.41 -21.67
N ILE A 407 -35.78 4.17 -20.67
CA ILE A 407 -35.94 2.84 -20.07
C ILE A 407 -36.26 1.82 -21.17
N PHE A 408 -37.27 2.09 -21.99
CA PHE A 408 -37.74 1.16 -23.02
C PHE A 408 -36.71 0.96 -24.14
N ARG A 409 -36.10 2.03 -24.61
CA ARG A 409 -35.13 1.94 -25.71
C ARG A 409 -33.93 1.14 -25.27
N VAL A 410 -33.31 1.50 -24.16
CA VAL A 410 -32.07 0.85 -23.69
C VAL A 410 -32.33 -0.53 -23.04
N GLY A 411 -33.51 -0.76 -22.49
CA GLY A 411 -33.85 -1.95 -21.70
C GLY A 411 -33.54 -1.74 -20.22
N ALA A 412 -34.50 -2.02 -19.35
CA ALA A 412 -34.44 -1.65 -17.94
C ALA A 412 -33.21 -2.19 -17.19
N SER A 413 -32.75 -3.40 -17.52
CA SER A 413 -31.52 -4.00 -16.99
C SER A 413 -30.27 -3.17 -17.30
N ARG A 414 -30.19 -2.58 -18.48
CA ARG A 414 -28.98 -1.79 -18.85
C ARG A 414 -29.17 -0.35 -18.41
N TYR A 415 -30.39 0.15 -18.51
CA TYR A 415 -30.68 1.53 -18.14
C TYR A 415 -30.45 1.82 -16.65
N PHE A 416 -30.85 0.90 -15.76
CA PHE A 416 -30.63 1.01 -14.31
C PHE A 416 -29.36 0.31 -13.81
N GLY A 417 -28.82 -0.66 -14.56
CA GLY A 417 -27.74 -1.54 -14.09
C GLY A 417 -26.32 -1.14 -14.47
N GLN A 418 -26.13 -0.06 -15.23
CA GLN A 418 -24.81 0.36 -15.73
C GLN A 418 -24.27 1.59 -14.99
N THR A 419 -23.09 1.50 -14.37
CA THR A 419 -22.40 2.65 -13.74
C THR A 419 -22.04 3.72 -14.77
N ILE A 420 -21.63 3.34 -15.99
CA ILE A 420 -21.20 4.26 -17.05
C ILE A 420 -22.36 5.13 -17.55
N LEU A 421 -23.57 4.56 -17.69
CA LEU A 421 -24.75 5.30 -18.13
C LEU A 421 -25.37 6.19 -17.05
N GLY A 422 -25.05 5.97 -15.77
CA GLY A 422 -25.71 6.63 -14.63
C GLY A 422 -26.89 5.87 -14.05
N GLY A 423 -26.90 4.55 -14.16
CA GLY A 423 -27.95 3.65 -13.69
C GLY A 423 -28.61 3.99 -12.35
N PRO A 424 -27.88 4.06 -11.22
CA PRO A 424 -28.50 4.35 -9.93
C PRO A 424 -29.06 5.77 -9.83
N PHE A 425 -28.45 6.75 -10.51
CA PHE A 425 -29.04 8.07 -10.63
C PHE A 425 -30.35 8.10 -11.43
N HIS A 426 -30.52 7.27 -12.45
CA HIS A 426 -31.82 7.07 -13.10
C HIS A 426 -32.86 6.51 -12.13
N VAL A 427 -32.50 5.53 -11.29
CA VAL A 427 -33.43 5.01 -10.27
C VAL A 427 -33.87 6.13 -9.33
N ILE A 428 -32.94 6.87 -8.74
CA ILE A 428 -33.34 7.87 -7.73
C ILE A 428 -34.03 9.08 -8.35
N ILE A 429 -33.64 9.55 -9.54
CA ILE A 429 -34.30 10.72 -10.15
C ILE A 429 -35.75 10.42 -10.56
N ILE A 430 -36.04 9.18 -10.98
CA ILE A 430 -37.43 8.76 -11.22
C ILE A 430 -38.19 8.59 -9.90
N THR A 431 -37.54 8.08 -8.85
CA THR A 431 -38.13 7.99 -7.51
C THR A 431 -38.49 9.37 -6.99
N TYR A 432 -37.59 10.34 -7.10
CA TYR A 432 -37.83 11.74 -6.80
C TYR A 432 -39.06 12.30 -7.52
N ALA A 433 -39.15 12.15 -8.84
CA ALA A 433 -40.29 12.65 -9.60
C ALA A 433 -41.61 11.98 -9.20
N SER A 434 -41.58 10.67 -8.93
CA SER A 434 -42.72 9.91 -8.45
C SER A 434 -43.20 10.41 -7.07
N LEU A 435 -42.29 10.71 -6.16
CA LEU A 435 -42.58 11.24 -4.82
C LEU A 435 -43.11 12.66 -4.87
N VAL A 436 -42.62 13.50 -5.78
CA VAL A 436 -43.19 14.85 -5.98
C VAL A 436 -44.60 14.77 -6.54
N LEU A 437 -44.86 13.91 -7.51
CA LEU A 437 -46.23 13.73 -8.02
C LEU A 437 -47.14 13.06 -6.99
N LEU A 438 -46.64 12.11 -6.18
CA LEU A 438 -47.38 11.60 -5.01
C LEU A 438 -47.72 12.74 -4.05
N THR A 439 -46.78 13.61 -3.75
CA THR A 439 -46.99 14.76 -2.84
C THR A 439 -48.06 15.69 -3.38
N MET A 440 -48.10 15.93 -4.70
CA MET A 440 -49.12 16.79 -5.29
C MET A 440 -50.50 16.14 -5.24
N VAL A 441 -50.67 14.87 -5.47
CA VAL A 441 -51.97 14.21 -5.31
C VAL A 441 -52.42 14.12 -3.84
N MET A 442 -51.51 13.89 -2.89
CA MET A 442 -51.81 14.04 -1.44
C MET A 442 -52.34 15.43 -1.09
N ARG A 443 -51.65 16.49 -1.52
CA ARG A 443 -52.03 17.90 -1.33
C ARG A 443 -53.43 18.21 -1.84
N LEU A 444 -53.74 17.77 -3.06
CA LEU A 444 -55.03 17.94 -3.72
C LEU A 444 -56.14 17.21 -2.95
N THR A 445 -55.80 16.14 -2.25
CA THR A 445 -56.73 15.30 -1.48
C THR A 445 -56.89 15.76 -0.02
N ASN A 446 -56.21 16.83 0.42
CA ASN A 446 -56.02 17.16 1.83
C ASN A 446 -55.46 15.98 2.67
N MET A 447 -54.64 15.11 2.09
CA MET A 447 -54.13 13.93 2.78
C MET A 447 -53.01 14.29 3.75
N ASN A 448 -53.07 13.78 4.99
CA ASN A 448 -52.06 14.04 5.99
C ASN A 448 -50.76 13.22 5.78
N GLY A 449 -49.64 13.72 6.33
CA GLY A 449 -48.31 13.05 6.24
C GLY A 449 -47.50 13.37 4.99
N GLU A 450 -47.75 14.52 4.33
CA GLU A 450 -46.90 15.03 3.23
C GLU A 450 -45.43 15.07 3.61
N VAL A 451 -45.09 15.22 4.88
CA VAL A 451 -43.68 15.24 5.37
C VAL A 451 -42.90 14.01 4.94
N VAL A 452 -43.53 12.81 4.86
CA VAL A 452 -42.90 11.55 4.42
C VAL A 452 -42.38 11.57 2.97
N PRO A 453 -43.20 11.70 1.90
CA PRO A 453 -42.66 11.77 0.55
C PRO A 453 -41.78 12.99 0.34
N LEU A 454 -42.09 14.17 0.92
CA LEU A 454 -41.22 15.37 0.88
C LEU A 454 -39.85 15.07 1.48
N SER A 455 -39.72 14.37 2.60
CA SER A 455 -38.39 14.08 3.16
C SER A 455 -37.57 13.15 2.25
N PHE A 456 -38.17 12.09 1.71
CA PHE A 456 -37.50 11.22 0.77
C PHE A 456 -37.14 12.01 -0.52
N ALA A 457 -38.04 12.84 -1.05
CA ALA A 457 -37.80 13.72 -2.16
C ALA A 457 -36.67 14.72 -1.92
N LEU A 458 -36.53 15.32 -0.74
CA LEU A 458 -35.41 16.19 -0.47
C LEU A 458 -34.09 15.46 -0.47
N VAL A 459 -34.03 14.29 0.16
CA VAL A 459 -32.83 13.48 0.20
C VAL A 459 -32.40 13.03 -1.20
N LEU A 460 -33.28 12.33 -1.93
CA LEU A 460 -32.98 11.84 -3.27
C LEU A 460 -32.87 12.95 -4.31
N GLY A 461 -33.69 14.02 -4.22
CA GLY A 461 -33.61 15.23 -5.04
C GLY A 461 -32.21 15.80 -4.95
N TRP A 462 -31.74 16.14 -3.76
CA TRP A 462 -30.37 16.67 -3.60
C TRP A 462 -29.29 15.63 -3.91
N CYS A 463 -29.37 14.39 -3.45
CA CYS A 463 -28.39 13.37 -3.77
C CYS A 463 -28.25 13.19 -5.27
N SER A 464 -29.31 13.27 -6.08
CA SER A 464 -29.20 13.18 -7.53
C SER A 464 -28.42 14.35 -8.17
N VAL A 465 -28.16 15.47 -7.50
CA VAL A 465 -27.23 16.50 -8.00
C VAL A 465 -25.84 15.90 -8.21
N MET A 466 -25.46 14.86 -7.47
CA MET A 466 -24.17 14.17 -7.69
C MET A 466 -24.08 13.47 -9.07
N TYR A 467 -25.16 13.31 -9.82
CA TYR A 467 -25.09 12.90 -11.20
C TYR A 467 -24.19 13.84 -12.01
N PHE A 468 -24.27 15.13 -11.76
CA PHE A 468 -23.48 16.15 -12.44
C PHE A 468 -22.01 16.17 -12.02
N ALA A 469 -21.61 15.45 -10.97
CA ALA A 469 -20.21 15.32 -10.58
C ALA A 469 -19.36 14.73 -11.72
N ARG A 470 -19.97 13.94 -12.60
CA ARG A 470 -19.29 13.24 -13.70
C ARG A 470 -18.72 14.19 -14.74
N GLY A 471 -19.19 15.44 -14.76
CA GLY A 471 -18.71 16.47 -15.67
C GLY A 471 -17.35 17.06 -15.31
N PHE A 472 -16.83 16.81 -14.11
CA PHE A 472 -15.66 17.49 -13.56
C PHE A 472 -14.66 16.47 -13.05
N GLN A 473 -13.38 16.64 -13.36
CA GLN A 473 -12.35 15.69 -12.96
C GLN A 473 -12.14 15.65 -11.43
N MET A 474 -12.44 16.76 -10.74
CA MET A 474 -12.37 16.83 -9.30
C MET A 474 -13.34 15.80 -8.68
N LEU A 475 -14.55 15.66 -9.21
CA LEU A 475 -15.68 15.01 -8.48
C LEU A 475 -16.16 13.70 -9.11
N GLY A 476 -15.97 13.51 -10.41
CA GLY A 476 -16.48 12.36 -11.14
C GLY A 476 -15.90 11.02 -10.66
N PRO A 477 -14.57 10.85 -10.65
CA PRO A 477 -13.95 9.63 -10.16
C PRO A 477 -14.33 9.33 -8.70
N PHE A 478 -14.38 10.35 -7.85
CA PHE A 478 -14.80 10.19 -6.47
C PHE A 478 -16.26 9.73 -6.32
N THR A 479 -17.16 10.16 -7.21
CA THR A 479 -18.58 9.72 -7.19
C THR A 479 -18.72 8.25 -7.60
N ILE A 480 -17.89 7.77 -8.52
CA ILE A 480 -17.77 6.33 -8.83
C ILE A 480 -17.25 5.56 -7.62
N MET A 481 -16.22 6.06 -6.93
CA MET A 481 -15.69 5.41 -5.74
C MET A 481 -16.75 5.28 -4.64
N ILE A 482 -17.54 6.33 -4.36
CA ILE A 482 -18.66 6.22 -3.43
C ILE A 482 -19.66 5.13 -3.88
N GLN A 483 -19.96 5.04 -5.17
CA GLN A 483 -20.85 3.99 -5.67
C GLN A 483 -20.31 2.56 -5.47
N LYS A 484 -19.03 2.34 -5.79
CA LYS A 484 -18.36 1.06 -5.56
C LYS A 484 -18.23 0.71 -4.07
N MET A 485 -18.13 1.69 -3.18
CA MET A 485 -18.22 1.48 -1.73
C MET A 485 -19.64 1.11 -1.27
N ILE A 486 -20.69 1.75 -1.78
CA ILE A 486 -22.08 1.41 -1.43
C ILE A 486 -22.45 -0.01 -1.83
N PHE A 487 -22.22 -0.38 -3.08
CA PHE A 487 -22.61 -1.73 -3.52
C PHE A 487 -21.57 -2.79 -3.15
N GLY A 488 -20.44 -2.40 -2.57
CA GLY A 488 -19.39 -3.32 -2.14
C GLY A 488 -19.29 -3.36 -0.65
N ASP A 489 -18.28 -2.68 -0.08
CA ASP A 489 -17.91 -2.86 1.33
C ASP A 489 -19.04 -2.40 2.29
N LEU A 490 -19.90 -1.43 1.94
CA LEU A 490 -20.99 -1.03 2.80
C LEU A 490 -22.05 -2.13 3.00
N MET A 491 -22.57 -2.79 1.96
CA MET A 491 -23.54 -3.90 2.16
C MET A 491 -22.92 -5.03 3.00
N ARG A 492 -21.66 -5.35 2.71
CA ARG A 492 -21.00 -6.46 3.46
C ARG A 492 -20.86 -6.05 4.95
N PHE A 493 -20.50 -4.79 5.22
CA PHE A 493 -20.44 -4.35 6.60
C PHE A 493 -21.82 -4.29 7.24
N CYS A 494 -22.83 -3.82 6.53
CA CYS A 494 -24.20 -3.64 7.08
C CYS A 494 -24.92 -4.94 7.41
N TRP A 495 -24.63 -6.04 6.69
CA TRP A 495 -25.16 -7.38 7.04
C TRP A 495 -24.56 -7.87 8.36
N LEU A 496 -23.23 -7.78 8.54
CA LEU A 496 -22.62 -8.26 9.77
C LEU A 496 -22.89 -7.30 10.94
N MET A 497 -22.96 -6.00 10.68
CA MET A 497 -23.43 -5.00 11.63
C MET A 497 -24.87 -5.28 12.09
N ALA A 498 -25.81 -5.65 11.21
CA ALA A 498 -27.19 -5.95 11.62
C ALA A 498 -27.25 -7.10 12.63
N VAL A 499 -26.46 -8.16 12.41
CA VAL A 499 -26.37 -9.32 13.28
C VAL A 499 -25.79 -8.95 14.66
N VAL A 500 -24.75 -8.12 14.74
CA VAL A 500 -24.25 -7.58 16.01
C VAL A 500 -25.31 -6.71 16.70
N ILE A 501 -26.02 -5.85 15.96
CA ILE A 501 -27.06 -4.99 16.53
C ILE A 501 -28.21 -5.82 17.08
N LEU A 502 -28.73 -6.82 16.37
CA LEU A 502 -29.79 -7.69 16.89
C LEU A 502 -29.38 -8.40 18.17
N GLY A 503 -28.16 -8.94 18.23
CA GLY A 503 -27.61 -9.53 19.44
C GLY A 503 -27.61 -8.56 20.60
N PHE A 504 -26.81 -7.51 20.50
CA PHE A 504 -26.60 -6.60 21.60
C PHE A 504 -27.81 -5.75 21.98
N ALA A 505 -28.65 -5.35 21.01
CA ALA A 505 -29.87 -4.60 21.31
C ALA A 505 -30.84 -5.42 22.14
N SER A 506 -30.96 -6.70 21.83
CA SER A 506 -31.76 -7.63 22.62
C SER A 506 -31.18 -7.82 24.00
N ALA A 507 -29.86 -8.00 24.14
CA ALA A 507 -29.21 -8.05 25.45
C ALA A 507 -29.43 -6.77 26.27
N PHE A 508 -29.22 -5.58 25.68
CA PHE A 508 -29.46 -4.29 26.35
C PHE A 508 -30.92 -4.12 26.74
N HIS A 509 -31.87 -4.38 25.84
CA HIS A 509 -33.28 -4.27 26.12
C HIS A 509 -33.66 -5.10 27.34
N ILE A 510 -33.35 -6.40 27.36
CA ILE A 510 -33.75 -7.25 28.47
C ILE A 510 -32.99 -6.94 29.75
N THR A 511 -31.77 -6.42 29.65
CA THR A 511 -31.00 -5.88 30.78
C THR A 511 -31.72 -4.70 31.42
N PHE A 512 -32.37 -3.83 30.64
CA PHE A 512 -33.09 -2.66 31.15
C PHE A 512 -34.58 -2.89 31.41
N GLN A 513 -35.19 -4.00 31.00
CA GLN A 513 -36.61 -4.29 31.25
C GLN A 513 -37.01 -4.26 32.72
N THR A 514 -36.10 -4.64 33.61
CA THR A 514 -36.27 -4.63 35.08
C THR A 514 -36.30 -3.21 35.67
N GLU A 515 -35.69 -2.25 34.97
CA GLU A 515 -35.37 -0.92 35.44
C GLU A 515 -36.38 0.14 34.98
N ASP A 516 -36.40 1.26 35.67
CA ASP A 516 -37.25 2.41 35.38
C ASP A 516 -36.82 3.14 34.08
N PRO A 517 -37.64 3.18 33.02
CA PRO A 517 -37.24 3.76 31.74
C PRO A 517 -36.93 5.25 31.81
N ASN A 518 -37.49 6.00 32.77
CA ASN A 518 -37.19 7.42 32.95
C ASN A 518 -35.77 7.69 33.45
N ASN A 519 -35.09 6.71 34.04
CA ASN A 519 -33.70 6.84 34.48
C ASN A 519 -32.65 6.46 33.42
N LEU A 520 -32.99 5.65 32.41
CA LEU A 520 -32.15 5.41 31.24
C LEU A 520 -33.04 4.98 30.07
N GLY A 521 -33.26 5.88 29.12
CA GLY A 521 -34.30 5.74 28.11
C GLY A 521 -33.92 4.98 26.85
N GLU A 522 -32.62 4.84 26.58
CA GLU A 522 -32.07 4.30 25.33
C GLU A 522 -32.59 2.91 24.99
N PHE A 523 -32.85 2.08 25.99
CA PHE A 523 -33.27 0.69 25.83
C PHE A 523 -34.67 0.43 26.37
N SER A 524 -35.51 1.47 26.43
CA SER A 524 -36.83 1.44 27.09
C SER A 524 -37.88 0.54 26.41
N ASP A 525 -37.83 0.39 25.10
CA ASP A 525 -38.60 -0.57 24.31
C ASP A 525 -37.73 -1.11 23.18
N TYR A 526 -38.12 -2.24 22.57
CA TYR A 526 -37.27 -2.93 21.62
C TYR A 526 -36.93 -2.13 20.35
N PRO A 527 -37.86 -1.39 19.72
CA PRO A 527 -37.52 -0.48 18.62
C PRO A 527 -36.51 0.60 19.02
N THR A 528 -36.66 1.21 20.19
CA THR A 528 -35.69 2.20 20.68
C THR A 528 -34.37 1.53 21.00
N ALA A 529 -34.37 0.32 21.55
CA ALA A 529 -33.15 -0.41 21.83
C ALA A 529 -32.37 -0.71 20.55
N LEU A 530 -33.04 -1.13 19.48
CA LEU A 530 -32.42 -1.34 18.18
C LEU A 530 -31.80 -0.04 17.66
N PHE A 531 -32.57 1.05 17.67
CA PHE A 531 -32.11 2.34 17.17
C PHE A 531 -30.95 2.89 17.99
N SER A 532 -31.05 2.89 19.31
CA SER A 532 -29.97 3.32 20.20
C SER A 532 -28.74 2.45 20.01
N THR A 533 -28.89 1.12 19.85
CA THR A 533 -27.76 0.22 19.59
C THR A 533 -27.09 0.53 18.26
N PHE A 534 -27.86 0.80 17.21
CA PHE A 534 -27.34 1.22 15.92
C PHE A 534 -26.55 2.54 16.01
N GLU A 535 -27.07 3.54 16.71
CA GLU A 535 -26.36 4.79 16.95
C GLU A 535 -25.11 4.60 17.83
N LEU A 536 -25.14 3.68 18.78
CA LEU A 536 -23.99 3.33 19.63
C LEU A 536 -22.93 2.55 18.85
N PHE A 537 -23.32 1.74 17.86
CA PHE A 537 -22.40 1.04 16.98
C PHE A 537 -21.53 2.05 16.24
N LEU A 538 -22.17 3.07 15.66
CA LEU A 538 -21.53 4.16 14.93
C LEU A 538 -20.91 5.23 15.83
N THR A 539 -21.06 5.14 17.15
CA THR A 539 -20.63 6.11 18.16
C THR A 539 -21.25 7.49 18.03
N ILE A 540 -22.39 7.62 17.36
CA ILE A 540 -23.06 8.91 17.08
C ILE A 540 -23.96 9.39 18.20
N ILE A 541 -24.27 8.54 19.18
CA ILE A 541 -24.71 8.97 20.50
C ILE A 541 -23.71 8.49 21.54
N ASP A 542 -23.60 9.20 22.65
CA ASP A 542 -22.76 8.79 23.77
C ASP A 542 -23.28 7.52 24.43
N GLY A 543 -22.35 6.72 24.94
CA GLY A 543 -22.60 5.56 25.78
C GLY A 543 -23.57 5.91 26.90
N PRO A 544 -24.67 5.16 27.07
CA PRO A 544 -25.66 5.46 28.09
C PRO A 544 -25.02 5.46 29.47
N ALA A 545 -25.25 6.52 30.22
CA ALA A 545 -24.71 6.71 31.56
C ALA A 545 -25.68 7.54 32.40
N ASN A 546 -25.79 7.17 33.67
CA ASN A 546 -26.43 7.97 34.68
C ASN A 546 -25.73 7.68 36.00
N TYR A 547 -24.70 8.48 36.33
CA TYR A 547 -23.91 8.28 37.53
C TYR A 547 -24.65 8.49 38.85
N SER A 548 -25.83 9.11 38.82
CA SER A 548 -26.73 9.33 39.98
C SER A 548 -27.51 8.06 40.39
N VAL A 549 -27.45 6.94 39.62
CA VAL A 549 -28.21 5.75 39.86
C VAL A 549 -27.38 4.45 39.68
N ASP A 550 -27.79 3.35 40.26
CA ASP A 550 -27.12 2.05 40.12
C ASP A 550 -27.68 1.30 38.89
N LEU A 551 -26.97 1.38 37.77
CA LEU A 551 -27.23 0.56 36.57
C LEU A 551 -26.98 -0.94 36.83
N PRO A 552 -27.70 -1.85 36.16
CA PRO A 552 -27.48 -3.29 36.31
C PRO A 552 -26.08 -3.72 35.85
N PHE A 553 -25.36 -4.55 36.61
CA PHE A 553 -23.96 -4.95 36.32
C PHE A 553 -23.79 -5.59 34.93
N MET A 554 -24.83 -6.29 34.46
CA MET A 554 -24.87 -6.89 33.13
C MET A 554 -24.83 -5.85 32.01
N TYR A 555 -25.24 -4.60 32.23
CA TYR A 555 -25.07 -3.50 31.27
C TYR A 555 -23.60 -3.12 31.08
N CYS A 556 -22.83 -2.95 32.16
CA CYS A 556 -21.41 -2.60 32.07
C CYS A 556 -20.67 -3.69 31.29
N ILE A 557 -20.90 -4.98 31.60
CA ILE A 557 -20.35 -6.12 30.88
C ILE A 557 -20.75 -6.09 29.41
N THR A 558 -22.05 -6.05 29.11
CA THR A 558 -22.54 -6.06 27.73
C THR A 558 -22.03 -4.84 26.96
N TYR A 559 -21.99 -3.64 27.53
CA TYR A 559 -21.47 -2.47 26.85
C TYR A 559 -19.96 -2.56 26.64
N ALA A 560 -19.16 -3.10 27.57
CA ALA A 560 -17.75 -3.33 27.34
C ALA A 560 -17.55 -4.29 26.14
N ALA A 561 -18.30 -5.39 26.04
CA ALA A 561 -18.26 -6.30 24.89
C ALA A 561 -18.71 -5.60 23.57
N PHE A 562 -19.77 -4.81 23.60
CA PHE A 562 -20.22 -4.06 22.44
C PHE A 562 -19.22 -2.98 22.01
N ALA A 563 -18.63 -2.25 22.94
CA ALA A 563 -17.62 -1.24 22.66
C ALA A 563 -16.37 -1.89 22.02
N ILE A 564 -15.91 -3.05 22.52
CA ILE A 564 -14.75 -3.72 21.93
C ILE A 564 -15.12 -4.27 20.54
N ILE A 565 -16.24 -4.96 20.39
CA ILE A 565 -16.62 -5.58 19.11
C ILE A 565 -17.14 -4.57 18.08
N ALA A 566 -18.15 -3.78 18.41
CA ALA A 566 -18.74 -2.84 17.44
C ALA A 566 -17.84 -1.63 17.22
N THR A 567 -17.55 -0.89 18.27
CA THR A 567 -16.86 0.39 18.14
C THR A 567 -15.39 0.22 17.80
N LEU A 568 -14.61 -0.43 18.67
CA LEU A 568 -13.18 -0.51 18.49
C LEU A 568 -12.81 -1.35 17.28
N LEU A 569 -13.26 -2.61 17.20
CA LEU A 569 -12.93 -3.57 16.18
C LEU A 569 -13.66 -3.26 14.86
N MET A 570 -14.97 -3.48 14.79
CA MET A 570 -15.73 -3.51 13.54
C MET A 570 -15.70 -2.18 12.80
N LEU A 571 -16.02 -1.06 13.45
CA LEU A 571 -16.05 0.23 12.79
C LEU A 571 -14.68 0.66 12.25
N ASN A 572 -13.59 0.33 12.95
CA ASN A 572 -12.25 0.62 12.46
C ASN A 572 -11.80 -0.38 11.42
N LEU A 573 -12.28 -1.62 11.50
CA LEU A 573 -12.08 -2.58 10.46
C LEU A 573 -12.81 -2.14 9.16
N PHE A 574 -13.94 -1.43 9.23
CA PHE A 574 -14.58 -0.84 8.06
C PHE A 574 -13.69 0.22 7.37
N ILE A 575 -13.06 1.11 8.16
CA ILE A 575 -12.01 2.00 7.68
C ILE A 575 -10.85 1.22 7.01
N ALA A 576 -10.36 0.17 7.69
CA ALA A 576 -9.22 -0.61 7.16
C ALA A 576 -9.58 -1.31 5.84
N MET A 577 -10.79 -1.87 5.77
CA MET A 577 -11.34 -2.51 4.59
C MET A 577 -11.51 -1.54 3.42
N MET A 578 -12.16 -0.39 3.61
CA MET A 578 -12.28 0.59 2.53
C MET A 578 -10.93 1.13 2.09
N GLY A 579 -9.96 1.34 2.99
CA GLY A 579 -8.62 1.73 2.64
C GLY A 579 -7.92 0.73 1.72
N ASP A 580 -8.05 -0.56 2.00
CA ASP A 580 -7.56 -1.60 1.13
C ASP A 580 -8.32 -1.65 -0.21
N THR A 581 -9.65 -1.57 -0.20
CA THR A 581 -10.44 -1.52 -1.43
C THR A 581 -10.08 -0.31 -2.30
N HIS A 582 -9.83 0.86 -1.71
CA HIS A 582 -9.59 2.10 -2.44
C HIS A 582 -8.37 2.01 -3.34
N TRP A 583 -7.22 1.54 -2.86
CA TRP A 583 -6.01 1.53 -3.69
C TRP A 583 -6.09 0.52 -4.84
N ARG A 584 -6.85 -0.55 -4.63
CA ARG A 584 -7.01 -1.65 -5.62
C ARG A 584 -8.13 -1.34 -6.64
N VAL A 585 -9.05 -0.45 -6.31
CA VAL A 585 -10.11 0.08 -7.19
C VAL A 585 -9.71 1.36 -7.93
N ALA A 586 -8.67 2.09 -7.51
CA ALA A 586 -8.32 3.42 -8.03
C ALA A 586 -8.20 3.52 -9.57
N GLN A 587 -7.59 2.56 -10.26
CA GLN A 587 -7.51 2.58 -11.72
C GLN A 587 -8.85 2.29 -12.42
N GLU A 588 -9.59 1.28 -11.97
CA GLU A 588 -10.94 0.98 -12.44
C GLU A 588 -11.85 2.21 -12.34
N ARG A 589 -11.78 2.95 -11.23
CA ARG A 589 -12.49 4.21 -11.01
C ARG A 589 -12.18 5.28 -12.07
N ASP A 590 -10.92 5.42 -12.46
CA ASP A 590 -10.50 6.43 -13.44
C ASP A 590 -10.87 6.06 -14.88
N GLU A 591 -10.79 4.78 -15.25
CA GLU A 591 -11.29 4.28 -16.52
C GLU A 591 -12.81 4.48 -16.63
N LEU A 592 -13.55 4.13 -15.58
CA LEU A 592 -14.98 4.33 -15.51
C LEU A 592 -15.34 5.81 -15.64
N TRP A 593 -14.55 6.73 -15.07
CA TRP A 593 -14.83 8.14 -15.24
C TRP A 593 -14.64 8.62 -16.68
N ARG A 594 -13.60 8.17 -17.37
CA ARG A 594 -13.36 8.56 -18.78
C ARG A 594 -14.49 8.01 -19.65
N ALA A 595 -14.97 6.79 -19.38
CA ALA A 595 -16.17 6.26 -20.00
C ALA A 595 -17.46 7.03 -19.67
N GLN A 596 -17.69 7.49 -18.44
CA GLN A 596 -18.84 8.32 -18.09
C GLN A 596 -18.87 9.65 -18.83
N VAL A 597 -17.73 10.30 -19.07
CA VAL A 597 -17.69 11.54 -19.85
C VAL A 597 -18.20 11.27 -21.27
N VAL A 598 -17.77 10.16 -21.89
CA VAL A 598 -18.26 9.79 -23.22
C VAL A 598 -19.74 9.46 -23.19
N ALA A 599 -20.22 8.65 -22.25
CA ALA A 599 -21.61 8.36 -22.14
C ALA A 599 -22.50 9.56 -21.88
N THR A 600 -22.02 10.56 -21.14
CA THR A 600 -22.68 11.87 -21.04
C THR A 600 -22.73 12.59 -22.40
N THR A 601 -21.64 12.54 -23.17
CA THR A 601 -21.50 13.27 -24.44
C THR A 601 -22.50 12.71 -25.47
N VAL A 602 -22.53 11.37 -25.52
CA VAL A 602 -23.39 10.61 -26.42
C VAL A 602 -24.86 10.88 -26.07
N MET A 603 -25.23 10.77 -24.79
CA MET A 603 -26.58 11.04 -24.30
C MET A 603 -27.05 12.46 -24.60
N LEU A 604 -26.23 13.48 -24.31
CA LEU A 604 -26.58 14.87 -24.59
C LEU A 604 -26.83 15.09 -26.07
N GLU A 605 -25.93 14.67 -26.95
CA GLU A 605 -26.11 14.84 -28.39
C GLU A 605 -27.35 14.11 -28.96
N ARG A 606 -27.67 12.97 -28.41
CA ARG A 606 -28.88 12.25 -28.86
C ARG A 606 -30.14 12.94 -28.33
N LYS A 607 -30.15 13.48 -27.12
CA LYS A 607 -31.37 14.06 -26.50
C LYS A 607 -31.59 15.53 -26.78
N MET A 608 -30.56 16.34 -26.91
CA MET A 608 -30.68 17.77 -27.18
C MET A 608 -31.11 18.06 -28.62
N PRO A 609 -31.77 19.19 -28.89
CA PRO A 609 -32.03 19.69 -30.23
C PRO A 609 -30.79 19.76 -31.18
N ARG A 610 -30.88 19.27 -32.40
CA ARG A 610 -29.74 19.17 -33.35
C ARG A 610 -29.01 20.47 -33.66
N PHE A 611 -29.67 21.62 -33.65
CA PHE A 611 -29.01 22.92 -33.87
C PHE A 611 -27.97 23.26 -32.80
N LEU A 612 -28.06 22.67 -31.60
CA LEU A 612 -27.08 22.80 -30.52
C LEU A 612 -25.89 21.85 -30.69
N TRP A 613 -26.04 20.79 -31.49
CA TRP A 613 -24.99 19.81 -31.77
C TRP A 613 -24.69 19.74 -33.27
N PRO A 614 -23.98 20.72 -33.84
CA PRO A 614 -23.47 20.63 -35.19
C PRO A 614 -22.65 19.37 -35.41
N ARG A 615 -22.81 18.74 -36.58
CA ARG A 615 -22.12 17.50 -36.95
C ARG A 615 -20.61 17.67 -36.78
N SER A 616 -19.99 16.69 -36.12
CA SER A 616 -18.59 16.77 -35.69
C SER A 616 -17.62 16.32 -36.76
N GLY A 617 -16.40 16.82 -36.69
CA GLY A 617 -15.37 16.61 -37.70
C GLY A 617 -15.50 17.56 -38.89
N ILE A 618 -14.84 17.18 -39.97
CA ILE A 618 -14.58 17.96 -41.17
C ILE A 618 -15.48 17.44 -42.28
N CYS A 619 -16.31 18.29 -42.89
CA CYS A 619 -17.14 17.88 -44.00
C CYS A 619 -16.29 17.68 -45.26
N GLY A 620 -16.22 16.45 -45.78
CA GLY A 620 -15.43 16.14 -46.96
C GLY A 620 -15.89 16.86 -48.23
N TYR A 621 -17.17 17.21 -48.32
CA TYR A 621 -17.77 17.79 -49.53
C TYR A 621 -17.17 19.14 -49.91
N GLU A 622 -16.77 19.97 -48.94
CA GLU A 622 -16.06 21.23 -49.20
C GLU A 622 -14.73 21.06 -49.95
N TYR A 623 -14.08 19.90 -49.81
CA TYR A 623 -12.73 19.64 -50.30
C TYR A 623 -12.67 18.56 -51.39
N GLY A 624 -13.82 18.15 -51.93
CA GLY A 624 -13.91 17.13 -52.97
C GLY A 624 -13.71 15.71 -52.50
N LEU A 625 -13.87 15.43 -51.21
CA LEU A 625 -13.73 14.08 -50.64
C LEU A 625 -15.06 13.29 -50.62
N GLY A 626 -16.09 13.79 -51.29
CA GLY A 626 -17.43 13.18 -51.31
C GLY A 626 -18.24 13.43 -50.03
N ASP A 627 -19.24 12.60 -49.79
CA ASP A 627 -20.22 12.78 -48.70
C ASP A 627 -19.71 12.41 -47.29
N ARG A 628 -18.43 12.08 -47.17
CA ARG A 628 -17.94 11.59 -45.86
C ARG A 628 -17.43 12.69 -44.95
N TRP A 629 -17.37 12.39 -43.68
CA TRP A 629 -16.85 13.34 -42.69
C TRP A 629 -15.62 12.75 -42.00
N PHE A 630 -14.66 13.60 -41.66
CA PHE A 630 -13.34 13.17 -41.22
C PHE A 630 -12.92 13.79 -39.89
N LEU A 631 -12.02 13.15 -39.18
CA LEU A 631 -11.23 13.78 -38.14
C LEU A 631 -9.79 13.88 -38.61
N ARG A 632 -9.21 15.05 -38.52
CA ARG A 632 -7.76 15.17 -38.81
C ARG A 632 -7.04 15.14 -37.49
N VAL A 633 -6.11 14.25 -37.35
CA VAL A 633 -5.24 14.13 -36.20
C VAL A 633 -3.83 14.47 -36.64
N GLU A 634 -3.17 15.35 -35.90
CA GLU A 634 -1.75 15.62 -36.08
C GLU A 634 -1.00 15.03 -34.89
N ASN A 635 0.08 14.28 -35.13
CA ASN A 635 0.86 13.66 -34.06
C ASN A 635 2.36 13.66 -34.35
N HIS A 636 3.13 13.50 -33.28
CA HIS A 636 4.58 13.45 -33.24
C HIS A 636 5.05 12.02 -32.98
N HIS A 637 6.08 11.53 -33.67
CA HIS A 637 6.55 10.16 -33.59
C HIS A 637 8.09 10.06 -33.64
N ASP B 28 -10.73 27.30 -31.01
CA ASP B 28 -10.88 27.73 -32.43
C ASP B 28 -9.70 27.33 -33.31
N TRP B 29 -8.45 27.59 -32.93
CA TRP B 29 -7.21 27.32 -33.72
C TRP B 29 -7.10 25.93 -34.35
N GLU B 30 -7.58 24.88 -33.65
CA GLU B 30 -7.61 23.53 -34.25
C GLU B 30 -8.49 23.48 -35.50
N GLN B 31 -9.76 23.94 -35.44
CA GLN B 31 -10.64 23.91 -36.63
C GLN B 31 -10.04 24.74 -37.78
N TYR B 32 -9.40 25.87 -37.47
CA TYR B 32 -8.74 26.69 -38.48
C TYR B 32 -7.56 25.97 -39.14
N ARG B 33 -6.66 25.45 -38.30
CA ARG B 33 -5.51 24.68 -38.83
C ARG B 33 -6.06 23.49 -39.64
N ASP B 34 -6.98 22.73 -39.06
CA ASP B 34 -7.60 21.64 -39.82
C ASP B 34 -8.05 22.10 -41.20
N ARG B 35 -8.80 23.19 -41.32
CA ARG B 35 -9.21 23.75 -42.62
C ARG B 35 -8.02 24.05 -43.53
N VAL B 36 -6.97 24.68 -43.01
CA VAL B 36 -5.75 24.98 -43.75
C VAL B 36 -5.12 23.71 -44.33
N ASN B 37 -5.04 22.65 -43.53
CA ASN B 37 -4.53 21.37 -43.98
C ASN B 37 -5.42 20.75 -45.06
N MET B 38 -6.74 20.77 -44.91
CA MET B 38 -7.65 20.28 -45.94
C MET B 38 -7.52 21.08 -47.24
N LEU B 39 -7.40 22.38 -47.13
CA LEU B 39 -7.32 23.33 -48.24
C LEU B 39 -5.98 23.22 -48.98
N GLN B 40 -4.88 22.92 -48.30
CA GLN B 40 -3.60 22.59 -48.92
C GLN B 40 -3.73 21.36 -49.83
N GLN B 41 -4.29 20.28 -49.30
CA GLN B 41 -4.50 19.04 -50.06
C GLN B 41 -5.47 19.24 -51.23
N GLU B 42 -6.55 19.99 -51.04
CA GLU B 42 -7.47 20.40 -52.10
C GLU B 42 -6.73 21.07 -53.27
N ARG B 43 -5.81 21.97 -52.99
CA ARG B 43 -5.17 22.68 -54.11
C ARG B 43 -4.20 21.72 -54.79
N ILE B 44 -3.46 20.96 -54.02
CA ILE B 44 -2.54 19.98 -54.58
C ILE B 44 -3.29 19.05 -55.52
N ARG B 45 -4.42 18.49 -55.08
CA ARG B 45 -5.24 17.56 -55.84
C ARG B 45 -5.90 18.23 -57.06
N ASP B 46 -6.24 19.51 -56.97
CA ASP B 46 -6.74 20.34 -58.07
C ASP B 46 -5.69 20.67 -59.14
N SER B 47 -4.40 20.66 -58.81
CA SER B 47 -3.36 21.21 -59.70
C SER B 47 -2.42 20.10 -60.20
N PRO B 48 -2.30 19.85 -61.51
CA PRO B 48 -1.51 18.72 -62.01
C PRO B 48 -0.01 18.85 -61.71
N LEU B 49 0.54 20.07 -61.68
CA LEU B 49 1.92 20.33 -61.25
C LEU B 49 2.16 19.90 -59.79
N LEU B 50 1.32 20.35 -58.86
CA LEU B 50 1.47 20.05 -57.44
C LEU B 50 1.17 18.57 -57.16
N GLN B 51 0.17 17.98 -57.82
CA GLN B 51 -0.07 16.54 -57.74
C GLN B 51 1.14 15.76 -58.25
N ALA B 52 1.75 16.13 -59.37
CA ALA B 52 2.94 15.46 -59.87
C ALA B 52 4.13 15.58 -58.90
N ALA B 53 4.32 16.75 -58.28
CA ALA B 53 5.32 16.98 -57.25
C ALA B 53 5.12 16.12 -55.99
N LYS B 54 3.88 15.90 -55.56
CA LYS B 54 3.54 15.00 -54.44
C LYS B 54 3.68 13.53 -54.80
N GLU B 55 3.13 13.15 -55.95
CA GLU B 55 3.10 11.77 -56.45
C GLU B 55 4.47 11.27 -56.93
N ASN B 56 5.43 12.17 -57.15
CA ASN B 56 6.69 11.92 -57.85
C ASN B 56 6.45 11.41 -59.28
N ASP B 57 5.46 11.96 -59.96
CA ASP B 57 5.17 11.60 -61.35
C ASP B 57 6.12 12.34 -62.29
N LEU B 58 7.34 11.80 -62.42
CA LEU B 58 8.38 12.34 -63.31
C LEU B 58 7.87 12.48 -64.73
N ARG B 59 7.14 11.49 -65.26
CA ARG B 59 6.59 11.53 -66.61
C ARG B 59 5.60 12.70 -66.78
N LEU B 60 4.69 12.93 -65.83
CA LEU B 60 3.82 14.10 -65.91
C LEU B 60 4.61 15.42 -65.82
N LEU B 61 5.61 15.55 -64.95
CA LEU B 61 6.47 16.74 -64.93
C LEU B 61 7.19 16.94 -66.28
N LYS B 62 7.75 15.87 -66.86
CA LYS B 62 8.42 15.87 -68.18
C LYS B 62 7.50 16.19 -69.35
N ILE B 63 6.19 16.21 -69.17
CA ILE B 63 5.23 16.75 -70.15
C ILE B 63 4.86 18.19 -69.77
N LEU B 64 4.49 18.41 -68.50
CA LEU B 64 3.86 19.62 -68.00
C LEU B 64 4.83 20.82 -67.90
N LEU B 65 6.10 20.57 -67.62
CA LEU B 65 7.12 21.63 -67.47
C LEU B 65 7.58 22.25 -68.80
N LEU B 66 7.12 21.75 -69.95
CA LEU B 66 7.61 22.15 -71.27
C LEU B 66 6.83 23.32 -71.90
N ASN B 67 5.53 23.47 -71.64
CA ASN B 67 4.69 24.47 -72.31
C ASN B 67 5.10 25.91 -71.97
N ASP B 71 2.54 27.65 -65.85
CA ASP B 71 3.03 28.54 -64.76
C ASP B 71 3.74 27.74 -63.67
N PHE B 72 5.02 28.01 -63.42
CA PHE B 72 5.82 27.38 -62.36
C PHE B 72 5.67 28.04 -60.97
N GLN B 73 5.21 29.30 -60.93
CA GLN B 73 5.08 30.10 -59.71
C GLN B 73 3.72 29.94 -59.02
N GLN B 74 2.82 29.11 -59.57
CA GLN B 74 1.51 28.79 -58.99
C GLN B 74 1.63 28.19 -57.59
N ARG B 75 0.62 28.46 -56.75
CA ARG B 75 0.70 28.24 -55.31
C ARG B 75 -0.39 27.28 -54.79
N GLY B 76 -0.01 26.48 -53.81
CA GLY B 76 -0.95 25.85 -52.87
C GLY B 76 -1.65 26.87 -51.98
N ALA B 77 -2.58 26.42 -51.14
CA ALA B 77 -3.48 27.30 -50.38
C ALA B 77 -2.78 28.30 -49.43
N VAL B 78 -1.56 27.99 -48.96
CA VAL B 78 -0.79 28.83 -48.04
C VAL B 78 0.36 29.60 -48.69
N GLY B 79 0.42 29.63 -50.02
CA GLY B 79 1.52 30.23 -50.77
C GLY B 79 2.72 29.30 -50.98
N GLU B 80 2.61 28.01 -50.69
CA GLU B 80 3.61 26.99 -51.03
C GLU B 80 3.76 26.80 -52.54
N THR B 81 4.98 26.63 -53.03
CA THR B 81 5.24 26.30 -54.44
C THR B 81 5.20 24.78 -54.67
N ALA B 82 5.25 24.34 -55.92
CA ALA B 82 5.47 22.93 -56.25
C ALA B 82 6.75 22.34 -55.64
N LEU B 83 7.79 23.16 -55.44
CA LEU B 83 9.04 22.73 -54.81
C LEU B 83 8.87 22.51 -53.30
N HIS B 84 8.06 23.32 -52.60
CA HIS B 84 7.65 23.04 -51.23
C HIS B 84 6.93 21.70 -51.15
N VAL B 85 6.02 21.42 -52.09
CA VAL B 85 5.33 20.14 -52.19
C VAL B 85 6.30 18.98 -52.42
N ALA B 86 7.23 19.09 -53.36
CA ALA B 86 8.22 18.06 -53.63
C ALA B 86 9.11 17.79 -52.41
N ALA B 87 9.54 18.83 -51.71
CA ALA B 87 10.33 18.71 -50.47
C ALA B 87 9.53 18.05 -49.36
N LEU B 88 8.25 18.41 -49.21
CA LEU B 88 7.35 17.87 -48.19
C LEU B 88 7.10 16.37 -48.37
N TYR B 89 6.86 15.92 -49.59
CA TYR B 89 6.73 14.50 -49.91
C TYR B 89 8.07 13.79 -50.15
N ASP B 90 9.18 14.47 -49.86
CA ASP B 90 10.51 13.92 -49.78
C ASP B 90 10.98 13.34 -51.14
N ASN B 91 10.61 14.02 -52.23
CA ASN B 91 10.82 13.63 -53.62
C ASN B 91 11.97 14.40 -54.28
N LEU B 92 13.22 13.96 -54.08
CA LEU B 92 14.40 14.59 -54.68
C LEU B 92 14.32 14.67 -56.20
N GLU B 93 13.79 13.63 -56.83
CA GLU B 93 13.68 13.49 -58.28
C GLU B 93 12.78 14.58 -58.87
N ALA B 94 11.55 14.74 -58.35
CA ALA B 94 10.68 15.86 -58.70
C ALA B 94 11.32 17.23 -58.43
N ALA B 95 11.99 17.39 -57.29
CA ALA B 95 12.55 18.67 -56.87
C ALA B 95 13.69 19.10 -57.80
N THR B 96 14.57 18.21 -58.20
CA THR B 96 15.59 18.53 -59.17
C THR B 96 14.94 18.87 -60.54
N LEU B 97 13.85 18.22 -61.00
CA LEU B 97 13.16 18.69 -62.21
C LEU B 97 12.60 20.11 -62.06
N LEU B 98 11.98 20.42 -60.93
CA LEU B 98 11.34 21.72 -60.70
C LEU B 98 12.36 22.87 -60.69
N MET B 99 13.53 22.64 -60.10
CA MET B 99 14.67 23.59 -60.16
C MET B 99 15.32 23.66 -61.56
N GLU B 100 15.49 22.53 -62.26
CA GLU B 100 15.95 22.52 -63.66
C GLU B 100 15.05 23.37 -64.57
N ALA B 101 13.73 23.31 -64.38
CA ALA B 101 12.75 24.13 -65.10
C ALA B 101 12.67 25.59 -64.61
N ALA B 102 12.72 25.85 -63.31
CA ALA B 102 12.49 27.17 -62.71
C ALA B 102 13.31 27.34 -61.41
N PRO B 103 14.61 27.69 -61.48
CA PRO B 103 15.47 27.66 -60.30
C PRO B 103 15.09 28.70 -59.21
N GLU B 104 14.38 29.76 -59.57
CA GLU B 104 13.92 30.77 -58.61
C GLU B 104 12.99 30.20 -57.52
N LEU B 105 12.36 29.05 -57.74
CA LEU B 105 11.55 28.36 -56.72
C LEU B 105 12.35 28.06 -55.44
N ALA B 106 13.66 27.83 -55.52
CA ALA B 106 14.50 27.60 -54.33
C ALA B 106 14.50 28.79 -53.35
N LYS B 107 14.28 30.00 -53.87
CA LYS B 107 14.27 31.24 -53.07
C LYS B 107 12.91 31.60 -52.48
N GLU B 108 11.83 30.94 -52.88
CA GLU B 108 10.45 31.37 -52.58
C GLU B 108 10.02 31.05 -51.13
N PRO B 109 9.49 32.04 -50.37
CA PRO B 109 8.78 31.79 -49.12
C PRO B 109 7.30 31.45 -49.37
N ALA B 110 6.70 30.69 -48.45
CA ALA B 110 5.24 30.61 -48.30
C ALA B 110 4.67 31.93 -47.76
N LEU B 111 3.38 32.21 -47.98
CA LEU B 111 2.85 33.59 -47.91
C LEU B 111 1.74 33.81 -46.87
N CYS B 112 1.03 32.78 -46.44
CA CYS B 112 -0.14 32.90 -45.55
C CYS B 112 0.23 32.61 -44.09
N GLU B 113 -0.48 33.23 -43.13
CA GLU B 113 -0.12 33.29 -41.71
C GLU B 113 0.33 31.97 -41.03
N PRO B 114 -0.23 30.78 -41.34
CA PRO B 114 0.22 29.54 -40.73
C PRO B 114 1.69 29.23 -41.04
N PHE B 115 2.10 29.39 -42.29
CA PHE B 115 3.40 28.95 -42.80
C PHE B 115 4.26 30.07 -43.37
N VAL B 116 3.88 31.35 -43.22
CA VAL B 116 4.58 32.48 -43.85
C VAL B 116 6.09 32.47 -43.57
N GLY B 117 6.86 32.67 -44.63
CA GLY B 117 8.31 32.63 -44.62
C GLY B 117 8.93 31.26 -44.79
N GLN B 118 8.17 30.16 -44.65
CA GLN B 118 8.70 28.81 -44.83
C GLN B 118 9.19 28.59 -46.26
N THR B 119 10.39 28.03 -46.40
CA THR B 119 11.01 27.70 -47.69
C THR B 119 11.09 26.18 -47.89
N ALA B 120 11.30 25.73 -49.12
CA ALA B 120 11.62 24.33 -49.40
C ALA B 120 12.88 23.87 -48.67
N LEU B 121 13.79 24.79 -48.30
CA LEU B 121 14.98 24.46 -47.52
C LEU B 121 14.61 24.10 -46.06
N HIS B 122 13.72 24.85 -45.41
CA HIS B 122 13.21 24.45 -44.09
C HIS B 122 12.61 23.04 -44.10
N ILE B 123 11.89 22.71 -45.18
CA ILE B 123 11.20 21.43 -45.34
C ILE B 123 12.22 20.31 -45.61
N ALA B 124 13.20 20.52 -46.47
CA ALA B 124 14.24 19.55 -46.74
C ALA B 124 15.10 19.21 -45.52
N VAL B 125 15.37 20.20 -44.66
CA VAL B 125 15.94 19.99 -43.32
C VAL B 125 14.99 19.23 -42.38
N MET B 126 13.71 19.58 -42.28
CA MET B 126 12.75 18.79 -41.49
C MET B 126 12.79 17.31 -41.88
N ASN B 127 12.77 17.03 -43.18
CA ASN B 127 12.80 15.70 -43.74
C ASN B 127 14.23 15.08 -43.79
N GLN B 128 15.26 15.73 -43.26
CA GLN B 128 16.65 15.24 -43.20
C GLN B 128 17.22 14.79 -44.54
N ASN B 129 16.76 15.33 -45.63
CA ASN B 129 17.21 14.98 -46.97
C ASN B 129 18.44 15.81 -47.36
N LEU B 130 19.63 15.26 -47.06
CA LEU B 130 20.90 15.95 -47.26
C LEU B 130 21.13 16.33 -48.72
N ASN B 131 20.80 15.45 -49.68
CA ASN B 131 20.96 15.70 -51.08
C ASN B 131 20.01 16.79 -51.59
N LEU B 132 18.75 16.78 -51.16
CA LEU B 132 17.80 17.85 -51.48
C LEU B 132 18.20 19.19 -50.83
N VAL B 133 18.67 19.19 -49.58
CA VAL B 133 19.22 20.41 -48.96
C VAL B 133 20.38 20.96 -49.81
N ARG B 134 21.41 20.17 -50.09
CA ARG B 134 22.58 20.56 -50.89
C ARG B 134 22.20 21.00 -52.31
N ALA B 135 21.17 20.39 -52.90
CA ALA B 135 20.58 20.86 -54.18
C ALA B 135 19.92 22.24 -54.09
N LEU B 136 19.17 22.54 -53.02
CA LEU B 136 18.53 23.85 -52.84
C LEU B 136 19.60 24.92 -52.59
N LEU B 137 20.69 24.56 -51.89
CA LEU B 137 21.79 25.46 -51.63
C LEU B 137 22.64 25.74 -52.86
N ALA B 138 22.79 24.76 -53.74
CA ALA B 138 23.37 24.91 -55.06
C ALA B 138 22.57 25.87 -55.93
N ARG B 139 21.24 25.87 -55.87
CA ARG B 139 20.38 26.90 -56.46
C ARG B 139 20.32 28.23 -55.72
N GLY B 140 21.01 28.36 -54.58
CA GLY B 140 21.05 29.59 -53.79
C GLY B 140 19.77 29.90 -52.99
N ALA B 141 19.09 28.87 -52.44
CA ALA B 141 18.14 29.00 -51.35
C ALA B 141 18.81 29.69 -50.16
N SER B 142 18.08 30.56 -49.48
CA SER B 142 18.61 31.38 -48.38
C SER B 142 18.80 30.56 -47.10
N VAL B 143 20.04 30.48 -46.61
CA VAL B 143 20.35 29.88 -45.30
C VAL B 143 19.77 30.67 -44.12
N SER B 144 19.37 31.92 -44.31
CA SER B 144 18.91 32.85 -43.28
C SER B 144 17.43 33.22 -43.39
N ALA B 145 16.63 32.51 -44.19
CA ALA B 145 15.20 32.72 -44.26
C ALA B 145 14.51 32.39 -42.92
N ARG B 146 13.56 33.22 -42.49
CA ARG B 146 12.79 32.99 -41.26
C ARG B 146 11.40 32.46 -41.60
N ALA B 147 11.09 31.25 -41.14
CA ALA B 147 9.75 30.71 -41.12
C ALA B 147 8.97 31.32 -39.95
N THR B 148 8.54 32.58 -40.09
CA THR B 148 7.95 33.37 -39.00
C THR B 148 6.46 33.08 -38.73
N GLY B 149 5.79 32.28 -39.56
CA GLY B 149 4.37 31.95 -39.39
C GLY B 149 4.00 31.19 -38.11
N ALA B 150 2.71 31.20 -37.79
CA ALA B 150 2.17 30.70 -36.53
C ALA B 150 2.50 29.22 -36.24
N ALA B 151 2.72 28.40 -37.28
CA ALA B 151 3.13 27.00 -37.15
C ALA B 151 4.55 26.81 -36.57
N PHE B 152 5.33 27.87 -36.42
CA PHE B 152 6.73 27.83 -36.00
C PHE B 152 7.02 28.55 -34.68
N ARG B 153 5.98 29.02 -34.01
CA ARG B 153 6.17 29.81 -32.79
C ARG B 153 6.05 28.88 -31.60
N ARG B 154 6.88 29.05 -30.56
CA ARG B 154 6.65 28.24 -29.33
C ARG B 154 5.24 28.54 -28.82
N SER B 155 4.42 27.52 -28.76
CA SER B 155 3.04 27.62 -28.29
C SER B 155 2.49 26.23 -27.91
N PRO B 156 1.42 26.15 -27.11
CA PRO B 156 0.72 24.89 -26.87
C PRO B 156 0.01 24.36 -28.12
N HIS B 157 -0.18 25.19 -29.14
CA HIS B 157 -0.77 24.78 -30.42
C HIS B 157 0.18 23.89 -31.23
N ASN B 158 1.49 24.11 -31.13
CA ASN B 158 2.50 23.44 -31.96
C ASN B 158 3.16 22.28 -31.21
N LEU B 159 3.28 21.14 -31.87
CA LEU B 159 3.87 19.93 -31.29
C LEU B 159 5.41 19.95 -31.22
N ILE B 160 6.04 20.79 -32.03
CA ILE B 160 7.47 21.06 -32.03
C ILE B 160 7.72 22.56 -31.97
N TYR B 161 8.87 22.94 -31.47
CA TYR B 161 9.41 24.28 -31.62
C TYR B 161 10.87 24.17 -32.04
N TYR B 162 11.14 24.42 -33.32
CA TYR B 162 12.48 24.36 -33.90
C TYR B 162 13.05 25.75 -34.18
N GLY B 163 12.49 26.82 -33.63
CA GLY B 163 12.86 28.19 -33.99
C GLY B 163 12.34 28.57 -35.37
N GLU B 164 13.02 29.47 -36.06
CA GLU B 164 12.57 30.00 -37.37
C GLU B 164 13.57 29.82 -38.52
N HIS B 165 14.83 29.44 -38.27
CA HIS B 165 15.88 29.38 -39.28
C HIS B 165 16.25 27.94 -39.64
N PRO B 166 16.73 27.66 -40.87
CA PRO B 166 17.15 26.32 -41.29
C PRO B 166 18.20 25.68 -40.36
N LEU B 167 19.15 26.47 -39.85
CA LEU B 167 20.12 25.97 -38.89
C LEU B 167 19.49 25.49 -37.57
N SER B 168 18.52 26.24 -37.04
CA SER B 168 17.76 25.86 -35.86
C SER B 168 17.01 24.54 -36.09
N PHE B 169 16.44 24.34 -37.27
CA PHE B 169 15.78 23.09 -37.62
C PHE B 169 16.80 21.97 -37.68
N ALA B 170 17.94 22.18 -38.33
CA ALA B 170 19.01 21.16 -38.51
C ALA B 170 19.59 20.67 -37.18
N ALA B 171 19.74 21.59 -36.24
CA ALA B 171 20.07 21.28 -34.86
C ALA B 171 18.99 20.46 -34.13
N CYS B 172 17.71 20.80 -34.27
CA CYS B 172 16.63 20.10 -33.58
C CYS B 172 16.30 18.73 -34.16
N VAL B 173 16.47 18.51 -35.46
CA VAL B 173 16.42 17.17 -36.05
C VAL B 173 17.69 16.36 -35.80
N GLY B 174 18.75 16.95 -35.23
CA GLY B 174 19.96 16.22 -34.88
C GLY B 174 20.86 15.92 -36.07
N SER B 175 20.74 16.61 -37.20
CA SER B 175 21.56 16.28 -38.37
C SER B 175 22.93 17.01 -38.35
N GLU B 176 23.99 16.32 -37.92
CA GLU B 176 25.35 16.89 -37.94
C GLU B 176 25.80 17.26 -39.37
N GLU B 177 25.50 16.43 -40.36
CA GLU B 177 25.81 16.73 -41.77
C GLU B 177 25.16 18.01 -42.26
N ILE B 178 23.87 18.20 -41.99
CA ILE B 178 23.14 19.39 -42.43
C ILE B 178 23.54 20.64 -41.63
N VAL B 179 23.74 20.53 -40.30
CA VAL B 179 24.28 21.63 -39.48
C VAL B 179 25.63 22.11 -40.01
N ARG B 180 26.53 21.20 -40.36
CA ARG B 180 27.85 21.59 -40.96
C ARG B 180 27.63 22.19 -42.35
N LEU B 181 26.85 21.52 -43.18
CA LEU B 181 26.62 22.02 -44.55
C LEU B 181 26.01 23.44 -44.58
N LEU B 182 25.10 23.77 -43.61
CA LEU B 182 24.49 25.10 -43.51
C LEU B 182 25.49 26.15 -43.00
N ILE B 183 26.33 25.83 -42.02
CA ILE B 183 27.37 26.77 -41.57
C ILE B 183 28.44 26.96 -42.66
N GLU B 184 28.79 25.93 -43.42
CA GLU B 184 29.64 26.05 -44.61
C GLU B 184 29.06 27.01 -45.67
N HIS B 185 27.74 27.06 -45.85
CA HIS B 185 27.03 27.98 -46.76
C HIS B 185 26.71 29.32 -46.07
N GLY B 186 27.20 29.63 -44.85
CA GLY B 186 27.10 30.96 -44.24
C GLY B 186 25.92 31.12 -43.28
N ALA B 187 25.27 30.04 -42.86
CA ALA B 187 24.30 30.18 -41.81
C ALA B 187 24.93 30.72 -40.52
N ASP B 188 24.26 31.69 -39.91
CA ASP B 188 24.72 32.36 -38.71
C ASP B 188 24.23 31.64 -37.44
N ILE B 189 25.15 31.06 -36.67
CA ILE B 189 24.84 30.43 -35.37
C ILE B 189 24.17 31.40 -34.38
N ARG B 190 24.35 32.70 -34.54
CA ARG B 190 23.84 33.65 -33.51
C ARG B 190 22.48 34.20 -33.91
N ALA B 191 21.94 33.78 -35.04
CA ALA B 191 20.60 34.17 -35.47
C ALA B 191 19.55 33.93 -34.36
N GLN B 192 18.70 34.92 -34.11
CA GLN B 192 17.65 34.86 -33.09
C GLN B 192 16.27 34.89 -33.72
N ASP B 193 15.35 34.11 -33.17
CA ASP B 193 13.96 34.12 -33.62
C ASP B 193 13.09 35.20 -32.95
N SER B 194 11.77 35.16 -33.13
CA SER B 194 10.81 36.11 -32.55
C SER B 194 10.71 36.11 -31.02
N LEU B 195 11.23 35.09 -30.32
CA LEU B 195 11.39 35.08 -28.88
C LEU B 195 12.79 35.55 -28.46
N GLY B 196 13.68 35.85 -29.41
CA GLY B 196 15.08 36.12 -29.18
C GLY B 196 15.91 34.86 -28.93
N ASN B 197 15.36 33.67 -29.17
CA ASN B 197 16.09 32.43 -28.94
C ASN B 197 17.12 32.20 -30.05
N THR B 198 18.39 32.10 -29.66
CA THR B 198 19.45 31.54 -30.52
C THR B 198 19.29 30.03 -30.59
N VAL B 199 20.00 29.36 -31.50
CA VAL B 199 19.95 27.90 -31.60
C VAL B 199 20.26 27.19 -30.30
N LEU B 200 21.12 27.75 -29.44
CA LEU B 200 21.44 27.15 -28.13
C LEU B 200 20.23 27.14 -27.20
N HIS B 201 19.43 28.20 -27.21
CA HIS B 201 18.14 28.20 -26.52
C HIS B 201 17.18 27.18 -27.14
N ILE B 202 17.10 27.09 -28.47
CA ILE B 202 16.17 26.16 -29.12
C ILE B 202 16.55 24.72 -28.75
N LEU B 203 17.83 24.37 -28.77
CA LEU B 203 18.33 23.05 -28.37
C LEU B 203 17.95 22.70 -26.92
N ILE B 204 18.14 23.63 -26.00
CA ILE B 204 17.75 23.39 -24.62
C ILE B 204 16.23 23.21 -24.40
N LEU B 205 15.39 23.64 -25.33
CA LEU B 205 13.95 23.41 -25.32
C LEU B 205 13.50 22.06 -25.89
N GLN B 206 14.38 21.29 -26.50
CA GLN B 206 14.02 20.00 -27.11
C GLN B 206 13.79 18.88 -26.09
N PRO B 207 12.92 17.89 -26.39
CA PRO B 207 12.79 16.68 -25.58
C PRO B 207 14.12 15.92 -25.51
N ASN B 208 14.50 15.45 -24.32
CA ASN B 208 15.84 14.93 -24.06
C ASN B 208 16.09 13.65 -24.92
N LYS B 209 16.97 13.76 -25.92
CA LYS B 209 17.33 12.74 -26.93
C LYS B 209 18.84 12.90 -27.20
N THR B 210 19.52 11.78 -27.52
CA THR B 210 20.98 11.63 -27.38
C THR B 210 21.85 12.69 -28.09
N PHE B 211 21.41 13.17 -29.26
CA PHE B 211 22.17 14.14 -30.01
C PHE B 211 22.14 15.53 -29.36
N ALA B 212 21.23 15.86 -28.44
CA ALA B 212 21.00 17.29 -28.12
C ALA B 212 22.21 18.00 -27.46
N CYS B 213 22.96 17.29 -26.62
CA CYS B 213 24.22 17.77 -26.04
C CYS B 213 25.37 17.70 -27.07
N GLN B 214 25.45 16.65 -27.88
CA GLN B 214 26.41 16.56 -29.00
C GLN B 214 26.30 17.74 -29.96
N MET B 215 25.06 18.12 -30.27
CA MET B 215 24.70 19.20 -31.16
C MET B 215 25.03 20.58 -30.57
N TYR B 216 24.80 20.77 -29.27
CA TYR B 216 25.23 21.96 -28.54
C TYR B 216 26.77 22.10 -28.55
N ASN B 217 27.50 21.03 -28.25
CA ASN B 217 28.96 20.97 -28.28
C ASN B 217 29.54 21.20 -29.69
N LEU B 218 28.86 20.72 -30.74
CA LEU B 218 29.17 21.03 -32.13
C LEU B 218 28.96 22.50 -32.44
N LEU B 219 27.82 23.09 -32.07
CA LEU B 219 27.51 24.48 -32.40
C LEU B 219 28.44 25.47 -31.71
N LEU B 220 28.81 25.23 -30.45
CA LEU B 220 29.84 26.04 -29.79
C LEU B 220 31.21 25.93 -30.46
N SER B 221 31.53 24.86 -31.19
CA SER B 221 32.79 24.78 -31.93
C SER B 221 32.89 25.81 -33.07
N TYR B 222 31.78 26.45 -33.47
CA TYR B 222 31.75 27.57 -34.43
C TYR B 222 31.61 28.95 -33.76
N ASP B 223 31.45 29.03 -32.43
CA ASP B 223 31.46 30.31 -31.68
C ASP B 223 32.82 31.02 -31.79
N GLU B 224 33.91 30.25 -31.79
CA GLU B 224 35.26 30.73 -32.17
C GLU B 224 35.33 31.08 -33.67
N GLN B 230 31.25 38.85 -27.56
CA GLN B 230 30.94 37.90 -26.47
C GLN B 230 30.56 36.52 -27.02
N SER B 231 30.75 35.45 -26.24
CA SER B 231 30.36 34.08 -26.61
C SER B 231 28.85 33.95 -26.87
N LEU B 232 28.47 33.06 -27.79
CA LEU B 232 27.07 32.79 -28.10
C LEU B 232 26.27 32.32 -26.88
N GLU B 233 26.88 31.54 -25.97
CA GLU B 233 26.17 31.09 -24.78
C GLU B 233 25.96 32.19 -23.72
N LEU B 234 26.35 33.44 -23.97
CA LEU B 234 26.02 34.61 -23.16
C LEU B 234 24.91 35.49 -23.77
N VAL B 235 24.45 35.21 -25.00
CA VAL B 235 23.36 35.96 -25.63
C VAL B 235 22.02 35.68 -24.92
N PRO B 236 21.27 36.68 -24.42
CA PRO B 236 19.98 36.47 -23.79
C PRO B 236 18.83 36.48 -24.81
N ASN B 237 17.76 35.75 -24.55
CA ASN B 237 16.50 35.88 -25.27
C ASN B 237 15.67 37.07 -24.75
N HIS B 238 14.46 37.30 -25.28
CA HIS B 238 13.62 38.43 -24.90
C HIS B 238 13.04 38.34 -23.47
N GLN B 239 13.09 37.18 -22.81
CA GLN B 239 12.85 37.06 -21.37
C GLN B 239 14.07 37.47 -20.52
N GLY B 240 15.20 37.74 -21.15
CA GLY B 240 16.49 37.99 -20.49
C GLY B 240 17.30 36.74 -20.17
N LEU B 241 16.89 35.56 -20.60
CA LEU B 241 17.55 34.31 -20.24
C LEU B 241 18.66 33.98 -21.23
N THR B 242 19.87 33.78 -20.73
CA THR B 242 20.94 33.07 -21.43
C THR B 242 20.61 31.58 -21.51
N PRO B 243 21.24 30.80 -22.39
CA PRO B 243 21.01 29.35 -22.49
C PRO B 243 21.17 28.61 -21.16
N PHE B 244 22.11 29.00 -20.29
CA PHE B 244 22.31 28.39 -18.98
C PHE B 244 21.11 28.60 -18.04
N LYS B 245 20.62 29.83 -17.93
CA LYS B 245 19.44 30.17 -17.15
C LYS B 245 18.21 29.52 -17.74
N LEU B 246 18.11 29.41 -19.07
CA LEU B 246 17.02 28.69 -19.71
C LEU B 246 17.05 27.20 -19.35
N ALA B 247 18.21 26.55 -19.31
CA ALA B 247 18.29 25.16 -18.85
C ALA B 247 17.80 25.02 -17.42
N GLY B 248 18.15 25.95 -16.55
CA GLY B 248 17.64 26.01 -15.17
C GLY B 248 16.12 26.16 -15.11
N VAL B 249 15.55 27.19 -15.75
CA VAL B 249 14.10 27.44 -15.81
C VAL B 249 13.34 26.27 -16.43
N GLU B 250 13.86 25.68 -17.49
CA GLU B 250 13.20 24.59 -18.21
C GLU B 250 13.38 23.24 -17.53
N GLY B 251 14.19 23.14 -16.45
CA GLY B 251 14.45 21.90 -15.81
C GLY B 251 15.26 20.92 -16.64
N ASN B 252 15.98 21.35 -17.68
CA ASN B 252 16.82 20.43 -18.48
C ASN B 252 18.11 20.05 -17.75
N THR B 253 18.02 19.01 -16.93
CA THR B 253 19.11 18.59 -16.05
C THR B 253 20.25 17.91 -16.82
N VAL B 254 19.98 17.30 -17.98
CA VAL B 254 21.02 16.74 -18.87
C VAL B 254 21.84 17.88 -19.50
N MET B 255 21.23 18.91 -20.05
CA MET B 255 21.95 20.06 -20.54
C MET B 255 22.62 20.82 -19.40
N PHE B 256 22.04 20.92 -18.20
CA PHE B 256 22.69 21.57 -17.06
C PHE B 256 24.01 20.89 -16.65
N GLN B 257 24.00 19.56 -16.51
CA GLN B 257 25.23 18.81 -16.28
C GLN B 257 26.21 18.98 -17.42
N HIS B 258 25.77 19.00 -18.67
CA HIS B 258 26.66 19.27 -19.81
C HIS B 258 27.29 20.67 -19.75
N LEU B 259 26.49 21.70 -19.47
CA LEU B 259 26.97 23.07 -19.31
C LEU B 259 28.02 23.16 -18.20
N MET B 260 27.83 22.45 -17.09
CA MET B 260 28.80 22.47 -15.99
C MET B 260 30.08 21.74 -16.28
N GLN B 261 30.17 20.76 -17.19
CA GLN B 261 31.43 20.09 -17.57
C GLN B 261 32.50 21.14 -18.02
N LYS B 262 32.07 22.30 -18.54
CA LYS B 262 32.97 23.39 -18.96
C LYS B 262 33.13 24.53 -17.94
N ARG B 263 32.48 24.38 -16.80
CA ARG B 263 32.61 25.37 -15.70
C ARG B 263 33.35 24.71 -14.54
N LYS B 264 33.42 23.39 -14.49
CA LYS B 264 34.27 22.69 -13.50
C LYS B 264 35.76 22.68 -13.89
N HIS B 265 36.64 22.65 -12.90
CA HIS B 265 38.06 22.28 -13.03
C HIS B 265 38.35 21.16 -12.03
N VAL B 266 38.84 20.01 -12.46
CA VAL B 266 39.33 18.93 -11.58
C VAL B 266 40.70 19.31 -11.02
N GLN B 267 40.72 19.69 -9.76
CA GLN B 267 41.85 20.27 -9.05
C GLN B 267 42.93 19.23 -8.72
N TRP B 268 42.54 18.07 -8.20
CA TRP B 268 43.41 16.90 -7.99
C TRP B 268 42.58 15.62 -7.84
N THR B 269 43.22 14.48 -8.07
CA THR B 269 42.65 13.16 -7.78
C THR B 269 43.64 12.32 -7.02
N CYS B 270 43.27 11.70 -5.91
CA CYS B 270 44.16 10.85 -5.11
C CYS B 270 43.41 9.63 -4.61
N GLY B 271 43.82 8.42 -5.07
CA GLY B 271 43.07 7.19 -4.79
C GLY B 271 41.61 7.37 -5.23
N PRO B 272 40.64 7.14 -4.32
CA PRO B 272 39.23 7.30 -4.63
C PRO B 272 38.72 8.73 -4.51
N LEU B 273 39.51 9.67 -4.00
CA LEU B 273 39.08 11.04 -3.78
C LEU B 273 39.45 11.95 -4.94
N THR B 274 38.58 12.89 -5.25
CA THR B 274 38.93 14.01 -6.11
C THR B 274 38.37 15.31 -5.55
N SER B 275 39.12 16.38 -5.76
CA SER B 275 38.69 17.75 -5.47
C SER B 275 38.39 18.45 -6.77
N THR B 276 37.20 19.00 -6.90
CA THR B 276 36.71 19.67 -8.10
C THR B 276 36.27 21.07 -7.74
N LEU B 277 36.66 22.05 -8.54
CA LEU B 277 36.37 23.44 -8.33
C LEU B 277 35.38 23.93 -9.39
N TYR B 278 34.19 24.34 -8.97
CA TYR B 278 33.09 24.74 -9.85
C TYR B 278 32.97 26.25 -9.85
N ASP B 279 32.96 26.88 -11.03
CA ASP B 279 32.72 28.31 -11.17
C ASP B 279 31.25 28.66 -10.87
N LEU B 280 31.02 29.48 -9.85
CA LEU B 280 29.69 29.88 -9.40
C LEU B 280 29.10 31.07 -10.15
N THR B 281 29.80 31.67 -11.12
CA THR B 281 29.40 32.92 -11.75
C THR B 281 27.95 32.88 -12.25
N GLU B 282 27.60 31.94 -13.13
CA GLU B 282 26.24 31.80 -13.63
C GLU B 282 25.26 31.33 -12.54
N ILE B 283 25.65 30.41 -11.68
CA ILE B 283 24.77 29.81 -10.66
C ILE B 283 24.33 30.80 -9.57
N ASP B 284 25.27 31.54 -8.99
CA ASP B 284 24.98 32.51 -7.92
C ASP B 284 24.48 33.86 -8.52
N SER B 285 24.81 34.13 -9.78
CA SER B 285 24.22 35.27 -10.50
C SER B 285 24.37 36.61 -9.80
N TRP B 286 25.56 36.90 -9.30
CA TRP B 286 25.83 37.99 -8.35
C TRP B 286 25.52 39.39 -8.88
N GLY B 287 24.80 40.18 -8.08
CA GLY B 287 24.45 41.56 -8.36
C GLY B 287 23.35 41.77 -9.36
N GLU B 288 22.89 40.71 -10.05
CA GLU B 288 21.74 40.74 -10.96
C GLU B 288 20.38 40.79 -10.18
N GLU B 289 19.37 41.42 -10.77
CA GLU B 289 18.02 41.53 -10.21
C GLU B 289 17.33 40.16 -10.08
N LEU B 290 17.32 39.34 -11.14
CA LEU B 290 16.80 37.97 -11.12
C LEU B 290 17.97 36.97 -11.22
N SER B 291 18.21 36.22 -10.16
CA SER B 291 19.27 35.23 -10.13
C SER B 291 18.86 33.91 -10.78
N PHE B 292 19.84 33.13 -11.24
CA PHE B 292 19.63 31.74 -11.63
C PHE B 292 18.83 30.96 -10.58
N LEU B 293 19.16 30.98 -9.29
CA LEU B 293 18.45 30.22 -8.26
C LEU B 293 17.02 30.72 -8.12
N GLU B 294 16.75 32.03 -8.16
CA GLU B 294 15.38 32.55 -8.11
C GLU B 294 14.55 32.12 -9.31
N LEU B 295 15.11 32.15 -10.51
CA LEU B 295 14.42 31.72 -11.73
C LEU B 295 14.09 30.23 -11.72
N VAL B 296 14.96 29.41 -11.16
CA VAL B 296 14.75 27.97 -10.97
C VAL B 296 13.61 27.67 -10.00
N VAL B 297 13.63 28.23 -8.77
CA VAL B 297 12.59 27.97 -7.77
C VAL B 297 11.23 28.55 -8.15
N SER B 298 11.21 29.71 -8.81
CA SER B 298 10.00 30.36 -9.27
C SER B 298 9.50 29.86 -10.63
N SER B 299 10.17 28.89 -11.26
CA SER B 299 9.72 28.29 -12.52
C SER B 299 8.38 27.57 -12.34
N LYS B 300 7.49 27.69 -13.32
CA LYS B 300 6.22 26.97 -13.35
C LYS B 300 6.40 25.48 -13.67
N LYS B 301 7.46 25.10 -14.38
CA LYS B 301 7.72 23.72 -14.77
C LYS B 301 8.17 22.86 -13.60
N ARG B 302 7.59 21.66 -13.48
CA ARG B 302 7.86 20.67 -12.43
C ARG B 302 9.34 20.25 -12.39
N GLU B 303 9.92 20.03 -13.55
CA GLU B 303 11.30 19.57 -13.73
C GLU B 303 12.35 20.53 -13.21
N ALA B 304 12.04 21.84 -13.03
CA ALA B 304 13.06 22.79 -12.58
C ALA B 304 13.48 22.50 -11.14
N ARG B 305 12.71 21.75 -10.36
CA ARG B 305 13.15 21.34 -9.00
C ARG B 305 14.39 20.42 -9.07
N GLN B 306 14.53 19.63 -10.13
CA GLN B 306 15.61 18.67 -10.22
C GLN B 306 16.96 19.36 -10.41
N ILE B 307 16.99 20.59 -10.90
CA ILE B 307 18.20 21.38 -11.04
C ILE B 307 18.83 21.67 -9.65
N LEU B 308 17.98 21.83 -8.64
CA LEU B 308 18.40 22.10 -7.25
C LEU B 308 19.10 20.89 -6.61
N GLU B 309 18.96 19.69 -7.16
CA GLU B 309 19.64 18.47 -6.72
C GLU B 309 20.94 18.20 -7.52
N GLN B 310 21.29 19.05 -8.49
CA GLN B 310 22.55 18.95 -9.28
C GLN B 310 23.76 19.50 -8.55
N THR B 311 24.90 18.81 -8.66
CA THR B 311 26.00 18.84 -7.67
C THR B 311 26.42 20.22 -7.15
N PRO B 312 26.84 21.18 -8.00
CA PRO B 312 27.30 22.47 -7.51
C PRO B 312 26.15 23.26 -6.88
N VAL B 313 24.97 23.21 -7.47
CA VAL B 313 23.78 23.90 -6.97
C VAL B 313 23.40 23.36 -5.60
N LYS B 314 23.30 22.03 -5.47
CA LYS B 314 22.94 21.35 -4.25
C LYS B 314 23.90 21.72 -3.11
N GLU B 315 25.21 21.64 -3.32
CA GLU B 315 26.16 22.02 -2.29
C GLU B 315 26.12 23.52 -1.96
N LEU B 316 25.96 24.41 -2.95
CA LEU B 316 25.86 25.85 -2.70
C LEU B 316 24.65 26.20 -1.83
N VAL B 317 23.45 25.80 -2.21
CA VAL B 317 22.22 26.12 -1.44
C VAL B 317 22.23 25.44 -0.07
N SER B 318 22.80 24.25 0.03
CA SER B 318 23.00 23.60 1.30
C SER B 318 23.92 24.40 2.24
N PHE B 319 25.08 24.83 1.76
CA PHE B 319 25.97 25.71 2.51
C PHE B 319 25.24 26.98 2.96
N LYS B 320 24.59 27.69 2.05
CA LYS B 320 23.83 28.90 2.36
C LYS B 320 22.77 28.70 3.43
N TRP B 321 22.06 27.58 3.38
CA TRP B 321 21.05 27.25 4.35
C TRP B 321 21.63 26.92 5.72
N LYS B 322 22.58 25.98 5.81
CA LYS B 322 23.14 25.58 7.11
C LYS B 322 23.98 26.66 7.76
N LYS B 323 24.63 27.52 6.97
CA LYS B 323 25.46 28.64 7.42
C LYS B 323 24.66 29.88 7.82
N TYR B 324 23.70 30.33 7.01
CA TYR B 324 22.97 31.58 7.26
C TYR B 324 21.45 31.42 7.30
N GLY B 325 20.89 30.68 6.35
CA GLY B 325 19.44 30.58 6.18
C GLY B 325 18.72 30.00 7.40
N ARG B 326 19.14 28.83 7.88
CA ARG B 326 18.41 28.20 9.00
C ARG B 326 18.55 29.08 10.25
N PRO B 327 19.74 29.57 10.65
CA PRO B 327 19.86 30.48 11.77
C PRO B 327 18.94 31.69 11.69
N TYR B 328 18.91 32.40 10.56
CA TYR B 328 18.07 33.58 10.41
C TYR B 328 16.58 33.24 10.36
N PHE B 329 16.20 32.14 9.73
CA PHE B 329 14.81 31.70 9.68
C PHE B 329 14.28 31.29 11.06
N CYS B 330 15.10 30.68 11.91
CA CYS B 330 14.73 30.41 13.30
C CYS B 330 14.54 31.68 14.13
N VAL B 331 15.35 32.71 13.89
CA VAL B 331 15.16 34.02 14.52
C VAL B 331 13.86 34.65 14.02
N LEU B 332 13.62 34.72 12.72
CA LEU B 332 12.38 35.27 12.16
C LEU B 332 11.14 34.52 12.64
N ALA B 333 11.20 33.19 12.74
CA ALA B 333 10.14 32.40 13.34
C ALA B 333 9.90 32.79 14.80
N SER B 334 10.95 32.93 15.61
CA SER B 334 10.83 33.37 17.01
C SER B 334 10.20 34.76 17.12
N LEU B 335 10.67 35.73 16.35
CA LEU B 335 10.09 37.07 16.31
C LEU B 335 8.62 37.06 15.85
N TYR B 336 8.26 36.25 14.86
CA TYR B 336 6.89 36.15 14.43
C TYR B 336 5.98 35.49 15.49
N ILE B 337 6.45 34.43 16.15
CA ILE B 337 5.71 33.81 17.26
C ILE B 337 5.53 34.80 18.42
N LEU B 338 6.58 35.54 18.81
CA LEU B 338 6.49 36.59 19.82
C LEU B 338 5.52 37.71 19.42
N TYR B 339 5.54 38.14 18.17
CA TYR B 339 4.55 39.05 17.64
C TYR B 339 3.12 38.49 17.71
N MET B 340 2.91 37.21 17.41
CA MET B 340 1.59 36.60 17.48
C MET B 340 1.10 36.44 18.94
N ILE B 341 1.99 36.24 19.90
CA ILE B 341 1.68 36.27 21.32
C ILE B 341 1.28 37.70 21.74
N CYS B 342 1.98 38.72 21.29
CA CYS B 342 1.65 40.12 21.57
C CYS B 342 0.24 40.45 21.07
N PHE B 343 -0.06 40.15 19.80
CA PHE B 343 -1.39 40.34 19.24
C PHE B 343 -2.48 39.55 19.99
N THR B 344 -2.21 38.31 20.36
CA THR B 344 -3.14 37.49 21.15
C THR B 344 -3.47 38.07 22.52
N THR B 345 -2.46 38.52 23.22
CA THR B 345 -2.62 39.27 24.45
C THR B 345 -3.45 40.55 24.26
N CYS B 346 -3.29 41.26 23.15
CA CYS B 346 -4.09 42.47 22.88
C CYS B 346 -5.55 42.15 22.54
N CYS B 347 -5.82 40.98 21.96
CA CYS B 347 -7.14 40.43 21.81
C CYS B 347 -7.77 40.01 23.16
N ILE B 348 -7.05 39.29 24.00
CA ILE B 348 -7.55 38.86 25.31
C ILE B 348 -7.89 40.04 26.23
N TYR B 349 -7.04 41.05 26.28
CA TYR B 349 -7.24 42.23 27.13
C TYR B 349 -8.01 43.33 26.41
N ARG B 350 -8.72 43.05 25.30
CA ARG B 350 -9.47 44.06 24.54
C ARG B 350 -10.48 44.82 25.43
N PRO B 351 -10.76 46.11 25.18
CA PRO B 351 -11.46 46.97 26.14
C PRO B 351 -12.99 46.77 26.10
N LEU B 352 -13.54 46.10 27.13
CA LEU B 352 -14.97 45.78 27.25
C LEU B 352 -15.59 46.28 28.57
N LYS B 353 -16.83 46.76 28.52
CA LYS B 353 -17.63 47.27 29.66
C LYS B 353 -19.01 46.62 29.74
N LEU B 354 -19.63 46.58 30.92
CA LEU B 354 -20.98 46.05 31.11
C LEU B 354 -21.97 46.77 30.17
N ARG B 355 -22.77 46.00 29.44
CA ARG B 355 -23.69 46.56 28.39
C ARG B 355 -24.53 47.75 28.89
N ASP B 356 -24.89 48.66 27.99
CA ASP B 356 -25.63 49.89 28.30
C ASP B 356 -27.17 49.78 28.24
N ASP B 357 -27.73 48.60 28.00
CA ASP B 357 -29.17 48.32 27.96
C ASP B 357 -29.53 46.97 28.60
N ASN B 358 -30.76 46.85 29.09
CA ASN B 358 -31.21 45.63 29.76
C ASN B 358 -31.47 44.48 28.75
N ARG B 359 -31.15 43.28 29.20
CA ARG B 359 -31.54 42.13 28.36
C ARG B 359 -33.01 41.90 28.70
N THR B 360 -33.83 41.56 27.71
CA THR B 360 -35.28 41.38 27.81
C THR B 360 -35.68 39.92 27.64
N ASP B 361 -35.59 39.37 26.43
CA ASP B 361 -35.89 37.97 26.14
C ASP B 361 -34.82 37.02 26.69
N PRO B 362 -35.22 35.83 27.19
CA PRO B 362 -34.30 34.90 27.85
C PRO B 362 -33.21 34.37 26.90
N ARG B 363 -33.46 34.56 25.60
CA ARG B 363 -32.56 34.02 24.56
C ARG B 363 -31.33 34.91 24.36
N ASP B 364 -31.37 36.16 24.83
CA ASP B 364 -30.20 37.06 24.79
C ASP B 364 -29.22 36.77 25.95
N ILE B 365 -27.97 36.45 25.62
CA ILE B 365 -26.88 36.18 26.58
C ILE B 365 -25.75 37.21 26.54
N THR B 366 -25.84 38.25 25.72
CA THR B 366 -24.80 39.30 25.71
C THR B 366 -24.92 40.15 26.95
N ILE B 367 -23.87 40.29 27.75
CA ILE B 367 -23.84 41.04 29.02
C ILE B 367 -22.85 42.21 29.03
N LEU B 368 -21.87 42.09 28.11
CA LEU B 368 -20.72 43.05 28.01
C LEU B 368 -20.72 43.73 26.64
N GLN B 369 -19.82 44.68 26.39
CA GLN B 369 -19.90 45.58 25.24
C GLN B 369 -18.57 46.30 24.98
N GLN B 370 -18.26 46.72 23.75
CA GLN B 370 -17.05 47.51 23.47
C GLN B 370 -17.06 48.88 24.18
N LYS B 371 -15.95 49.22 24.84
CA LYS B 371 -15.68 50.57 25.35
C LYS B 371 -15.39 51.55 24.20
N LEU B 372 -15.72 52.82 24.37
CA LEU B 372 -15.38 53.90 23.44
C LEU B 372 -13.91 54.33 23.65
N LEU B 373 -13.25 54.98 22.68
CA LEU B 373 -11.83 55.37 22.79
C LEU B 373 -11.46 56.06 24.10
N GLN B 374 -12.21 57.08 24.50
CA GLN B 374 -11.97 57.84 25.73
C GLN B 374 -12.34 57.08 27.02
N GLU B 375 -12.98 55.92 26.91
CA GLU B 375 -13.15 54.95 28.01
C GLU B 375 -12.07 53.86 27.97
N ALA B 376 -11.51 53.57 26.79
CA ALA B 376 -10.64 52.42 26.51
C ALA B 376 -9.18 52.58 26.94
N TYR B 377 -8.72 53.82 27.15
CA TYR B 377 -7.34 54.13 27.53
C TYR B 377 -7.32 55.05 28.74
N VAL B 378 -7.55 54.48 29.93
CA VAL B 378 -7.74 55.25 31.19
C VAL B 378 -7.03 54.65 32.40
N THR B 379 -6.32 53.53 32.23
CA THR B 379 -5.53 52.85 33.28
C THR B 379 -4.13 52.48 32.80
N HIS B 380 -3.21 52.24 33.71
CA HIS B 380 -1.87 51.71 33.39
C HIS B 380 -1.93 50.41 32.58
N GLN B 381 -2.88 49.53 32.89
CA GLN B 381 -3.18 48.32 32.13
C GLN B 381 -3.57 48.61 30.68
N ASP B 382 -4.37 49.64 30.42
CA ASP B 382 -4.65 50.08 29.05
C ASP B 382 -3.41 50.66 28.37
N ASN B 383 -2.56 51.39 29.09
CA ASN B 383 -1.35 51.96 28.50
C ASN B 383 -0.34 50.87 28.10
N ILE B 384 -0.24 49.79 28.88
CA ILE B 384 0.52 48.60 28.51
C ILE B 384 -0.12 47.92 27.30
N ARG B 385 -1.45 47.74 27.29
CA ARG B 385 -2.14 47.19 26.10
C ARG B 385 -1.93 48.07 24.87
N LEU B 386 -1.94 49.39 25.00
CA LEU B 386 -1.72 50.32 23.88
C LEU B 386 -0.37 50.10 23.21
N VAL B 387 0.73 49.92 23.94
CA VAL B 387 2.01 49.62 23.29
C VAL B 387 1.99 48.25 22.61
N GLY B 388 1.31 47.25 23.18
CA GLY B 388 1.03 45.99 22.50
C GLY B 388 0.21 46.17 21.21
N GLU B 389 -0.80 47.02 21.20
CA GLU B 389 -1.56 47.38 20.00
C GLU B 389 -0.69 48.10 18.97
N LEU B 390 0.18 49.03 19.37
CA LEU B 390 1.10 49.71 18.49
C LEU B 390 2.14 48.76 17.88
N VAL B 391 2.70 47.84 18.65
CA VAL B 391 3.54 46.74 18.14
C VAL B 391 2.76 45.87 17.15
N THR B 392 1.52 45.52 17.47
CA THR B 392 0.62 44.77 16.60
C THR B 392 0.42 45.46 15.25
N VAL B 393 0.06 46.74 15.26
CA VAL B 393 -0.18 47.55 14.05
C VAL B 393 1.10 47.76 13.26
N THR B 394 2.21 48.09 13.94
CA THR B 394 3.52 48.26 13.32
C THR B 394 3.91 47.01 12.56
N GLY B 395 3.74 45.83 13.15
CA GLY B 395 4.01 44.56 12.48
C GLY B 395 3.11 44.28 11.28
N ALA B 396 1.84 44.68 11.29
CA ALA B 396 0.97 44.58 10.13
C ALA B 396 1.45 45.48 8.99
N VAL B 397 1.87 46.71 9.28
CA VAL B 397 2.49 47.60 8.29
C VAL B 397 3.77 46.98 7.74
N ILE B 398 4.68 46.51 8.59
CA ILE B 398 5.93 45.85 8.16
C ILE B 398 5.66 44.63 7.28
N ILE B 399 4.66 43.79 7.58
CA ILE B 399 4.23 42.72 6.69
C ILE B 399 3.86 43.27 5.32
N LEU B 400 3.03 44.32 5.23
CA LEU B 400 2.66 44.89 3.93
C LEU B 400 3.85 45.50 3.20
N LEU B 401 4.74 46.23 3.87
CA LEU B 401 5.96 46.77 3.26
C LEU B 401 6.89 45.67 2.74
N LEU B 402 6.95 44.51 3.38
CA LEU B 402 7.75 43.38 2.91
C LEU B 402 7.07 42.57 1.81
N GLU B 403 5.76 42.37 1.87
CA GLU B 403 5.01 41.52 0.92
C GLU B 403 4.65 42.24 -0.37
N ILE B 404 4.05 43.43 -0.30
CA ILE B 404 3.41 44.07 -1.45
C ILE B 404 4.36 44.32 -2.63
N PRO B 405 5.62 44.77 -2.43
CA PRO B 405 6.58 44.90 -3.53
C PRO B 405 6.88 43.58 -4.27
N ASP B 406 6.89 42.45 -3.55
CA ASP B 406 7.17 41.14 -4.15
C ASP B 406 5.99 40.59 -4.97
N ILE B 407 4.75 40.99 -4.71
CA ILE B 407 3.62 40.72 -5.62
C ILE B 407 3.95 41.25 -7.01
N PHE B 408 4.35 42.52 -7.12
CA PHE B 408 4.60 43.18 -8.40
C PHE B 408 5.82 42.59 -9.13
N ARG B 409 6.91 42.37 -8.41
CA ARG B 409 8.14 41.86 -9.02
C ARG B 409 7.89 40.47 -9.57
N VAL B 410 7.38 39.55 -8.75
CA VAL B 410 7.20 38.14 -9.15
C VAL B 410 5.99 37.94 -10.08
N GLY B 411 4.97 38.80 -9.99
CA GLY B 411 3.69 38.65 -10.67
C GLY B 411 2.69 37.86 -9.82
N ALA B 412 1.49 38.38 -9.64
CA ALA B 412 0.52 37.89 -8.66
C ALA B 412 0.16 36.40 -8.84
N SER B 413 0.09 35.92 -10.08
CA SER B 413 -0.14 34.50 -10.40
C SER B 413 0.97 33.58 -9.85
N ARG B 414 2.21 34.03 -9.87
CA ARG B 414 3.33 33.16 -9.37
C ARG B 414 3.52 33.40 -7.88
N TYR B 415 3.33 34.63 -7.45
CA TYR B 415 3.52 34.98 -6.04
C TYR B 415 2.53 34.28 -5.12
N PHE B 416 1.26 34.20 -5.50
CA PHE B 416 0.22 33.49 -4.75
C PHE B 416 -0.01 32.04 -5.18
N GLY B 417 0.38 31.66 -6.40
CA GLY B 417 0.04 30.36 -7.00
C GLY B 417 1.07 29.25 -6.86
N GLN B 418 2.23 29.50 -6.24
CA GLN B 418 3.33 28.53 -6.15
C GLN B 418 3.47 27.97 -4.73
N THR B 419 3.38 26.64 -4.57
CA THR B 419 3.65 25.96 -3.28
C THR B 419 5.09 26.16 -2.81
N ILE B 420 6.07 26.15 -3.72
CA ILE B 420 7.49 26.28 -3.40
C ILE B 420 7.83 27.67 -2.83
N LEU B 421 7.23 28.73 -3.36
CA LEU B 421 7.46 30.10 -2.87
C LEU B 421 6.70 30.42 -1.57
N GLY B 422 5.70 29.63 -1.18
CA GLY B 422 4.81 29.94 -0.05
C GLY B 422 3.55 30.70 -0.42
N GLY B 423 3.05 30.54 -1.65
CA GLY B 423 1.87 31.20 -2.20
C GLY B 423 0.68 31.38 -1.26
N PRO B 424 0.08 30.33 -0.70
CA PRO B 424 -1.08 30.48 0.17
C PRO B 424 -0.76 31.17 1.49
N PHE B 425 0.44 31.01 2.03
CA PHE B 425 0.89 31.80 3.17
C PHE B 425 1.04 33.29 2.86
N HIS B 426 1.45 33.69 1.66
CA HIS B 426 1.39 35.09 1.23
C HIS B 426 -0.05 35.61 1.21
N VAL B 427 -1.02 34.84 0.71
CA VAL B 427 -2.43 35.24 0.74
C VAL B 427 -2.89 35.49 2.18
N ILE B 428 -2.68 34.53 3.09
CA ILE B 428 -3.22 34.69 4.44
C ILE B 428 -2.46 35.74 5.25
N ILE B 429 -1.14 35.88 5.11
CA ILE B 429 -0.40 36.89 5.89
C ILE B 429 -0.75 38.32 5.47
N ILE B 430 -1.06 38.55 4.21
CA ILE B 430 -1.58 39.84 3.75
C ILE B 430 -3.02 40.04 4.23
N THR B 431 -3.85 39.00 4.24
CA THR B 431 -5.21 39.05 4.79
C THR B 431 -5.18 39.40 6.27
N TYR B 432 -4.31 38.76 7.05
CA TYR B 432 -4.04 39.09 8.45
C TYR B 432 -3.69 40.57 8.63
N ALA B 433 -2.71 41.10 7.90
CA ALA B 433 -2.32 42.50 8.02
C ALA B 433 -3.45 43.47 7.66
N SER B 434 -4.22 43.14 6.63
CA SER B 434 -5.40 43.91 6.21
C SER B 434 -6.49 43.94 7.29
N LEU B 435 -6.74 42.81 7.96
CA LEU B 435 -7.71 42.68 9.04
C LEU B 435 -7.26 43.41 10.31
N VAL B 436 -5.97 43.42 10.62
CA VAL B 436 -5.43 44.21 11.74
C VAL B 436 -5.57 45.70 11.45
N LEU B 437 -5.25 46.17 10.25
CA LEU B 437 -5.45 47.57 9.90
C LEU B 437 -6.93 47.94 9.81
N LEU B 438 -7.80 47.05 9.32
CA LEU B 438 -9.26 47.23 9.43
C LEU B 438 -9.69 47.38 10.89
N THR B 439 -9.18 46.54 11.77
CA THR B 439 -9.50 46.59 13.21
C THR B 439 -9.08 47.91 13.83
N MET B 440 -7.91 48.44 13.44
CA MET B 440 -7.45 49.72 13.96
C MET B 440 -8.32 50.88 13.45
N VAL B 441 -8.75 50.93 12.21
CA VAL B 441 -9.66 51.98 11.74
C VAL B 441 -11.08 51.84 12.36
N MET B 442 -11.59 50.64 12.56
CA MET B 442 -12.82 50.42 13.37
C MET B 442 -12.72 50.99 14.77
N ARG B 443 -11.64 50.67 15.50
CA ARG B 443 -11.33 51.17 16.85
C ARG B 443 -11.32 52.69 16.93
N LEU B 444 -10.63 53.35 15.99
CA LEU B 444 -10.52 54.80 15.88
C LEU B 444 -11.90 55.42 15.61
N THR B 445 -12.81 54.69 14.98
CA THR B 445 -14.15 55.15 14.61
C THR B 445 -15.20 54.86 15.70
N ASN B 446 -14.83 54.23 16.82
CA ASN B 446 -15.77 53.60 17.76
C ASN B 446 -16.74 52.61 17.09
N MET B 447 -16.33 51.93 16.02
CA MET B 447 -17.20 51.02 15.27
C MET B 447 -17.40 49.69 16.00
N ASN B 448 -18.66 49.24 16.12
CA ASN B 448 -18.97 47.99 16.78
C ASN B 448 -18.65 46.74 15.92
N GLY B 449 -18.45 45.58 16.58
CA GLY B 449 -18.14 44.30 15.91
C GLY B 449 -16.68 44.04 15.59
N GLU B 450 -15.74 44.68 16.32
CA GLU B 450 -14.29 44.37 16.23
C GLU B 450 -14.01 42.89 16.41
N VAL B 451 -14.85 42.15 17.11
CA VAL B 451 -14.69 40.68 17.31
C VAL B 451 -14.57 39.92 15.99
N VAL B 452 -15.28 40.34 14.92
CA VAL B 452 -15.21 39.73 13.58
C VAL B 452 -13.83 39.77 12.91
N PRO B 453 -13.22 40.92 12.56
CA PRO B 453 -11.88 40.92 11.99
C PRO B 453 -10.84 40.38 12.95
N LEU B 454 -10.92 40.64 14.28
CA LEU B 454 -10.03 40.03 15.30
C LEU B 454 -10.12 38.51 15.25
N SER B 455 -11.29 37.88 15.15
CA SER B 455 -11.35 36.41 15.11
C SER B 455 -10.69 35.84 13.83
N PHE B 456 -10.95 36.42 12.67
CA PHE B 456 -10.30 36.00 11.45
C PHE B 456 -8.77 36.25 11.54
N ALA B 457 -8.32 37.40 12.07
CA ALA B 457 -6.94 37.70 12.34
C ALA B 457 -6.27 36.73 13.29
N LEU B 458 -6.91 36.29 14.36
CA LEU B 458 -6.32 35.29 15.23
C LEU B 458 -6.13 33.96 14.54
N VAL B 459 -7.12 33.49 13.79
CA VAL B 459 -7.04 32.24 13.05
C VAL B 459 -5.93 32.29 11.99
N LEU B 460 -5.97 33.26 11.07
CA LEU B 460 -4.99 33.38 10.01
C LEU B 460 -3.62 33.82 10.52
N GLY B 461 -3.55 34.71 11.53
CA GLY B 461 -2.33 35.11 12.22
C GLY B 461 -1.62 33.88 12.73
N TRP B 462 -2.25 33.07 13.57
CA TRP B 462 -1.62 31.83 14.06
C TRP B 462 -1.39 30.79 12.97
N CYS B 463 -2.34 30.51 12.07
CA CYS B 463 -2.14 29.56 10.99
C CYS B 463 -0.94 29.94 10.14
N SER B 464 -0.66 31.21 9.87
CA SER B 464 0.52 31.62 9.13
C SER B 464 1.84 31.31 9.84
N VAL B 465 1.88 31.01 11.15
CA VAL B 465 3.10 30.49 11.80
C VAL B 465 3.56 29.19 11.13
N MET B 466 2.65 28.41 10.54
CA MET B 466 3.02 27.20 9.79
C MET B 466 3.89 27.50 8.53
N TYR B 467 4.00 28.74 8.07
CA TYR B 467 4.98 29.11 7.07
C TYR B 467 6.40 28.70 7.51
N PHE B 468 6.72 28.89 8.77
CA PHE B 468 8.02 28.56 9.34
C PHE B 468 8.26 27.06 9.51
N ALA B 469 7.24 26.21 9.34
CA ALA B 469 7.42 24.76 9.36
C ALA B 469 8.41 24.29 8.29
N ARG B 470 8.55 25.05 7.20
CA ARG B 470 9.41 24.71 6.05
C ARG B 470 10.88 24.70 6.41
N GLY B 471 11.26 25.33 7.51
CA GLY B 471 12.64 25.37 8.00
C GLY B 471 13.13 24.08 8.65
N PHE B 472 12.24 23.14 8.95
CA PHE B 472 12.53 21.97 9.78
C PHE B 472 12.07 20.71 9.08
N GLN B 473 12.90 19.66 9.04
CA GLN B 473 12.55 18.41 8.35
C GLN B 473 11.38 17.68 9.02
N MET B 474 11.17 17.88 10.33
CA MET B 474 10.06 17.31 11.06
C MET B 474 8.73 17.82 10.45
N LEU B 475 8.64 19.11 10.12
CA LEU B 475 7.34 19.78 9.91
C LEU B 475 7.09 20.25 8.47
N GLY B 476 8.13 20.52 7.70
CA GLY B 476 8.03 21.05 6.36
C GLY B 476 7.29 20.16 5.37
N PRO B 477 7.72 18.90 5.18
CA PRO B 477 7.03 17.96 4.31
C PRO B 477 5.57 17.75 4.73
N PHE B 478 5.30 17.65 6.02
CA PHE B 478 3.94 17.52 6.52
C PHE B 478 3.06 18.74 6.23
N THR B 479 3.61 19.95 6.23
CA THR B 479 2.86 21.17 5.89
C THR B 479 2.49 21.24 4.41
N ILE B 480 3.36 20.72 3.53
CA ILE B 480 3.05 20.50 2.11
C ILE B 480 1.92 19.47 1.97
N MET B 481 1.98 18.36 2.70
CA MET B 481 0.93 17.35 2.64
C MET B 481 -0.42 17.91 3.07
N ILE B 482 -0.50 18.70 4.14
CA ILE B 482 -1.75 19.39 4.52
C ILE B 482 -2.24 20.29 3.37
N GLN B 483 -1.35 21.02 2.71
CA GLN B 483 -1.74 21.86 1.57
C GLN B 483 -2.31 21.06 0.38
N LYS B 484 -1.65 19.96 0.00
CA LYS B 484 -2.14 19.07 -1.06
C LYS B 484 -3.45 18.36 -0.68
N MET B 485 -3.70 18.10 0.60
CA MET B 485 -5.02 17.64 1.07
C MET B 485 -6.10 18.73 1.00
N ILE B 486 -5.82 19.98 1.37
CA ILE B 486 -6.79 21.09 1.27
C ILE B 486 -7.22 21.33 -0.17
N PHE B 487 -6.27 21.53 -1.08
CA PHE B 487 -6.65 21.83 -2.46
C PHE B 487 -7.00 20.57 -3.27
N GLY B 488 -6.87 19.39 -2.70
CA GLY B 488 -7.21 18.13 -3.35
C GLY B 488 -8.40 17.49 -2.70
N ASP B 489 -8.18 16.47 -1.86
CA ASP B 489 -9.26 15.60 -1.39
C ASP B 489 -10.28 16.35 -0.50
N LEU B 490 -9.91 17.43 0.22
CA LEU B 490 -10.87 18.19 1.01
C LEU B 490 -11.91 18.92 0.15
N MET B 491 -11.55 19.67 -0.89
CA MET B 491 -12.58 20.33 -1.76
C MET B 491 -13.51 19.29 -2.39
N ARG B 492 -12.92 18.16 -2.84
CA ARG B 492 -13.76 17.13 -3.50
C ARG B 492 -14.73 16.53 -2.47
N PHE B 493 -14.27 16.29 -1.24
CA PHE B 493 -15.17 15.81 -0.21
C PHE B 493 -16.20 16.86 0.18
N CYS B 494 -15.82 18.13 0.30
CA CYS B 494 -16.72 19.22 0.75
C CYS B 494 -17.83 19.56 -0.23
N TRP B 495 -17.62 19.38 -1.54
CA TRP B 495 -18.68 19.54 -2.55
C TRP B 495 -19.73 18.44 -2.41
N LEU B 496 -19.33 17.17 -2.28
CA LEU B 496 -20.30 16.09 -2.16
C LEU B 496 -20.94 16.07 -0.77
N MET B 497 -20.20 16.43 0.27
CA MET B 497 -20.71 16.67 1.61
C MET B 497 -21.77 17.79 1.61
N ALA B 498 -21.58 18.91 0.92
CA ALA B 498 -22.58 20.00 0.88
C ALA B 498 -23.92 19.51 0.32
N VAL B 499 -23.90 18.70 -0.74
CA VAL B 499 -25.07 18.12 -1.39
C VAL B 499 -25.80 17.15 -0.44
N VAL B 500 -25.10 16.29 0.30
CA VAL B 500 -25.71 15.46 1.36
C VAL B 500 -26.31 16.33 2.47
N ILE B 501 -25.61 17.38 2.92
CA ILE B 501 -26.10 18.27 3.97
C ILE B 501 -27.36 19.01 3.53
N LEU B 502 -27.42 19.59 2.33
CA LEU B 502 -28.62 20.23 1.82
C LEU B 502 -29.81 19.29 1.76
N GLY B 503 -29.62 18.06 1.29
CA GLY B 503 -30.64 17.03 1.29
C GLY B 503 -31.17 16.77 2.68
N PHE B 504 -30.32 16.23 3.56
CA PHE B 504 -30.75 15.79 4.86
C PHE B 504 -31.15 16.90 5.82
N ALA B 505 -30.53 18.08 5.76
CA ALA B 505 -30.91 19.21 6.60
C ALA B 505 -32.32 19.68 6.29
N SER B 506 -32.67 19.70 5.01
CA SER B 506 -34.02 20.01 4.57
C SER B 506 -35.00 18.95 5.01
N ALA B 507 -34.68 17.66 4.89
CA ALA B 507 -35.51 16.60 5.42
C ALA B 507 -35.71 16.70 6.94
N PHE B 508 -34.64 16.90 7.72
CA PHE B 508 -34.71 17.07 9.17
C PHE B 508 -35.52 18.31 9.55
N HIS B 509 -35.28 19.46 8.94
CA HIS B 509 -36.01 20.69 9.21
C HIS B 509 -37.50 20.47 9.04
N ILE B 510 -37.95 19.99 7.89
CA ILE B 510 -39.38 19.82 7.65
C ILE B 510 -39.99 18.71 8.49
N THR B 511 -39.21 17.70 8.87
CA THR B 511 -39.61 16.68 9.84
C THR B 511 -39.89 17.29 11.21
N PHE B 512 -39.13 18.30 11.65
CA PHE B 512 -39.33 18.96 12.93
C PHE B 512 -40.22 20.20 12.90
N GLN B 513 -40.60 20.74 11.74
CA GLN B 513 -41.47 21.92 11.65
C GLN B 513 -42.81 21.76 12.36
N THR B 514 -43.35 20.54 12.41
CA THR B 514 -44.60 20.19 13.09
C THR B 514 -44.48 20.21 14.62
N GLU B 515 -43.26 20.06 15.13
CA GLU B 515 -42.94 19.79 16.53
C GLU B 515 -42.50 21.05 17.28
N ASP B 516 -42.58 20.99 18.60
CA ASP B 516 -42.17 22.06 19.51
C ASP B 516 -40.64 22.23 19.55
N PRO B 517 -40.07 23.38 19.12
CA PRO B 517 -38.63 23.55 19.04
C PRO B 517 -37.91 23.48 20.39
N ASN B 518 -38.59 23.77 21.50
CA ASN B 518 -37.99 23.64 22.83
C ASN B 518 -37.74 22.20 23.27
N ASN B 519 -38.38 21.20 22.64
CA ASN B 519 -38.14 19.79 22.92
C ASN B 519 -37.04 19.15 22.07
N LEU B 520 -36.70 19.70 20.89
CA LEU B 520 -35.54 19.30 20.10
C LEU B 520 -35.11 20.48 19.22
N GLY B 521 -34.03 21.15 19.59
CA GLY B 521 -33.68 22.46 19.04
C GLY B 521 -32.83 22.42 17.77
N GLU B 522 -32.17 21.31 17.49
CA GLU B 522 -31.18 21.16 16.42
C GLU B 522 -31.70 21.55 15.04
N PHE B 523 -32.98 21.30 14.77
CA PHE B 523 -33.60 21.53 13.47
C PHE B 523 -34.70 22.61 13.54
N SER B 524 -34.63 23.52 14.51
CA SER B 524 -35.70 24.48 14.83
C SER B 524 -35.94 25.55 13.75
N ASP B 525 -34.90 25.95 13.01
CA ASP B 525 -34.98 26.79 11.82
C ASP B 525 -33.97 26.32 10.78
N TYR B 526 -34.12 26.73 9.52
CA TYR B 526 -33.31 26.17 8.44
C TYR B 526 -31.80 26.44 8.56
N PRO B 527 -31.32 27.62 8.95
CA PRO B 527 -29.90 27.85 9.26
C PRO B 527 -29.37 26.94 10.36
N THR B 528 -30.11 26.75 11.45
CA THR B 528 -29.71 25.84 12.52
C THR B 528 -29.74 24.40 12.04
N ALA B 529 -30.71 24.03 11.22
CA ALA B 529 -30.78 22.69 10.66
C ALA B 529 -29.57 22.38 9.78
N LEU B 530 -29.15 23.31 8.92
CA LEU B 530 -27.93 23.18 8.13
C LEU B 530 -26.72 23.00 9.04
N PHE B 531 -26.54 23.88 10.02
CA PHE B 531 -25.40 23.83 10.93
C PHE B 531 -25.38 22.54 11.77
N SER B 532 -26.50 22.16 12.38
CA SER B 532 -26.61 20.92 13.11
C SER B 532 -26.36 19.71 12.22
N THR B 533 -26.86 19.71 10.98
CA THR B 533 -26.60 18.62 10.03
C THR B 533 -25.13 18.53 9.67
N PHE B 534 -24.45 19.65 9.45
CA PHE B 534 -23.02 19.69 9.22
C PHE B 534 -22.22 19.14 10.41
N GLU B 535 -22.56 19.52 11.64
CA GLU B 535 -21.94 18.97 12.83
C GLU B 535 -22.24 17.48 13.03
N LEU B 536 -23.44 17.03 12.65
CA LEU B 536 -23.82 15.62 12.70
C LEU B 536 -23.12 14.80 11.62
N PHE B 537 -22.81 15.37 10.45
CA PHE B 537 -22.05 14.74 9.39
C PHE B 537 -20.67 14.35 9.92
N LEU B 538 -20.01 15.31 10.58
CA LEU B 538 -18.69 15.15 11.21
C LEU B 538 -18.71 14.42 12.54
N THR B 539 -19.89 14.07 13.07
CA THR B 539 -20.12 13.46 14.40
C THR B 539 -19.66 14.30 15.58
N ILE B 540 -19.50 15.62 15.41
CA ILE B 540 -18.98 16.52 16.44
C ILE B 540 -20.02 17.02 17.42
N ILE B 541 -21.30 16.83 17.12
CA ILE B 541 -22.37 16.83 18.13
C ILE B 541 -23.04 15.46 18.14
N ASP B 542 -23.58 15.08 19.29
CA ASP B 542 -24.35 13.84 19.41
C ASP B 542 -25.64 13.88 18.60
N GLY B 543 -26.04 12.72 18.10
CA GLY B 543 -27.31 12.48 17.46
C GLY B 543 -28.45 13.03 18.31
N PRO B 544 -29.34 13.87 17.76
CA PRO B 544 -30.42 14.45 18.52
C PRO B 544 -31.31 13.38 19.14
N ALA B 545 -31.54 13.48 20.43
CA ALA B 545 -32.34 12.54 21.19
C ALA B 545 -33.03 13.25 22.34
N ASN B 546 -34.27 12.85 22.60
CA ASN B 546 -35.00 13.20 23.80
C ASN B 546 -35.93 12.03 24.12
N TYR B 547 -35.45 11.09 24.95
CA TYR B 547 -36.21 9.89 25.31
C TYR B 547 -37.48 10.15 26.11
N SER B 548 -37.64 11.34 26.70
CA SER B 548 -38.84 11.79 27.44
C SER B 548 -40.02 12.16 26.53
N VAL B 549 -39.86 12.20 25.19
CA VAL B 549 -40.88 12.64 24.25
C VAL B 549 -40.96 11.74 23.00
N ASP B 550 -42.07 11.75 22.30
CA ASP B 550 -42.26 10.99 21.06
C ASP B 550 -41.81 11.83 19.84
N LEU B 551 -40.59 11.58 19.37
CA LEU B 551 -40.06 12.12 18.11
C LEU B 551 -40.83 11.57 16.89
N PRO B 552 -40.96 12.32 15.80
CA PRO B 552 -41.62 11.84 14.58
C PRO B 552 -40.89 10.67 13.95
N PHE B 553 -41.58 9.61 13.53
CA PHE B 553 -40.98 8.36 13.01
C PHE B 553 -40.06 8.60 11.79
N MET B 554 -40.38 9.61 10.99
CA MET B 554 -39.58 10.03 9.85
C MET B 554 -38.19 10.55 10.25
N TYR B 555 -38.00 11.04 11.48
CA TYR B 555 -36.67 11.39 12.01
C TYR B 555 -35.79 10.17 12.22
N CYS B 556 -36.28 9.11 12.83
CA CYS B 556 -35.51 7.89 13.07
C CYS B 556 -35.07 7.31 11.71
N ILE B 557 -35.97 7.21 10.72
CA ILE B 557 -35.66 6.79 9.36
C ILE B 557 -34.61 7.69 8.73
N THR B 558 -34.85 8.99 8.65
CA THR B 558 -33.93 9.94 8.04
C THR B 558 -32.57 9.93 8.75
N TYR B 559 -32.51 9.88 10.07
CA TYR B 559 -31.24 9.82 10.78
C TYR B 559 -30.52 8.49 10.56
N ALA B 560 -31.20 7.34 10.48
CA ALA B 560 -30.56 6.10 10.14
C ALA B 560 -29.93 6.17 8.73
N ALA B 561 -30.61 6.74 7.71
CA ALA B 561 -30.05 6.97 6.39
C ALA B 561 -28.86 7.96 6.41
N PHE B 562 -28.94 9.05 7.15
CA PHE B 562 -27.85 10.00 7.31
C PHE B 562 -26.65 9.40 8.05
N ALA B 563 -26.86 8.63 9.11
CA ALA B 563 -25.80 7.95 9.83
C ALA B 563 -25.08 6.93 8.93
N ILE B 564 -25.81 6.15 8.11
CA ILE B 564 -25.17 5.20 7.23
C ILE B 564 -24.42 5.94 6.11
N ILE B 565 -25.03 6.92 5.44
CA ILE B 565 -24.41 7.64 4.33
C ILE B 565 -23.34 8.64 4.76
N ALA B 566 -23.64 9.58 5.65
CA ALA B 566 -22.69 10.61 6.05
C ALA B 566 -21.63 10.04 7.00
N THR B 567 -22.05 9.51 8.14
CA THR B 567 -21.12 9.12 9.20
C THR B 567 -20.36 7.87 8.84
N LEU B 568 -21.04 6.73 8.63
CA LEU B 568 -20.38 5.46 8.43
C LEU B 568 -19.61 5.43 7.13
N LEU B 569 -20.26 5.68 6.00
CA LEU B 569 -19.71 5.59 4.66
C LEU B 569 -18.80 6.78 4.34
N MET B 570 -19.34 7.98 4.17
CA MET B 570 -18.63 9.12 3.59
C MET B 570 -17.44 9.57 4.42
N LEU B 571 -17.62 9.80 5.72
CA LEU B 571 -16.53 10.26 6.56
C LEU B 571 -15.37 9.25 6.65
N ASN B 572 -15.65 7.94 6.65
CA ASN B 572 -14.61 6.94 6.65
C ASN B 572 -14.03 6.74 5.26
N LEU B 573 -14.81 6.97 4.22
CA LEU B 573 -14.31 7.01 2.88
C LEU B 573 -13.35 8.22 2.69
N PHE B 574 -13.54 9.33 3.39
CA PHE B 574 -12.57 10.41 3.40
C PHE B 574 -11.20 10.02 4.00
N ILE B 575 -11.22 9.29 5.13
CA ILE B 575 -10.04 8.64 5.67
C ILE B 575 -9.39 7.68 4.63
N ALA B 576 -10.19 6.83 4.00
CA ALA B 576 -9.66 5.86 3.03
C ALA B 576 -9.03 6.55 1.82
N MET B 577 -9.69 7.60 1.32
CA MET B 577 -9.22 8.43 0.22
C MET B 577 -7.92 9.16 0.55
N MET B 578 -7.83 9.86 1.68
CA MET B 578 -6.57 10.51 2.06
C MET B 578 -5.44 9.50 2.29
N GLY B 579 -5.72 8.33 2.87
CA GLY B 579 -4.74 7.27 3.02
C GLY B 579 -4.15 6.81 1.68
N ASP B 580 -5.00 6.63 0.68
CA ASP B 580 -4.55 6.32 -0.67
C ASP B 580 -3.77 7.49 -1.31
N THR B 581 -4.25 8.72 -1.19
CA THR B 581 -3.54 9.91 -1.68
C THR B 581 -2.17 10.06 -1.03
N HIS B 582 -2.05 9.80 0.27
CA HIS B 582 -0.83 10.03 1.03
C HIS B 582 0.35 9.21 0.51
N TRP B 583 0.20 7.91 0.28
CA TRP B 583 1.34 7.10 -0.15
C TRP B 583 1.80 7.43 -1.57
N ARG B 584 0.86 7.88 -2.40
CA ARG B 584 1.13 8.22 -3.84
C ARG B 584 1.66 9.66 -3.98
N VAL B 585 1.43 10.52 -3.02
CA VAL B 585 1.97 11.89 -2.92
C VAL B 585 3.29 11.99 -2.13
N ALA B 586 3.65 11.00 -1.32
CA ALA B 586 4.78 11.06 -0.40
C ALA B 586 6.13 11.51 -1.00
N GLN B 587 6.51 11.05 -2.20
CA GLN B 587 7.74 11.50 -2.86
C GLN B 587 7.67 12.94 -3.39
N GLU B 588 6.58 13.31 -4.07
CA GLU B 588 6.29 14.68 -4.50
C GLU B 588 6.40 15.68 -3.34
N ARG B 589 5.85 15.34 -2.17
CA ARG B 589 5.93 16.10 -0.93
C ARG B 589 7.38 16.35 -0.48
N ASP B 590 8.25 15.35 -0.58
CA ASP B 590 9.64 15.46 -0.14
C ASP B 590 10.51 16.27 -1.11
N GLU B 591 10.29 16.12 -2.41
CA GLU B 591 10.91 16.96 -3.43
C GLU B 591 10.51 18.43 -3.26
N LEU B 592 9.21 18.68 -3.07
CA LEU B 592 8.68 20.02 -2.80
C LEU B 592 9.30 20.62 -1.55
N TRP B 593 9.54 19.83 -0.51
CA TRP B 593 10.17 20.36 0.69
C TRP B 593 11.63 20.77 0.44
N ARG B 594 12.40 20.00 -0.31
CA ARG B 594 13.81 20.33 -0.62
C ARG B 594 13.85 21.60 -1.47
N ALA B 595 12.91 21.76 -2.41
CA ALA B 595 12.71 23.01 -3.14
C ALA B 595 12.28 24.21 -2.26
N GLN B 596 11.39 24.03 -1.27
CA GLN B 596 11.01 25.11 -0.34
C GLN B 596 12.19 25.60 0.50
N VAL B 597 13.09 24.73 0.93
CA VAL B 597 14.29 25.16 1.67
C VAL B 597 15.13 26.09 0.79
N VAL B 598 15.33 25.76 -0.49
CA VAL B 598 16.06 26.63 -1.41
C VAL B 598 15.31 27.93 -1.65
N ALA B 599 14.01 27.90 -1.92
CA ALA B 599 13.25 29.11 -2.09
C ALA B 599 13.22 30.02 -0.87
N THR B 600 13.25 29.47 0.34
CA THR B 600 13.47 30.25 1.56
C THR B 600 14.86 30.88 1.58
N THR B 601 15.90 30.15 1.16
CA THR B 601 17.30 30.59 1.20
C THR B 601 17.51 31.78 0.28
N VAL B 602 16.96 31.62 -0.94
CA VAL B 602 17.03 32.63 -2.00
C VAL B 602 16.28 33.90 -1.55
N MET B 603 15.06 33.76 -1.05
CA MET B 603 14.26 34.87 -0.56
C MET B 603 14.93 35.62 0.59
N LEU B 604 15.46 34.92 1.60
CA LEU B 604 16.15 35.56 2.72
C LEU B 604 17.35 36.36 2.25
N GLU B 605 18.22 35.77 1.44
CA GLU B 605 19.42 36.48 0.93
C GLU B 605 19.07 37.71 0.06
N ARG B 606 18.00 37.64 -0.69
CA ARG B 606 17.59 38.80 -1.49
C ARG B 606 16.98 39.89 -0.60
N LYS B 607 16.21 39.54 0.43
CA LYS B 607 15.48 40.53 1.26
C LYS B 607 16.26 41.07 2.45
N MET B 608 17.13 40.28 3.08
CA MET B 608 17.92 40.71 4.23
C MET B 608 19.06 41.66 3.83
N PRO B 609 19.50 42.53 4.74
CA PRO B 609 20.72 43.34 4.56
C PRO B 609 22.00 42.54 4.17
N ARG B 610 22.74 42.99 3.17
CA ARG B 610 23.91 42.25 2.62
C ARG B 610 25.02 41.90 3.60
N PHE B 611 25.25 42.69 4.64
CA PHE B 611 26.24 42.36 5.68
C PHE B 611 25.92 41.06 6.44
N LEU B 612 24.66 40.63 6.47
CA LEU B 612 24.23 39.36 7.05
C LEU B 612 24.41 38.18 6.09
N TRP B 613 24.54 38.42 4.79
CA TRP B 613 24.75 37.42 3.76
C TRP B 613 26.05 37.67 3.00
N PRO B 614 27.22 37.37 3.58
CA PRO B 614 28.47 37.37 2.88
C PRO B 614 28.43 36.50 1.63
N ARG B 615 29.04 36.96 0.53
CA ARG B 615 29.07 36.27 -0.75
C ARG B 615 29.59 34.84 -0.57
N SER B 616 28.87 33.89 -1.15
CA SER B 616 29.10 32.46 -0.93
C SER B 616 30.15 31.88 -1.85
N GLY B 617 30.78 30.79 -1.42
CA GLY B 617 31.91 30.19 -2.09
C GLY B 617 33.23 30.87 -1.79
N ILE B 618 34.20 30.59 -2.64
CA ILE B 618 35.63 30.91 -2.50
C ILE B 618 35.96 32.05 -3.45
N CYS B 619 36.50 33.15 -2.95
CA CYS B 619 36.91 34.27 -3.80
C CYS B 619 38.17 33.88 -4.59
N GLY B 620 38.08 33.82 -5.92
CA GLY B 620 39.22 33.47 -6.76
C GLY B 620 40.39 34.45 -6.68
N TYR B 621 40.12 35.73 -6.38
CA TYR B 621 41.11 36.80 -6.41
C TYR B 621 42.25 36.59 -5.40
N GLU B 622 41.96 36.00 -4.23
CA GLU B 622 43.00 35.63 -3.24
C GLU B 622 44.05 34.65 -3.78
N TYR B 623 43.69 33.82 -4.76
CA TYR B 623 44.50 32.70 -5.26
C TYR B 623 44.94 32.89 -6.72
N GLY B 624 44.75 34.07 -7.31
CA GLY B 624 45.13 34.37 -8.69
C GLY B 624 44.21 33.80 -9.73
N LEU B 625 42.98 33.43 -9.39
CA LEU B 625 41.98 32.90 -10.34
C LEU B 625 41.10 34.00 -10.98
N GLY B 626 41.45 35.27 -10.81
CA GLY B 626 40.69 36.41 -11.32
C GLY B 626 39.46 36.74 -10.48
N ASP B 627 38.50 37.45 -11.08
CA ASP B 627 37.32 37.99 -10.40
C ASP B 627 36.22 36.96 -10.09
N ARG B 628 36.46 35.69 -10.37
CA ARG B 628 35.37 34.69 -10.22
C ARG B 628 35.31 34.07 -8.83
N TRP B 629 34.17 33.50 -8.53
CA TRP B 629 33.98 32.83 -7.24
C TRP B 629 33.65 31.36 -7.48
N PHE B 630 34.10 30.48 -6.60
CA PHE B 630 34.06 29.04 -6.82
C PHE B 630 33.42 28.28 -5.67
N LEU B 631 32.91 27.09 -5.94
CA LEU B 631 32.64 26.09 -4.93
C LEU B 631 33.62 24.94 -5.10
N ARG B 632 34.29 24.56 -4.03
CA ARG B 632 35.14 23.35 -4.11
C ARG B 632 34.33 22.20 -3.55
N VAL B 633 34.19 21.16 -4.30
CA VAL B 633 33.53 19.93 -3.90
C VAL B 633 34.59 18.84 -3.85
N GLU B 634 34.64 18.11 -2.75
CA GLU B 634 35.44 16.90 -2.64
C GLU B 634 34.51 15.69 -2.63
N ASN B 635 34.79 14.69 -3.44
CA ASN B 635 33.97 13.49 -3.53
C ASN B 635 34.78 12.21 -3.71
N HIS B 636 34.14 11.09 -3.37
CA HIS B 636 34.65 9.72 -3.45
C HIS B 636 33.98 8.98 -4.61
N HIS B 637 34.75 8.20 -5.39
CA HIS B 637 34.27 7.53 -6.59
C HIS B 637 34.86 6.11 -6.74
N ASP C 28 32.90 25.14 10.33
CA ASP C 28 34.19 25.86 10.06
C ASP C 28 35.19 25.01 9.25
N TRP C 29 35.49 23.77 9.63
CA TRP C 29 36.48 22.87 8.99
C TRP C 29 36.44 22.79 7.47
N GLU C 30 35.23 22.82 6.87
CA GLU C 30 35.11 22.86 5.40
C GLU C 30 35.76 24.10 4.81
N GLN C 31 35.42 25.32 5.28
CA GLN C 31 36.04 26.54 4.72
C GLN C 31 37.57 26.54 4.92
N TYR C 32 38.06 26.01 6.05
CA TYR C 32 39.49 25.89 6.29
C TYR C 32 40.17 24.93 5.32
N ARG C 33 39.61 23.71 5.21
CA ARG C 33 40.16 22.72 4.24
C ARG C 33 40.09 23.34 2.84
N ASP C 34 38.93 23.87 2.46
CA ASP C 34 38.82 24.54 1.16
C ASP C 34 39.97 25.52 0.94
N ARG C 35 40.26 26.42 1.88
CA ARG C 35 41.39 27.35 1.80
C ARG C 35 42.72 26.62 1.61
N VAL C 36 42.98 25.58 2.38
CA VAL C 36 44.20 24.74 2.26
C VAL C 36 44.35 24.19 0.85
N ASN C 37 43.28 23.66 0.27
CA ASN C 37 43.28 23.16 -1.09
C ASN C 37 43.55 24.27 -2.10
N MET C 38 42.92 25.43 -1.98
CA MET C 38 43.20 26.57 -2.85
C MET C 38 44.64 27.03 -2.75
N LEU C 39 45.18 27.08 -1.54
CA LEU C 39 46.51 27.55 -1.21
C LEU C 39 47.59 26.57 -1.69
N GLN C 40 47.33 25.26 -1.68
CA GLN C 40 48.20 24.26 -2.31
C GLN C 40 48.35 24.52 -3.80
N GLN C 41 47.23 24.68 -4.50
CA GLN C 41 47.23 24.94 -5.94
C GLN C 41 47.88 26.29 -6.28
N GLU C 42 47.65 27.33 -5.49
CA GLU C 42 48.33 28.62 -5.58
C GLU C 42 49.85 28.45 -5.55
N ARG C 43 50.37 27.65 -4.66
CA ARG C 43 51.84 27.56 -4.55
C ARG C 43 52.36 26.77 -5.74
N ILE C 44 51.69 25.70 -6.09
CA ILE C 44 52.08 24.89 -7.25
C ILE C 44 52.15 25.78 -8.49
N ARG C 45 51.11 26.58 -8.74
CA ARG C 45 51.00 27.48 -9.89
C ARG C 45 52.03 28.61 -9.83
N ASP C 46 52.37 29.09 -8.65
CA ASP C 46 53.44 30.07 -8.40
C ASP C 46 54.86 29.54 -8.63
N SER C 47 55.10 28.23 -8.54
CA SER C 47 56.46 27.66 -8.48
C SER C 47 56.74 26.82 -9.72
N PRO C 48 57.75 27.14 -10.55
CA PRO C 48 57.97 26.41 -11.80
C PRO C 48 58.37 24.94 -11.60
N LEU C 49 59.09 24.62 -10.52
CA LEU C 49 59.38 23.23 -10.13
C LEU C 49 58.10 22.42 -9.86
N LEU C 50 57.21 22.93 -8.99
CA LEU C 50 55.98 22.24 -8.61
C LEU C 50 54.99 22.19 -9.79
N GLN C 51 54.89 23.25 -10.59
CA GLN C 51 54.11 23.22 -11.82
C GLN C 51 54.65 22.17 -12.78
N ALA C 52 55.96 22.06 -12.99
CA ALA C 52 56.54 21.04 -13.85
C ALA C 52 56.26 19.62 -13.33
N ALA C 53 56.35 19.41 -12.02
CA ALA C 53 56.00 18.15 -11.38
C ALA C 53 54.53 17.75 -11.55
N LYS C 54 53.59 18.70 -11.50
CA LYS C 54 52.16 18.49 -11.78
C LYS C 54 51.87 18.26 -13.26
N GLU C 55 52.42 19.11 -14.11
CA GLU C 55 52.22 19.12 -15.56
C GLU C 55 52.92 17.94 -16.27
N ASN C 56 53.86 17.28 -15.60
CA ASN C 56 54.81 16.33 -16.18
C ASN C 56 55.67 16.98 -17.28
N ASP C 57 56.08 18.23 -17.08
CA ASP C 57 56.93 18.93 -18.02
C ASP C 57 58.39 18.50 -17.82
N LEU C 58 58.74 17.35 -18.40
CA LEU C 58 60.09 16.78 -18.37
C LEU C 58 61.12 17.79 -18.88
N ARG C 59 60.83 18.49 -19.97
CA ARG C 59 61.74 19.49 -20.54
C ARG C 59 61.99 20.65 -19.56
N LEU C 60 60.97 21.18 -18.89
CA LEU C 60 61.20 22.19 -17.86
C LEU C 60 62.01 21.63 -16.67
N LEU C 61 61.75 20.41 -16.18
CA LEU C 61 62.58 19.80 -15.15
C LEU C 61 64.05 19.64 -15.62
N LYS C 62 64.27 19.17 -16.85
CA LYS C 62 65.60 19.03 -17.47
C LYS C 62 66.34 20.34 -17.69
N ILE C 63 65.69 21.49 -17.55
CA ILE C 63 66.34 22.81 -17.49
C ILE C 63 66.52 23.23 -16.02
N LEU C 64 65.45 23.15 -15.25
CA LEU C 64 65.31 23.74 -13.92
C LEU C 64 66.13 23.01 -12.84
N LEU C 65 66.29 21.69 -12.96
CA LEU C 65 67.02 20.86 -11.99
C LEU C 65 68.55 21.01 -12.06
N LEU C 66 69.08 21.76 -13.02
CA LEU C 66 70.52 21.84 -13.29
C LEU C 66 71.24 22.97 -12.52
N ASN C 67 70.59 24.10 -12.22
CA ASN C 67 71.24 25.26 -11.61
C ASN C 67 71.75 24.98 -10.19
N ASP C 71 66.54 25.43 -5.76
CA ASP C 71 66.23 24.73 -4.49
C ASP C 71 65.26 23.56 -4.72
N PHE C 72 65.67 22.32 -4.41
CA PHE C 72 64.85 21.11 -4.49
C PHE C 72 63.95 20.86 -3.27
N GLN C 73 64.27 21.46 -2.13
CA GLN C 73 63.59 21.27 -0.84
C GLN C 73 62.43 22.25 -0.63
N GLN C 74 62.16 23.14 -1.60
CA GLN C 74 61.05 24.10 -1.56
C GLN C 74 59.70 23.39 -1.46
N ARG C 75 58.75 24.05 -0.81
CA ARG C 75 57.51 23.45 -0.34
C ARG C 75 56.25 24.11 -0.92
N GLY C 76 55.24 23.29 -1.20
CA GLY C 76 53.85 23.72 -1.30
C GLY C 76 53.29 24.20 0.04
N ALA C 77 52.06 24.70 0.06
CA ALA C 77 51.48 25.39 1.21
C ALA C 77 51.41 24.57 2.51
N VAL C 78 51.36 23.23 2.41
CA VAL C 78 51.27 22.31 3.57
C VAL C 78 52.58 21.60 3.92
N GLY C 79 53.70 22.03 3.33
CA GLY C 79 54.99 21.37 3.48
C GLY C 79 55.23 20.20 2.53
N GLU C 80 54.39 20.00 1.52
CA GLU C 80 54.60 19.04 0.42
C GLU C 80 55.81 19.43 -0.45
N THR C 81 56.62 18.45 -0.86
CA THR C 81 57.72 18.65 -1.80
C THR C 81 57.23 18.53 -3.26
N ALA C 82 58.08 18.88 -4.23
CA ALA C 82 57.81 18.57 -5.64
C ALA C 82 57.56 17.08 -5.91
N LEU C 83 58.15 16.18 -5.13
CA LEU C 83 57.94 14.74 -5.26
C LEU C 83 56.55 14.31 -4.75
N HIS C 84 56.04 14.94 -3.70
CA HIS C 84 54.62 14.79 -3.31
C HIS C 84 53.71 15.22 -4.43
N VAL C 85 54.00 16.35 -5.08
CA VAL C 85 53.25 16.83 -6.24
C VAL C 85 53.31 15.83 -7.41
N ALA C 86 54.49 15.33 -7.77
CA ALA C 86 54.64 14.35 -8.83
C ALA C 86 53.87 13.06 -8.54
N ALA C 87 53.92 12.57 -7.31
CA ALA C 87 53.16 11.38 -6.86
C ALA C 87 51.67 11.62 -6.92
N LEU C 88 51.21 12.79 -6.50
CA LEU C 88 49.80 13.18 -6.48
C LEU C 88 49.19 13.24 -7.89
N TYR C 89 49.90 13.83 -8.84
CA TYR C 89 49.49 13.85 -10.25
C TYR C 89 49.90 12.59 -11.02
N ASP C 90 50.39 11.58 -10.32
CA ASP C 90 50.60 10.23 -10.82
C ASP C 90 51.64 10.19 -11.97
N ASN C 91 52.67 11.03 -11.85
CA ASN C 91 53.72 11.27 -12.84
C ASN C 91 55.04 10.56 -12.49
N LEU C 92 55.17 9.28 -12.84
CA LEU C 92 56.38 8.51 -12.60
C LEU C 92 57.62 9.13 -13.22
N GLU C 93 57.47 9.69 -14.42
CA GLU C 93 58.56 10.28 -15.19
C GLU C 93 59.16 11.50 -14.47
N ALA C 94 58.33 12.46 -14.05
CA ALA C 94 58.76 13.56 -13.20
C ALA C 94 59.38 13.09 -11.88
N ALA C 95 58.80 12.09 -11.22
CA ALA C 95 59.22 11.61 -9.91
C ALA C 95 60.60 10.96 -9.99
N THR C 96 60.88 10.15 -10.99
CA THR C 96 62.21 9.62 -11.18
C THR C 96 63.22 10.76 -11.49
N LEU C 97 62.89 11.82 -12.24
CA LEU C 97 63.80 12.97 -12.37
C LEU C 97 64.09 13.64 -11.02
N LEU C 98 63.06 13.87 -10.20
CA LEU C 98 63.19 14.57 -8.93
C LEU C 98 64.07 13.80 -7.94
N MET C 99 63.95 12.47 -7.90
CA MET C 99 64.85 11.59 -7.13
C MET C 99 66.27 11.50 -7.72
N GLU C 100 66.42 11.42 -9.05
CA GLU C 100 67.73 11.50 -9.71
C GLU C 100 68.50 12.79 -9.35
N ALA C 101 67.80 13.92 -9.27
CA ALA C 101 68.36 15.20 -8.85
C ALA C 101 68.56 15.35 -7.33
N ALA C 102 67.63 14.86 -6.51
CA ALA C 102 67.63 15.06 -5.06
C ALA C 102 66.97 13.87 -4.32
N PRO C 103 67.68 12.74 -4.08
CA PRO C 103 67.04 11.54 -3.60
C PRO C 103 66.45 11.65 -2.16
N GLU C 104 66.94 12.60 -1.36
CA GLU C 104 66.42 12.84 -0.01
C GLU C 104 64.92 13.21 0.02
N LEU C 105 64.34 13.70 -1.10
CA LEU C 105 62.91 13.96 -1.21
C LEU C 105 62.05 12.73 -0.91
N ALA C 106 62.51 11.52 -1.20
CA ALA C 106 61.78 10.29 -0.88
C ALA C 106 61.51 10.12 0.63
N LYS C 107 62.36 10.68 1.48
CA LYS C 107 62.25 10.60 2.94
C LYS C 107 61.40 11.70 3.57
N GLU C 108 61.02 12.74 2.83
CA GLU C 108 60.42 13.96 3.39
C GLU C 108 58.94 13.80 3.79
N PRO C 109 58.54 14.16 5.03
CA PRO C 109 57.14 14.33 5.41
C PRO C 109 56.63 15.73 5.04
N ALA C 110 55.32 15.85 4.80
CA ALA C 110 54.60 17.12 4.84
C ALA C 110 54.50 17.65 6.28
N LEU C 111 54.31 18.96 6.47
CA LEU C 111 54.63 19.64 7.73
C LEU C 111 53.47 20.32 8.45
N CYS C 112 52.39 20.67 7.75
CA CYS C 112 51.26 21.44 8.30
C CYS C 112 50.09 20.55 8.70
N GLU C 113 49.30 20.95 9.71
CA GLU C 113 48.31 20.10 10.41
C GLU C 113 47.37 19.26 9.53
N PRO C 114 46.89 19.70 8.35
CA PRO C 114 46.03 18.87 7.52
C PRO C 114 46.71 17.59 7.06
N PHE C 115 47.97 17.68 6.61
CA PHE C 115 48.69 16.60 5.95
C PHE C 115 49.97 16.18 6.66
N VAL C 116 50.25 16.67 7.87
CA VAL C 116 51.52 16.42 8.57
C VAL C 116 51.89 14.94 8.64
N GLY C 117 53.14 14.63 8.31
CA GLY C 117 53.67 13.29 8.24
C GLY C 117 53.45 12.56 6.92
N GLN C 118 52.57 13.05 6.03
CA GLN C 118 52.33 12.42 4.73
C GLN C 118 53.59 12.43 3.87
N THR C 119 53.91 11.30 3.26
CA THR C 119 55.07 11.13 2.36
C THR C 119 54.61 10.91 0.92
N ALA C 120 55.50 11.09 -0.05
CA ALA C 120 55.24 10.68 -1.44
C ALA C 120 54.94 9.17 -1.54
N LEU C 121 55.40 8.35 -0.59
CA LEU C 121 55.06 6.92 -0.55
C LEU C 121 53.59 6.69 -0.19
N HIS C 122 53.03 7.38 0.80
CA HIS C 122 51.59 7.33 1.07
C HIS C 122 50.76 7.67 -0.17
N ILE C 123 51.21 8.66 -0.94
CA ILE C 123 50.51 9.17 -2.13
C ILE C 123 50.64 8.14 -3.28
N ALA C 124 51.82 7.59 -3.52
CA ALA C 124 52.01 6.56 -4.53
C ALA C 124 51.21 5.29 -4.30
N VAL C 125 51.05 4.89 -3.03
CA VAL C 125 50.09 3.86 -2.62
C VAL C 125 48.63 4.28 -2.84
N MET C 126 48.19 5.47 -2.44
CA MET C 126 46.83 5.95 -2.75
C MET C 126 46.52 5.83 -4.25
N ASN C 127 47.46 6.26 -5.09
CA ASN C 127 47.35 6.23 -6.53
C ASN C 127 47.67 4.84 -7.14
N GLN C 128 47.93 3.80 -6.35
CA GLN C 128 48.22 2.43 -6.80
C GLN C 128 49.32 2.31 -7.84
N ASN C 129 50.26 3.21 -7.85
CA ASN C 129 51.38 3.22 -8.78
C ASN C 129 52.53 2.35 -8.26
N LEU C 130 52.50 1.06 -8.64
CA LEU C 130 53.46 0.07 -8.17
C LEU C 130 54.90 0.44 -8.51
N ASN C 131 55.17 0.95 -9.73
CA ASN C 131 56.48 1.34 -10.15
C ASN C 131 57.01 2.57 -9.38
N LEU C 132 56.16 3.57 -9.16
CA LEU C 132 56.51 4.73 -8.33
C LEU C 132 56.73 4.33 -6.85
N VAL C 133 55.89 3.44 -6.29
CA VAL C 133 56.13 2.91 -4.94
C VAL C 133 57.51 2.23 -4.88
N ARG C 134 57.80 1.26 -5.74
CA ARG C 134 59.06 0.54 -5.79
C ARG C 134 60.26 1.45 -6.04
N ALA C 135 60.08 2.52 -6.83
CA ALA C 135 61.10 3.58 -6.99
C ALA C 135 61.36 4.38 -5.69
N LEU C 136 60.33 4.73 -4.91
CA LEU C 136 60.51 5.46 -3.64
C LEU C 136 61.18 4.54 -2.62
N LEU C 137 60.87 3.24 -2.65
CA LEU C 137 61.49 2.27 -1.76
C LEU C 137 62.93 1.97 -2.10
N ALA C 138 63.29 2.00 -3.37
CA ALA C 138 64.65 1.96 -3.87
C ALA C 138 65.47 3.16 -3.40
N ARG C 139 64.90 4.37 -3.33
CA ARG C 139 65.49 5.52 -2.65
C ARG C 139 65.44 5.51 -1.13
N GLY C 140 64.84 4.48 -0.51
CA GLY C 140 64.74 4.36 0.94
C GLY C 140 63.74 5.30 1.62
N ALA C 141 62.57 5.57 0.98
CA ALA C 141 61.38 6.08 1.63
C ALA C 141 60.97 5.15 2.76
N SER C 142 60.51 5.71 3.87
CA SER C 142 60.17 4.96 5.08
C SER C 142 58.86 4.19 4.94
N VAL C 143 58.90 2.86 5.06
CA VAL C 143 57.69 2.03 5.12
C VAL C 143 56.85 2.24 6.38
N SER C 144 57.40 2.88 7.42
CA SER C 144 56.78 3.07 8.73
C SER C 144 56.46 4.53 9.05
N ALA C 145 56.49 5.44 8.07
CA ALA C 145 56.08 6.83 8.26
C ALA C 145 54.59 6.93 8.61
N ARG C 146 54.22 7.78 9.58
CA ARG C 146 52.83 8.02 9.96
C ARG C 146 52.33 9.33 9.38
N ALA C 147 51.32 9.27 8.53
CA ALA C 147 50.55 10.42 8.08
C ALA C 147 49.56 10.81 9.20
N THR C 148 50.05 11.46 10.25
CA THR C 148 49.28 11.73 11.48
C THR C 148 48.36 12.95 11.39
N GLY C 149 48.42 13.74 10.32
CA GLY C 149 47.59 14.94 10.15
C GLY C 149 46.08 14.71 10.07
N ALA C 150 45.31 15.78 10.27
CA ALA C 150 43.86 15.75 10.42
C ALA C 150 43.12 15.13 9.22
N ALA C 151 43.69 15.17 8.02
CA ALA C 151 43.14 14.52 6.82
C ALA C 151 43.13 12.98 6.87
N PHE C 152 43.77 12.38 7.87
CA PHE C 152 43.96 10.93 7.98
C PHE C 152 43.31 10.30 9.22
N ARG C 153 42.57 11.09 9.96
CA ARG C 153 41.99 10.60 11.21
C ARG C 153 40.57 10.14 10.95
N ARG C 154 40.11 9.04 11.56
CA ARG C 154 38.69 8.68 11.40
C ARG C 154 37.85 9.83 11.94
N SER C 155 37.05 10.43 11.10
CA SER C 155 36.17 11.54 11.44
C SER C 155 35.05 11.70 10.40
N PRO C 156 33.94 12.39 10.73
CA PRO C 156 32.93 12.74 9.74
C PRO C 156 33.44 13.77 8.71
N HIS C 157 34.55 14.45 8.99
CA HIS C 157 35.19 15.37 8.05
C HIS C 157 35.84 14.65 6.87
N ASN C 158 36.35 13.44 7.07
CA ASN C 158 37.13 12.71 6.07
C ASN C 158 36.28 11.65 5.36
N LEU C 159 36.36 11.60 4.04
CA LEU C 159 35.59 10.66 3.20
C LEU C 159 36.14 9.23 3.21
N ILE C 160 37.41 9.06 3.57
CA ILE C 160 38.09 7.78 3.77
C ILE C 160 38.78 7.77 5.12
N TYR C 161 38.99 6.58 5.67
CA TYR C 161 39.91 6.35 6.75
C TYR C 161 40.76 5.13 6.43
N TYR C 162 42.01 5.38 6.05
CA TYR C 162 42.98 4.34 5.69
C TYR C 162 44.02 4.12 6.77
N GLY C 163 43.83 4.61 7.99
CA GLY C 163 44.85 4.61 9.03
C GLY C 163 45.94 5.64 8.75
N GLU C 164 47.17 5.41 9.22
CA GLU C 164 48.29 6.37 9.10
C GLU C 164 49.54 5.83 8.39
N HIS C 165 49.64 4.53 8.12
CA HIS C 165 50.85 3.90 7.57
C HIS C 165 50.67 3.47 6.11
N PRO C 166 51.73 3.42 5.29
CA PRO C 166 51.65 2.98 3.89
C PRO C 166 51.03 1.59 3.72
N LEU C 167 51.32 0.65 4.62
CA LEU C 167 50.69 -0.67 4.59
C LEU C 167 49.17 -0.63 4.81
N SER C 168 48.69 0.20 5.73
CA SER C 168 47.27 0.41 5.95
C SER C 168 46.59 0.98 4.70
N PHE C 169 47.24 1.91 4.00
CA PHE C 169 46.73 2.44 2.76
C PHE C 169 46.68 1.34 1.69
N ALA C 170 47.76 0.56 1.55
CA ALA C 170 47.87 -0.51 0.54
C ALA C 170 46.80 -1.60 0.70
N ALA C 171 46.49 -1.93 1.94
CA ALA C 171 45.36 -2.78 2.28
C ALA C 171 44.00 -2.17 1.92
N CYS C 172 43.77 -0.89 2.20
CA CYS C 172 42.49 -0.25 1.93
C CYS C 172 42.22 0.05 0.45
N VAL C 173 43.26 0.33 -0.34
CA VAL C 173 43.14 0.39 -1.81
C VAL C 173 43.08 -1.01 -2.45
N GLY C 174 43.28 -2.09 -1.69
CA GLY C 174 43.14 -3.45 -2.21
C GLY C 174 44.33 -3.90 -3.06
N SER C 175 45.50 -3.28 -2.97
CA SER C 175 46.64 -3.66 -3.81
C SER C 175 47.46 -4.82 -3.20
N GLU C 176 47.22 -6.06 -3.65
CA GLU C 176 48.02 -7.21 -3.20
C GLU C 176 49.50 -7.06 -3.53
N GLU C 177 49.84 -6.56 -4.72
CA GLU C 177 51.24 -6.29 -5.10
C GLU C 177 51.94 -5.33 -4.18
N ILE C 178 51.30 -4.21 -3.85
CA ILE C 178 51.89 -3.20 -2.97
C ILE C 178 51.93 -3.66 -1.49
N VAL C 179 50.89 -4.33 -0.99
CA VAL C 179 50.91 -4.95 0.34
C VAL C 179 52.07 -5.93 0.49
N ARG C 180 52.31 -6.77 -0.51
CA ARG C 180 53.48 -7.72 -0.48
C ARG C 180 54.78 -6.93 -0.58
N LEU C 181 54.87 -6.01 -1.54
CA LEU C 181 56.11 -5.23 -1.70
C LEU C 181 56.51 -4.45 -0.44
N LEU C 182 55.52 -3.90 0.32
CA LEU C 182 55.78 -3.17 1.57
C LEU C 182 56.20 -4.12 2.70
N ILE C 183 55.60 -5.29 2.85
CA ILE C 183 56.04 -6.26 3.85
C ILE C 183 57.41 -6.83 3.49
N GLU C 184 57.72 -7.03 2.21
CA GLU C 184 59.08 -7.38 1.76
C GLU C 184 60.13 -6.32 2.14
N HIS C 185 59.78 -5.03 2.13
CA HIS C 185 60.65 -3.91 2.57
C HIS C 185 60.54 -3.65 4.08
N GLY C 186 59.88 -4.49 4.89
CA GLY C 186 59.92 -4.42 6.35
C GLY C 186 58.75 -3.64 6.98
N ALA C 187 57.69 -3.36 6.23
CA ALA C 187 56.52 -2.83 6.87
C ALA C 187 55.95 -3.78 7.91
N ASP C 188 55.61 -3.24 9.07
CA ASP C 188 55.11 -3.99 10.21
C ASP C 188 53.58 -4.10 10.17
N ILE C 189 53.04 -5.32 9.98
CA ILE C 189 51.60 -5.59 10.02
C ILE C 189 50.95 -5.17 11.36
N ARG C 190 51.72 -5.08 12.44
CA ARG C 190 51.09 -4.83 13.77
C ARG C 190 51.13 -3.35 14.12
N ALA C 191 51.66 -2.52 13.25
CA ALA C 191 51.66 -1.07 13.43
C ALA C 191 50.25 -0.54 13.76
N GLN C 192 50.14 0.31 14.78
CA GLN C 192 48.88 0.90 15.23
C GLN C 192 48.87 2.40 15.00
N ASP C 193 47.73 2.94 14.59
CA ASP C 193 47.56 4.38 14.43
C ASP C 193 47.14 5.11 15.73
N SER C 194 46.76 6.38 15.65
CA SER C 194 46.33 7.20 16.78
C SER C 194 45.05 6.74 17.50
N LEU C 195 44.24 5.86 16.89
CA LEU C 195 43.11 5.21 17.55
C LEU C 195 43.52 3.82 18.10
N GLY C 196 44.78 3.40 17.91
CA GLY C 196 45.26 2.06 18.22
C GLY C 196 44.82 1.02 17.18
N ASN C 197 44.30 1.43 16.04
CA ASN C 197 43.84 0.48 15.02
C ASN C 197 45.04 -0.10 14.27
N THR C 198 45.18 -1.42 14.32
CA THR C 198 46.04 -2.17 13.40
C THR C 198 45.39 -2.24 12.03
N VAL C 199 46.10 -2.67 11.00
CA VAL C 199 45.55 -2.81 9.66
C VAL C 199 44.29 -3.69 9.62
N LEU C 200 44.17 -4.69 10.48
CA LEU C 200 42.98 -5.54 10.54
C LEU C 200 41.74 -4.76 10.99
N HIS C 201 41.89 -3.85 11.96
CA HIS C 201 40.84 -2.92 12.32
C HIS C 201 40.52 -1.96 11.16
N ILE C 202 41.53 -1.43 10.47
CA ILE C 202 41.30 -0.49 9.36
C ILE C 202 40.52 -1.18 8.25
N LEU C 203 40.88 -2.41 7.89
CA LEU C 203 40.18 -3.21 6.89
C LEU C 203 38.70 -3.45 7.25
N ILE C 204 38.43 -3.80 8.49
CA ILE C 204 37.05 -3.97 8.93
C ILE C 204 36.21 -2.67 8.91
N LEU C 205 36.83 -1.51 8.89
CA LEU C 205 36.16 -0.23 8.75
C LEU C 205 35.86 0.20 7.30
N GLN C 206 36.37 -0.52 6.29
CA GLN C 206 36.16 -0.18 4.88
C GLN C 206 34.76 -0.49 4.37
N PRO C 207 34.23 0.26 3.37
CA PRO C 207 33.00 -0.09 2.68
C PRO C 207 33.13 -1.46 1.99
N ASN C 208 32.10 -2.31 2.10
CA ASN C 208 32.19 -3.71 1.73
C ASN C 208 32.44 -3.83 0.19
N LYS C 209 33.63 -4.27 -0.20
CA LYS C 209 34.14 -4.40 -1.57
C LYS C 209 35.03 -5.66 -1.61
N THR C 210 35.07 -6.35 -2.77
CA THR C 210 35.44 -7.78 -2.87
C THR C 210 36.82 -8.15 -2.30
N PHE C 211 37.81 -7.26 -2.40
CA PHE C 211 39.14 -7.54 -1.88
C PHE C 211 39.20 -7.53 -0.35
N ALA C 212 38.24 -6.97 0.39
CA ALA C 212 38.52 -6.65 1.80
C ALA C 212 38.76 -7.89 2.70
N CYS C 213 38.05 -9.00 2.44
CA CYS C 213 38.27 -10.30 3.08
C CYS C 213 39.54 -11.00 2.52
N GLN C 214 39.77 -10.93 1.21
CA GLN C 214 41.01 -11.44 0.58
C GLN C 214 42.27 -10.81 1.20
N MET C 215 42.19 -9.50 1.44
CA MET C 215 43.26 -8.68 2.00
C MET C 215 43.49 -8.98 3.48
N TYR C 216 42.43 -9.22 4.25
CA TYR C 216 42.53 -9.69 5.63
C TYR C 216 43.19 -11.08 5.71
N ASN C 217 42.75 -12.02 4.87
CA ASN C 217 43.33 -13.37 4.77
C ASN C 217 44.80 -13.36 4.29
N LEU C 218 45.18 -12.43 3.41
CA LEU C 218 46.56 -12.18 3.04
C LEU C 218 47.38 -11.63 4.22
N LEU C 219 46.89 -10.63 4.93
CA LEU C 219 47.64 -10.02 6.02
C LEU C 219 47.86 -10.97 7.20
N LEU C 220 46.88 -11.80 7.55
CA LEU C 220 47.10 -12.86 8.54
C LEU C 220 48.13 -13.90 8.09
N SER C 221 48.37 -14.10 6.81
CA SER C 221 49.43 -15.00 6.36
C SER C 221 50.86 -14.53 6.74
N TYR C 222 51.02 -13.27 7.15
CA TYR C 222 52.27 -12.72 7.72
C TYR C 222 52.27 -12.62 9.26
N ASP C 223 51.17 -12.95 9.94
CA ASP C 223 51.11 -13.02 11.41
C ASP C 223 52.04 -14.12 11.95
N GLU C 224 52.13 -15.25 11.24
CA GLU C 224 53.16 -16.27 11.45
C GLU C 224 54.56 -15.76 11.08
N GLN C 230 51.38 -12.99 20.89
CA GLN C 230 49.96 -13.23 20.55
C GLN C 230 49.67 -12.91 19.09
N SER C 231 48.64 -13.52 18.51
CA SER C 231 48.21 -13.24 17.13
C SER C 231 47.77 -11.78 16.93
N LEU C 232 47.98 -11.23 15.73
CA LEU C 232 47.58 -9.88 15.40
C LEU C 232 46.07 -9.65 15.55
N GLU C 233 45.23 -10.65 15.27
CA GLU C 233 43.78 -10.49 15.44
C GLU C 233 43.32 -10.51 16.91
N LEU C 234 44.22 -10.59 17.88
CA LEU C 234 43.94 -10.39 19.31
C LEU C 234 44.39 -9.01 19.84
N VAL C 235 45.08 -8.19 19.04
CA VAL C 235 45.50 -6.85 19.47
C VAL C 235 44.28 -5.92 19.58
N PRO C 236 44.03 -5.26 20.71
CA PRO C 236 42.92 -4.32 20.85
C PRO C 236 43.31 -2.89 20.44
N ASN C 237 42.36 -2.11 19.93
CA ASN C 237 42.52 -0.67 19.75
C ASN C 237 42.29 0.09 21.07
N HIS C 238 42.35 1.42 21.07
CA HIS C 238 42.19 2.24 22.29
C HIS C 238 40.78 2.25 22.87
N GLN C 239 39.76 1.79 22.14
CA GLN C 239 38.43 1.48 22.71
C GLN C 239 38.39 0.11 23.42
N GLY C 240 39.47 -0.67 23.33
CA GLY C 240 39.53 -2.04 23.83
C GLY C 240 39.06 -3.11 22.85
N LEU C 241 38.73 -2.75 21.60
CA LEU C 241 38.15 -3.68 20.63
C LEU C 241 39.25 -4.41 19.87
N THR C 242 39.22 -5.72 19.87
CA THR C 242 39.90 -6.57 18.89
C THR C 242 39.18 -6.47 17.54
N PRO C 243 39.81 -6.86 16.42
CA PRO C 243 39.17 -6.82 15.11
C PRO C 243 37.83 -7.56 15.05
N PHE C 244 37.66 -8.67 15.76
CA PHE C 244 36.41 -9.42 15.82
C PHE C 244 35.27 -8.62 16.47
N LYS C 245 35.52 -8.02 17.63
CA LYS C 245 34.58 -7.16 18.34
C LYS C 245 34.29 -5.91 17.52
N LEU C 246 35.29 -5.37 16.81
CA LEU C 246 35.07 -4.25 15.90
C LEU C 246 34.15 -4.63 14.74
N ALA C 247 34.29 -5.81 14.15
CA ALA C 247 33.35 -6.27 13.14
C ALA C 247 31.91 -6.35 13.67
N GLY C 248 31.75 -6.83 14.91
CA GLY C 248 30.46 -6.85 15.59
C GLY C 248 29.89 -5.45 15.82
N VAL C 249 30.63 -4.54 16.43
CA VAL C 249 30.23 -3.14 16.67
C VAL C 249 29.92 -2.40 15.37
N GLU C 250 30.74 -2.58 14.34
CA GLU C 250 30.60 -1.89 13.07
C GLU C 250 29.53 -2.50 12.18
N GLY C 251 28.92 -3.64 12.57
CA GLY C 251 27.95 -4.32 11.75
C GLY C 251 28.51 -4.92 10.47
N ASN C 252 29.83 -5.14 10.35
CA ASN C 252 30.42 -5.78 9.14
C ASN C 252 30.16 -7.28 9.11
N THR C 253 29.01 -7.65 8.56
CA THR C 253 28.53 -9.03 8.55
C THR C 253 29.29 -9.91 7.58
N VAL C 254 29.86 -9.34 6.50
CA VAL C 254 30.77 -10.06 5.56
C VAL C 254 32.07 -10.41 6.26
N MET C 255 32.74 -9.49 6.95
CA MET C 255 33.92 -9.81 7.71
C MET C 255 33.57 -10.73 8.89
N PHE C 256 32.42 -10.60 9.55
CA PHE C 256 32.03 -11.51 10.63
C PHE C 256 31.91 -12.98 10.18
N GLN C 257 31.22 -13.22 9.06
CA GLN C 257 31.18 -14.55 8.46
C GLN C 257 32.56 -15.03 8.06
N HIS C 258 33.43 -14.16 7.52
CA HIS C 258 34.81 -14.53 7.20
C HIS C 258 35.61 -14.92 8.45
N LEU C 259 35.53 -14.13 9.53
CA LEU C 259 36.17 -14.41 10.80
C LEU C 259 35.71 -15.77 11.36
N MET C 260 34.43 -16.10 11.24
CA MET C 260 33.92 -17.38 11.73
C MET C 260 34.33 -18.58 10.92
N GLN C 261 34.68 -18.47 9.64
CA GLN C 261 35.20 -19.60 8.81
C GLN C 261 36.43 -20.26 9.50
N LYS C 262 37.19 -19.51 10.32
CA LYS C 262 38.36 -20.02 11.07
C LYS C 262 38.08 -20.36 12.54
N ARG C 263 36.83 -20.19 12.96
CA ARG C 263 36.42 -20.54 14.34
C ARG C 263 35.47 -21.74 14.25
N LYS C 264 34.89 -22.04 13.11
CA LYS C 264 34.12 -23.28 12.92
C LYS C 264 35.00 -24.51 12.69
N HIS C 265 34.52 -25.68 13.08
CA HIS C 265 35.02 -26.99 12.66
C HIS C 265 33.84 -27.79 12.11
N VAL C 266 33.87 -28.26 10.88
CA VAL C 266 32.88 -29.20 10.30
C VAL C 266 33.11 -30.60 10.85
N GLN C 267 32.27 -31.02 11.77
CA GLN C 267 32.37 -32.22 12.59
C GLN C 267 32.08 -33.49 11.78
N TRP C 268 31.00 -33.50 11.00
CA TRP C 268 30.66 -34.55 10.03
C TRP C 268 29.66 -34.05 8.99
N THR C 269 29.59 -34.73 7.85
CA THR C 269 28.58 -34.50 6.83
C THR C 269 27.98 -35.81 6.40
N CYS C 270 26.66 -35.98 6.36
CA CYS C 270 25.99 -37.20 5.96
C CYS C 270 24.77 -36.88 5.11
N GLY C 271 24.77 -37.28 3.84
CA GLY C 271 23.71 -36.88 2.89
C GLY C 271 23.59 -35.34 2.88
N PRO C 272 22.37 -34.81 3.13
CA PRO C 272 22.14 -33.38 3.17
C PRO C 272 22.48 -32.73 4.51
N LEU C 273 22.77 -33.49 5.56
CA LEU C 273 23.01 -32.97 6.89
C LEU C 273 24.50 -32.76 7.15
N THR C 274 24.81 -31.70 7.88
CA THR C 274 26.14 -31.53 8.47
C THR C 274 26.04 -31.03 9.89
N SER C 275 26.96 -31.47 10.72
CA SER C 275 27.14 -30.98 12.08
C SER C 275 28.40 -30.13 12.11
N THR C 276 28.28 -28.90 12.58
CA THR C 276 29.37 -27.92 12.64
C THR C 276 29.50 -27.43 14.06
N LEU C 277 30.73 -27.35 14.55
CA LEU C 277 31.04 -26.94 15.90
C LEU C 277 31.73 -25.57 15.87
N TYR C 278 31.10 -24.56 16.45
CA TYR C 278 31.57 -23.18 16.44
C TYR C 278 32.19 -22.84 17.78
N ASP C 279 33.40 -22.30 17.81
CA ASP C 279 34.05 -21.82 19.02
C ASP C 279 33.39 -20.53 19.51
N LEU C 280 32.83 -20.54 20.72
CA LEU C 280 32.12 -19.42 21.32
C LEU C 280 33.02 -18.43 22.05
N THR C 281 34.34 -18.64 22.11
CA THR C 281 35.23 -17.84 22.95
C THR C 281 35.07 -16.34 22.73
N GLU C 282 35.23 -15.84 21.50
CA GLU C 282 35.05 -14.43 21.18
C GLU C 282 33.59 -13.99 21.29
N ILE C 283 32.64 -14.80 20.86
CA ILE C 283 31.20 -14.44 20.83
C ILE C 283 30.57 -14.27 22.21
N ASP C 284 30.79 -15.24 23.11
CA ASP C 284 30.23 -15.20 24.47
C ASP C 284 31.11 -14.32 25.40
N SER C 285 32.37 -14.13 25.07
CA SER C 285 33.22 -13.15 25.76
C SER C 285 33.29 -13.33 27.27
N TRP C 286 33.48 -14.57 27.72
CA TRP C 286 33.28 -15.00 29.11
C TRP C 286 34.20 -14.30 30.11
N GLY C 287 33.62 -13.81 31.21
CA GLY C 287 34.30 -13.17 32.32
C GLY C 287 34.79 -11.77 32.08
N GLU C 288 34.71 -11.26 30.84
CA GLU C 288 35.01 -9.87 30.48
C GLU C 288 33.88 -8.89 30.93
N GLU C 289 34.24 -7.65 31.25
CA GLU C 289 33.31 -6.59 31.64
C GLU C 289 32.35 -6.21 30.51
N LEU C 290 32.85 -5.95 29.29
CA LEU C 290 32.03 -5.69 28.10
C LEU C 290 32.13 -6.88 27.13
N SER C 291 31.03 -7.60 26.94
CA SER C 291 30.99 -8.74 26.04
C SER C 291 30.79 -8.33 24.59
N PHE C 292 31.21 -9.19 23.65
CA PHE C 292 30.85 -9.07 22.25
C PHE C 292 29.33 -8.82 22.06
N LEU C 293 28.42 -9.59 22.67
CA LEU C 293 26.97 -9.41 22.49
C LEU C 293 26.53 -8.07 23.04
N GLU C 294 27.02 -7.61 24.19
CA GLU C 294 26.68 -6.29 24.71
C GLU C 294 27.14 -5.16 23.80
N LEU C 295 28.35 -5.24 23.26
CA LEU C 295 28.90 -4.24 22.34
C LEU C 295 28.11 -4.17 21.03
N VAL C 296 27.63 -5.30 20.53
CA VAL C 296 26.77 -5.38 19.35
C VAL C 296 25.41 -4.72 19.58
N VAL C 297 24.67 -5.10 20.62
CA VAL C 297 23.33 -4.54 20.88
C VAL C 297 23.37 -3.07 21.27
N SER C 298 24.40 -2.63 21.99
CA SER C 298 24.59 -1.25 22.39
C SER C 298 25.29 -0.38 21.34
N SER C 299 25.64 -0.92 20.17
CA SER C 299 26.22 -0.14 19.08
C SER C 299 25.24 0.90 18.56
N LYS C 300 25.75 2.10 18.24
CA LYS C 300 24.96 3.18 17.63
C LYS C 300 24.64 2.89 16.16
N LYS C 301 25.48 2.10 15.46
CA LYS C 301 25.30 1.79 14.04
C LYS C 301 24.14 0.83 13.81
N ARG C 302 23.30 1.13 12.82
CA ARG C 302 22.12 0.35 12.41
C ARG C 302 22.48 -1.07 12.00
N GLU C 303 23.56 -1.23 11.26
CA GLU C 303 24.04 -2.52 10.73
C GLU C 303 24.44 -3.52 11.79
N ALA C 304 24.74 -3.09 13.03
CA ALA C 304 25.17 -4.04 14.07
C ALA C 304 24.05 -4.99 14.45
N ARG C 305 22.79 -4.69 14.17
CA ARG C 305 21.67 -5.63 14.41
C ARG C 305 21.81 -6.88 13.53
N GLN C 306 22.39 -6.76 12.34
CA GLN C 306 22.47 -7.87 11.40
C GLN C 306 23.44 -8.95 11.88
N ILE C 307 24.39 -8.60 12.77
CA ILE C 307 25.30 -9.56 13.37
C ILE C 307 24.56 -10.58 14.24
N LEU C 308 23.46 -10.14 14.88
CA LEU C 308 22.61 -10.99 15.73
C LEU C 308 21.84 -12.04 14.93
N GLU C 309 21.71 -11.89 13.62
CA GLU C 309 21.10 -12.87 12.72
C GLU C 309 22.12 -13.82 12.07
N GLN C 310 23.42 -13.67 12.38
CA GLN C 310 24.50 -14.56 11.88
C GLN C 310 24.62 -15.86 12.67
N THR C 311 24.86 -16.96 11.97
CA THR C 311 24.50 -18.33 12.42
C THR C 311 24.83 -18.69 13.88
N PRO C 312 26.10 -18.62 14.32
CA PRO C 312 26.44 -19.04 15.67
C PRO C 312 25.83 -18.08 16.70
N VAL C 313 25.82 -16.77 16.43
CA VAL C 313 25.26 -15.75 17.31
C VAL C 313 23.76 -15.98 17.46
N LYS C 314 23.05 -16.14 16.35
CA LYS C 314 21.59 -16.35 16.31
C LYS C 314 21.22 -17.58 17.14
N GLU C 315 21.87 -18.73 16.92
CA GLU C 315 21.56 -19.91 17.70
C GLU C 315 21.93 -19.77 19.19
N LEU C 316 23.05 -19.13 19.54
CA LEU C 316 23.43 -18.91 20.94
C LEU C 316 22.41 -18.05 21.69
N VAL C 317 22.09 -16.87 21.18
CA VAL C 317 21.12 -15.96 21.86
C VAL C 317 19.71 -16.56 21.89
N SER C 318 19.34 -17.31 20.86
CA SER C 318 18.10 -18.05 20.86
C SER C 318 18.04 -19.10 21.97
N PHE C 319 19.07 -19.93 22.10
CA PHE C 319 19.18 -20.89 23.20
C PHE C 319 19.08 -20.18 24.54
N LYS C 320 19.88 -19.15 24.79
CA LYS C 320 19.86 -18.37 26.03
C LYS C 320 18.49 -17.81 26.37
N TRP C 321 17.76 -17.31 25.37
CA TRP C 321 16.43 -16.77 25.55
C TRP C 321 15.42 -17.85 25.86
N LYS C 322 15.30 -18.90 25.06
CA LYS C 322 14.28 -19.94 25.28
C LYS C 322 14.55 -20.78 26.51
N LYS C 323 15.81 -20.97 26.89
CA LYS C 323 16.25 -21.72 28.07
C LYS C 323 16.16 -20.93 29.37
N TYR C 324 16.64 -19.69 29.43
CA TYR C 324 16.70 -18.92 30.68
C TYR C 324 16.01 -17.56 30.61
N GLY C 325 16.24 -16.81 29.53
CA GLY C 325 15.77 -15.44 29.40
C GLY C 325 14.26 -15.29 29.46
N ARG C 326 13.52 -16.04 28.63
CA ARG C 326 12.05 -15.86 28.62
C ARG C 326 11.47 -16.30 29.96
N PRO C 327 11.81 -17.46 30.55
CA PRO C 327 11.35 -17.84 31.87
C PRO C 327 11.59 -16.76 32.93
N TYR C 328 12.79 -16.23 33.04
CA TYR C 328 13.10 -15.22 34.05
C TYR C 328 12.42 -13.88 33.78
N PHE C 329 12.31 -13.47 32.52
CA PHE C 329 11.62 -12.24 32.15
C PHE C 329 10.12 -12.31 32.44
N CYS C 330 9.48 -13.46 32.25
CA CYS C 330 8.09 -13.67 32.65
C CYS C 330 7.89 -13.60 34.17
N VAL C 331 8.84 -14.10 34.96
CA VAL C 331 8.82 -13.94 36.42
C VAL C 331 8.99 -12.47 36.79
N LEU C 332 10.00 -11.78 36.25
CA LEU C 332 10.21 -10.35 36.52
C LEU C 332 9.01 -9.50 36.11
N ALA C 333 8.38 -9.78 34.97
CA ALA C 333 7.13 -9.15 34.58
C ALA C 333 6.02 -9.38 35.61
N SER C 334 5.83 -10.61 36.07
CA SER C 334 4.85 -10.94 37.10
C SER C 334 5.11 -10.20 38.41
N LEU C 335 6.35 -10.19 38.90
CA LEU C 335 6.73 -9.43 40.08
C LEU C 335 6.53 -7.94 39.92
N TYR C 336 6.84 -7.37 38.76
CA TYR C 336 6.61 -5.95 38.51
C TYR C 336 5.12 -5.61 38.43
N ILE C 337 4.29 -6.44 37.80
CA ILE C 337 2.84 -6.25 37.77
C ILE C 337 2.26 -6.35 39.18
N LEU C 338 2.66 -7.33 39.99
CA LEU C 338 2.27 -7.45 41.39
C LEU C 338 2.70 -6.25 42.23
N TYR C 339 3.91 -5.76 42.03
CA TYR C 339 4.36 -4.51 42.64
C TYR C 339 3.49 -3.31 42.22
N MET C 340 3.12 -3.20 40.94
CA MET C 340 2.28 -2.11 40.47
C MET C 340 0.84 -2.19 41.01
N ILE C 341 0.31 -3.38 41.26
CA ILE C 341 -0.96 -3.62 41.94
C ILE C 341 -0.84 -3.17 43.40
N CYS C 342 0.25 -3.51 44.09
CA CYS C 342 0.49 -3.08 45.47
C CYS C 342 0.50 -1.55 45.57
N PHE C 343 1.28 -0.87 44.74
CA PHE C 343 1.31 0.59 44.68
C PHE C 343 -0.06 1.20 44.37
N THR C 344 -0.81 0.63 43.44
CA THR C 344 -2.16 1.09 43.09
C THR C 344 -3.14 0.98 44.24
N THR C 345 -3.14 -0.13 44.93
CA THR C 345 -3.87 -0.31 46.18
C THR C 345 -3.48 0.71 47.25
N CYS C 346 -2.20 1.08 47.37
CA CYS C 346 -1.77 2.11 48.33
C CYS C 346 -2.20 3.52 47.94
N CYS C 347 -2.34 3.79 46.65
CA CYS C 347 -2.98 4.98 46.11
C CYS C 347 -4.49 5.01 46.39
N ILE C 348 -5.21 3.94 46.11
CA ILE C 348 -6.66 3.87 46.35
C ILE C 348 -7.03 4.04 47.82
N TYR C 349 -6.30 3.38 48.72
CA TYR C 349 -6.55 3.45 50.16
C TYR C 349 -5.78 4.58 50.84
N ARG C 350 -5.28 5.59 50.10
CA ARG C 350 -4.52 6.71 50.68
C ARG C 350 -5.30 7.45 51.79
N PRO C 351 -4.64 7.99 52.82
CA PRO C 351 -5.33 8.42 54.04
C PRO C 351 -5.98 9.81 53.91
N LEU C 352 -7.31 9.85 53.80
CA LEU C 352 -8.10 11.07 53.61
C LEU C 352 -9.20 11.24 54.68
N LYS C 353 -9.44 12.48 55.13
CA LYS C 353 -10.45 12.90 56.13
C LYS C 353 -11.35 14.03 55.61
N LEU C 354 -12.56 14.18 56.14
CA LEU C 354 -13.46 15.28 55.80
C LEU C 354 -12.76 16.63 56.04
N ARG C 355 -12.82 17.51 55.03
CA ARG C 355 -12.07 18.81 55.09
C ARG C 355 -12.30 19.59 56.39
N ASP C 356 -11.31 20.39 56.81
CA ASP C 356 -11.31 21.15 58.07
C ASP C 356 -11.91 22.57 57.98
N ASP C 357 -12.45 22.98 56.83
CA ASP C 357 -13.09 24.28 56.62
C ASP C 357 -14.33 24.18 55.72
N ASN C 358 -15.27 25.12 55.87
CA ASN C 358 -16.51 25.12 55.11
C ASN C 358 -16.30 25.53 53.64
N ARG C 359 -17.05 24.89 52.77
CA ARG C 359 -17.02 25.37 51.37
C ARG C 359 -17.97 26.58 51.36
N THR C 360 -17.62 27.63 50.65
CA THR C 360 -18.36 28.91 50.57
C THR C 360 -19.00 29.11 49.20
N ASP C 361 -18.21 29.38 48.17
CA ASP C 361 -18.69 29.54 46.80
C ASP C 361 -19.16 28.22 46.17
N PRO C 362 -20.24 28.22 45.36
CA PRO C 362 -20.82 26.99 44.80
C PRO C 362 -19.85 26.25 43.87
N ARG C 363 -18.80 26.98 43.44
CA ARG C 363 -17.84 26.43 42.46
C ARG C 363 -16.83 25.51 43.12
N ASP C 364 -16.68 25.57 44.45
CA ASP C 364 -15.81 24.64 45.20
C ASP C 364 -16.49 23.28 45.44
N ILE C 365 -15.88 22.20 44.97
CA ILE C 365 -16.35 20.81 45.14
C ILE C 365 -15.43 19.94 45.99
N THR C 366 -14.34 20.47 46.55
CA THR C 366 -13.48 19.69 47.44
C THR C 366 -14.17 19.49 48.79
N ILE C 367 -14.34 18.24 49.23
CA ILE C 367 -15.04 17.89 50.48
C ILE C 367 -14.16 17.16 51.50
N LEU C 368 -13.08 16.54 50.94
CA LEU C 368 -12.14 15.68 51.70
C LEU C 368 -10.73 16.27 51.69
N GLN C 369 -9.77 15.67 52.38
CA GLN C 369 -8.47 16.31 52.66
C GLN C 369 -7.44 15.27 53.14
N GLN C 370 -6.13 15.49 52.93
CA GLN C 370 -5.09 14.61 53.47
C GLN C 370 -5.09 14.57 55.01
N LYS C 371 -5.03 13.37 55.58
CA LYS C 371 -4.76 13.13 57.01
C LYS C 371 -3.29 13.42 57.34
N LEU C 372 -3.01 13.88 58.56
CA LEU C 372 -1.65 14.04 59.08
C LEU C 372 -1.07 12.69 59.50
N LEU C 373 0.26 12.53 59.62
CA LEU C 373 0.90 11.25 59.97
C LEU C 373 0.28 10.54 61.18
N GLN C 374 0.10 11.24 62.29
CA GLN C 374 -0.48 10.70 63.52
C GLN C 374 -2.01 10.47 63.46
N GLU C 375 -2.67 10.92 62.40
CA GLU C 375 -4.04 10.53 62.05
C GLU C 375 -4.06 9.38 61.02
N ALA C 376 -3.01 9.24 60.21
CA ALA C 376 -2.96 8.37 59.03
C ALA C 376 -2.67 6.90 59.33
N TYR C 377 -2.11 6.58 60.50
CA TYR C 377 -1.76 5.22 60.91
C TYR C 377 -2.34 4.91 62.29
N VAL C 378 -3.63 4.61 62.34
CA VAL C 378 -4.40 4.45 63.61
C VAL C 378 -5.37 3.27 63.60
N THR C 379 -5.45 2.51 62.51
CA THR C 379 -6.29 1.31 62.37
C THR C 379 -5.51 0.14 61.77
N HIS C 380 -6.00 -1.09 61.95
CA HIS C 380 -5.45 -2.28 61.31
C HIS C 380 -5.38 -2.13 59.78
N GLN C 381 -6.39 -1.50 59.16
CA GLN C 381 -6.40 -1.15 57.74
C GLN C 381 -5.25 -0.22 57.34
N ASP C 382 -4.90 0.77 58.17
CA ASP C 382 -3.71 1.58 57.94
C ASP C 382 -2.43 0.77 58.11
N ASN C 383 -2.36 -0.16 59.05
CA ASN C 383 -1.17 -0.98 59.26
C ASN C 383 -0.93 -1.92 58.07
N ILE C 384 -2.00 -2.47 57.47
CA ILE C 384 -1.91 -3.22 56.22
C ILE C 384 -1.47 -2.29 55.08
N ARG C 385 -2.05 -1.09 54.95
CA ARG C 385 -1.59 -0.13 53.95
C ARG C 385 -0.13 0.26 54.14
N LEU C 386 0.34 0.43 55.38
CA LEU C 386 1.73 0.77 55.69
C LEU C 386 2.72 -0.27 55.15
N VAL C 387 2.46 -1.58 55.30
CA VAL C 387 3.36 -2.56 54.68
C VAL C 387 3.31 -2.52 53.16
N GLY C 388 2.15 -2.24 52.56
CA GLY C 388 2.05 -1.93 51.14
C GLY C 388 2.87 -0.70 50.72
N GLU C 389 2.84 0.38 51.51
CA GLU C 389 3.67 1.56 51.29
C GLU C 389 5.17 1.22 51.43
N LEU C 390 5.57 0.44 52.42
CA LEU C 390 6.96 0.00 52.59
C LEU C 390 7.44 -0.88 51.44
N VAL C 391 6.63 -1.82 50.95
CA VAL C 391 6.90 -2.57 49.72
C VAL C 391 7.02 -1.63 48.52
N THR C 392 6.12 -0.66 48.39
CA THR C 392 6.16 0.36 47.35
C THR C 392 7.48 1.13 47.35
N VAL C 393 7.89 1.66 48.51
CA VAL C 393 9.12 2.45 48.67
C VAL C 393 10.35 1.57 48.47
N THR C 394 10.37 0.37 49.03
CA THR C 394 11.47 -0.61 48.86
C THR C 394 11.70 -0.88 47.39
N GLY C 395 10.63 -1.12 46.60
CA GLY C 395 10.74 -1.33 45.17
C GLY C 395 11.25 -0.11 44.40
N ALA C 396 10.90 1.12 44.81
CA ALA C 396 11.47 2.32 44.19
C ALA C 396 12.98 2.42 44.45
N VAL C 397 13.43 2.13 45.68
CA VAL C 397 14.86 2.04 45.99
C VAL C 397 15.55 0.96 45.15
N ILE C 398 15.01 -0.26 45.09
CA ILE C 398 15.54 -1.35 44.28
C ILE C 398 15.64 -0.97 42.79
N ILE C 399 14.64 -0.30 42.22
CA ILE C 399 14.73 0.25 40.87
C ILE C 399 15.95 1.18 40.75
N LEU C 400 16.15 2.14 41.66
CA LEU C 400 17.31 3.03 41.57
C LEU C 400 18.63 2.28 41.74
N LEU C 401 18.75 1.34 42.68
CA LEU C 401 19.94 0.51 42.84
C LEU C 401 20.26 -0.34 41.59
N LEU C 402 19.25 -0.79 40.85
CA LEU C 402 19.44 -1.53 39.62
C LEU C 402 19.73 -0.64 38.41
N GLU C 403 19.09 0.52 38.30
CA GLU C 403 19.20 1.42 37.15
C GLU C 403 20.43 2.32 37.19
N ILE C 404 20.66 3.03 38.31
CA ILE C 404 21.62 4.14 38.35
C ILE C 404 23.05 3.71 38.00
N PRO C 405 23.58 2.56 38.46
CA PRO C 405 24.90 2.09 38.04
C PRO C 405 25.04 1.87 36.53
N ASP C 406 23.97 1.44 35.85
CA ASP C 406 24.01 1.19 34.41
C ASP C 406 23.97 2.47 33.57
N ILE C 407 23.45 3.58 34.10
CA ILE C 407 23.64 4.91 33.47
C ILE C 407 25.13 5.18 33.29
N PHE C 408 25.92 5.05 34.35
CA PHE C 408 27.35 5.39 34.34
C PHE C 408 28.15 4.43 33.46
N ARG C 409 27.90 3.14 33.55
CA ARG C 409 28.64 2.13 32.77
C ARG C 409 28.39 2.35 31.30
N VAL C 410 27.13 2.39 30.87
CA VAL C 410 26.78 2.48 29.44
C VAL C 410 26.97 3.90 28.87
N GLY C 411 26.88 4.93 29.71
CA GLY C 411 26.87 6.34 29.31
C GLY C 411 25.46 6.83 29.02
N ALA C 412 25.06 7.96 29.61
CA ALA C 412 23.68 8.42 29.64
C ALA C 412 23.05 8.58 28.26
N SER C 413 23.81 9.03 27.26
CA SER C 413 23.37 9.13 25.86
C SER C 413 22.95 7.78 25.26
N ARG C 414 23.64 6.70 25.62
CA ARG C 414 23.29 5.37 25.04
C ARG C 414 22.26 4.70 25.93
N TYR C 415 22.38 4.89 27.23
CA TYR C 415 21.46 4.27 28.18
C TYR C 415 20.01 4.75 28.02
N PHE C 416 19.80 6.05 27.80
CA PHE C 416 18.47 6.63 27.55
C PHE C 416 18.11 6.77 26.06
N GLY C 417 19.09 6.79 25.15
CA GLY C 417 18.88 7.12 23.74
C GLY C 417 18.68 5.93 22.79
N GLN C 418 18.75 4.69 23.26
CA GLN C 418 18.67 3.51 22.41
C GLN C 418 17.32 2.78 22.56
N THR C 419 16.59 2.59 21.46
CA THR C 419 15.34 1.78 21.43
C THR C 419 15.61 0.32 21.79
N ILE C 420 16.72 -0.25 21.34
CA ILE C 420 17.07 -1.67 21.55
C ILE C 420 17.34 -1.97 23.02
N LEU C 421 18.00 -1.06 23.75
CA LEU C 421 18.28 -1.24 25.18
C LEU C 421 17.08 -0.96 26.08
N GLY C 422 16.03 -0.30 25.59
CA GLY C 422 14.89 0.17 26.41
C GLY C 422 15.04 1.58 26.96
N GLY C 423 15.78 2.45 26.27
CA GLY C 423 16.06 3.84 26.64
C GLY C 423 14.91 4.63 27.26
N PRO C 424 13.76 4.83 26.60
CA PRO C 424 12.66 5.61 27.17
C PRO C 424 12.01 4.95 28.39
N PHE C 425 11.97 3.62 28.44
CA PHE C 425 11.57 2.91 29.66
C PHE C 425 12.52 3.11 30.84
N HIS C 426 13.83 3.23 30.62
CA HIS C 426 14.76 3.66 31.68
C HIS C 426 14.44 5.07 32.18
N VAL C 427 14.15 6.02 31.29
CA VAL C 427 13.73 7.38 31.70
C VAL C 427 12.50 7.32 32.59
N ILE C 428 11.43 6.66 32.15
CA ILE C 428 10.18 6.70 32.94
C ILE C 428 10.28 5.87 34.21
N ILE C 429 10.97 4.72 34.24
CA ILE C 429 11.05 3.91 35.46
C ILE C 429 11.87 4.61 36.55
N ILE C 430 12.89 5.39 36.18
CA ILE C 430 13.62 6.22 37.15
C ILE C 430 12.75 7.41 37.58
N THR C 431 11.97 8.01 36.68
CA THR C 431 11.02 9.07 37.02
C THR C 431 9.98 8.57 38.01
N TYR C 432 9.41 7.39 37.79
CA TYR C 432 8.53 6.69 38.70
C TYR C 432 9.14 6.53 40.10
N ALA C 433 10.35 5.97 40.21
CA ALA C 433 11.00 5.78 41.49
C ALA C 433 11.28 7.10 42.21
N SER C 434 11.67 8.14 41.47
CA SER C 434 11.90 9.48 41.99
C SER C 434 10.62 10.10 42.55
N LEU C 435 9.49 9.92 41.87
CA LEU C 435 8.17 10.41 42.29
C LEU C 435 7.63 9.67 43.49
N VAL C 436 7.88 8.36 43.60
CA VAL C 436 7.52 7.59 44.80
C VAL C 436 8.35 8.04 46.00
N LEU C 437 9.65 8.24 45.85
CA LEU C 437 10.46 8.77 46.95
C LEU C 437 10.13 10.23 47.27
N LEU C 438 9.80 11.07 46.28
CA LEU C 438 9.22 12.41 46.54
C LEU C 438 7.94 12.29 47.36
N THR C 439 7.05 11.39 46.99
CA THR C 439 5.77 11.17 47.71
C THR C 439 6.01 10.76 49.16
N MET C 440 7.02 9.92 49.41
CA MET C 440 7.33 9.50 50.77
C MET C 440 7.91 10.65 51.60
N VAL C 441 8.77 11.51 51.08
CA VAL C 441 9.25 12.67 51.82
C VAL C 441 8.14 13.74 52.04
N MET C 442 7.26 13.95 51.07
CA MET C 442 6.03 14.76 51.29
C MET C 442 5.17 14.25 52.43
N ARG C 443 4.85 12.95 52.45
CA ARG C 443 4.10 12.25 53.51
C ARG C 443 4.70 12.46 54.89
N LEU C 444 6.01 12.27 55.03
CA LEU C 444 6.78 12.43 56.26
C LEU C 444 6.74 13.88 56.74
N THR C 445 6.57 14.83 55.82
CA THR C 445 6.56 16.28 56.11
C THR C 445 5.14 16.81 56.37
N ASN C 446 4.09 15.97 56.32
CA ASN C 446 2.69 16.39 56.22
C ASN C 446 2.43 17.38 55.06
N MET C 447 3.17 17.28 53.95
CA MET C 447 3.05 18.22 52.83
C MET C 447 1.79 17.93 51.99
N ASN C 448 1.01 18.98 51.68
CA ASN C 448 -0.19 18.84 50.88
C ASN C 448 0.09 18.65 49.37
N GLY C 449 -0.87 18.06 48.64
CA GLY C 449 -0.76 17.82 47.18
C GLY C 449 -0.04 16.54 46.76
N GLU C 450 0.01 15.51 47.64
CA GLU C 450 0.51 14.17 47.28
C GLU C 450 -0.17 13.62 46.03
N VAL C 451 -1.39 14.02 45.72
CA VAL C 451 -2.13 13.58 44.50
C VAL C 451 -1.35 13.83 43.23
N VAL C 452 -0.55 14.92 43.12
CA VAL C 452 0.29 15.26 41.96
C VAL C 452 1.39 14.22 41.66
N PRO C 453 2.41 13.96 42.49
CA PRO C 453 3.40 12.93 42.20
C PRO C 453 2.77 11.54 42.11
N LEU C 454 1.78 11.18 42.96
CA LEU C 454 1.03 9.91 42.86
C LEU C 454 0.38 9.77 41.49
N SER C 455 -0.26 10.78 40.93
CA SER C 455 -0.90 10.64 39.60
C SER C 455 0.14 10.40 38.50
N PHE C 456 1.25 11.14 38.48
CA PHE C 456 2.31 10.91 37.53
C PHE C 456 2.95 9.51 37.75
N ALA C 457 3.17 9.09 38.99
CA ALA C 457 3.63 7.76 39.35
C ALA C 457 2.69 6.66 38.91
N LEU C 458 1.38 6.80 39.01
CA LEU C 458 0.47 5.80 38.51
C LEU C 458 0.53 5.65 37.01
N VAL C 459 0.55 6.76 36.28
CA VAL C 459 0.63 6.77 34.83
C VAL C 459 1.95 6.13 34.36
N LEU C 460 3.11 6.64 34.79
CA LEU C 460 4.41 6.13 34.38
C LEU C 460 4.71 4.76 34.97
N GLY C 461 4.31 4.47 36.22
CA GLY C 461 4.39 3.15 36.86
C GLY C 461 3.72 2.13 35.97
N TRP C 462 2.44 2.29 35.66
CA TRP C 462 1.74 1.34 34.77
C TRP C 462 2.26 1.36 33.33
N CYS C 463 2.51 2.52 32.70
CA CYS C 463 3.05 2.57 31.36
C CYS C 463 4.38 1.83 31.27
N SER C 464 5.25 1.86 32.27
CA SER C 464 6.50 1.10 32.25
C SER C 464 6.30 -0.42 32.26
N VAL C 465 5.12 -0.97 32.59
CA VAL C 465 4.83 -2.40 32.39
C VAL C 465 4.99 -2.79 30.92
N MET C 466 4.78 -1.86 29.98
CA MET C 466 5.02 -2.11 28.55
C MET C 466 6.49 -2.41 28.21
N TYR C 467 7.45 -2.17 29.10
CA TYR C 467 8.81 -2.66 28.93
C TYR C 467 8.83 -4.17 28.73
N PHE C 468 8.00 -4.91 29.47
CA PHE C 468 7.90 -6.35 29.40
C PHE C 468 7.20 -6.86 28.14
N ALA C 469 6.58 -6.00 27.33
CA ALA C 469 6.01 -6.39 26.05
C ALA C 469 7.05 -6.99 25.11
N ARG C 470 8.32 -6.61 25.28
CA ARG C 470 9.45 -7.05 24.43
C ARG C 470 9.73 -8.53 24.55
N GLY C 471 9.24 -9.18 25.59
CA GLY C 471 9.40 -10.61 25.81
C GLY C 471 8.50 -11.50 24.96
N PHE C 472 7.50 -10.94 24.29
CA PHE C 472 6.44 -11.69 23.61
C PHE C 472 6.28 -11.20 22.18
N GLN C 473 6.17 -12.11 21.22
CA GLN C 473 6.06 -11.73 19.81
C GLN C 473 4.74 -11.01 19.50
N MET C 474 3.69 -11.25 20.27
CA MET C 474 2.42 -10.58 20.14
C MET C 474 2.62 -9.06 20.36
N LEU C 475 3.41 -8.65 21.35
CA LEU C 475 3.36 -7.27 21.90
C LEU C 475 4.64 -6.45 21.65
N GLY C 476 5.79 -7.11 21.51
CA GLY C 476 7.07 -6.45 21.38
C GLY C 476 7.19 -5.56 20.15
N PRO C 477 6.97 -6.07 18.93
CA PRO C 477 7.01 -5.26 17.71
C PRO C 477 6.02 -4.11 17.77
N PHE C 478 4.81 -4.33 18.28
CA PHE C 478 3.82 -3.28 18.43
C PHE C 478 4.25 -2.17 19.41
N THR C 479 4.99 -2.50 20.47
CA THR C 479 5.49 -1.51 21.42
C THR C 479 6.59 -0.62 20.80
N ILE C 480 7.42 -1.19 19.93
CA ILE C 480 8.35 -0.42 19.08
C ILE C 480 7.59 0.50 18.14
N MET C 481 6.54 0.02 17.48
CA MET C 481 5.74 0.85 16.58
C MET C 481 5.10 2.03 17.32
N ILE C 482 4.53 1.84 18.52
CA ILE C 482 4.06 2.97 19.33
C ILE C 482 5.19 3.97 19.63
N GLN C 483 6.39 3.50 19.95
CA GLN C 483 7.54 4.38 20.18
C GLN C 483 7.93 5.21 18.94
N LYS C 484 8.03 4.58 17.77
CA LYS C 484 8.31 5.26 16.51
C LYS C 484 7.18 6.22 16.09
N MET C 485 5.93 5.97 16.45
CA MET C 485 4.84 6.94 16.31
C MET C 485 4.94 8.12 17.27
N ILE C 486 5.30 7.91 18.54
CA ILE C 486 5.48 9.03 19.50
C ILE C 486 6.59 9.98 19.09
N PHE C 487 7.78 9.46 18.81
CA PHE C 487 8.89 10.34 18.45
C PHE C 487 8.87 10.77 16.97
N GLY C 488 7.94 10.26 16.18
CA GLY C 488 7.80 10.61 14.78
C GLY C 488 6.52 11.38 14.54
N ASP C 489 5.49 10.72 14.01
CA ASP C 489 4.30 11.41 13.49
C ASP C 489 3.52 12.15 14.59
N LEU C 490 3.53 11.72 15.87
CA LEU C 490 2.86 12.44 16.94
C LEU C 490 3.46 13.81 17.23
N MET C 491 4.78 13.97 17.40
CA MET C 491 5.37 15.32 17.62
C MET C 491 5.07 16.24 16.43
N ARG C 492 5.19 15.70 15.21
CA ARG C 492 4.94 16.55 14.01
C ARG C 492 3.47 16.98 13.99
N PHE C 493 2.53 16.07 14.33
CA PHE C 493 1.15 16.46 14.40
C PHE C 493 0.89 17.45 15.53
N CYS C 494 1.49 17.23 16.71
CA CYS C 494 1.25 18.08 17.90
C CYS C 494 1.76 19.51 17.79
N TRP C 495 2.83 19.75 17.02
CA TRP C 495 3.31 21.11 16.73
C TRP C 495 2.30 21.86 15.85
N LEU C 496 1.81 21.26 14.77
CA LEU C 496 0.86 21.94 13.90
C LEU C 496 -0.52 22.03 14.54
N MET C 497 -0.92 21.02 15.31
CA MET C 497 -2.11 21.06 16.16
C MET C 497 -2.05 22.19 17.19
N ALA C 498 -0.91 22.44 17.86
CA ALA C 498 -0.79 23.54 18.84
C ALA C 498 -1.06 24.91 18.20
N VAL C 499 -0.55 25.13 16.99
CA VAL C 499 -0.74 26.36 16.21
C VAL C 499 -2.20 26.55 15.80
N VAL C 500 -2.91 25.50 15.36
CA VAL C 500 -4.36 25.57 15.12
C VAL C 500 -5.13 25.84 16.43
N ILE C 501 -4.76 25.21 17.55
CA ILE C 501 -5.42 25.42 18.84
C ILE C 501 -5.23 26.85 19.33
N LEU C 502 -4.04 27.42 19.28
CA LEU C 502 -3.79 28.81 19.66
C LEU C 502 -4.62 29.79 18.83
N GLY C 503 -4.70 29.60 17.52
CA GLY C 503 -5.55 30.38 16.64
C GLY C 503 -6.99 30.32 17.06
N PHE C 504 -7.61 29.14 16.97
CA PHE C 504 -9.03 29.00 17.18
C PHE C 504 -9.47 29.20 18.61
N ALA C 505 -8.69 28.82 19.61
CA ALA C 505 -9.02 29.05 21.02
C ALA C 505 -9.11 30.54 21.33
N SER C 506 -8.20 31.32 20.77
CA SER C 506 -8.22 32.77 20.88
C SER C 506 -9.44 33.35 20.19
N ALA C 507 -9.76 32.91 18.97
CA ALA C 507 -10.98 33.32 18.29
C ALA C 507 -12.25 32.97 19.08
N PHE C 508 -12.38 31.74 19.60
CA PHE C 508 -13.52 31.32 20.42
C PHE C 508 -13.61 32.11 21.71
N HIS C 509 -12.50 32.28 22.45
CA HIS C 509 -12.48 33.05 23.68
C HIS C 509 -13.02 34.45 23.45
N ILE C 510 -12.47 35.20 22.51
CA ILE C 510 -12.88 36.58 22.30
C ILE C 510 -14.30 36.68 21.72
N THR C 511 -14.74 35.67 20.97
CA THR C 511 -16.13 35.52 20.52
C THR C 511 -17.09 35.39 21.70
N PHE C 512 -16.71 34.69 22.77
CA PHE C 512 -17.54 34.51 23.95
C PHE C 512 -17.32 35.53 25.07
N GLN C 513 -16.29 36.37 25.03
CA GLN C 513 -16.04 37.40 26.05
C GLN C 513 -17.21 38.36 26.28
N THR C 514 -17.98 38.65 25.25
CA THR C 514 -19.18 39.50 25.27
C THR C 514 -20.37 38.84 26.00
N GLU C 515 -20.38 37.51 26.06
CA GLU C 515 -21.50 36.68 26.45
C GLU C 515 -21.40 36.20 27.91
N ASP C 516 -22.53 35.79 28.46
CA ASP C 516 -22.65 35.26 29.81
C ASP C 516 -22.01 33.86 29.93
N PRO C 517 -20.95 33.66 30.74
CA PRO C 517 -20.24 32.39 30.82
C PRO C 517 -21.10 31.24 31.34
N ASN C 518 -22.14 31.51 32.13
CA ASN C 518 -23.05 30.47 32.62
C ASN C 518 -23.93 29.85 31.52
N ASN C 519 -24.10 30.51 30.38
CA ASN C 519 -24.85 29.98 29.24
C ASN C 519 -24.00 29.17 28.25
N LEU C 520 -22.68 29.36 28.18
CA LEU C 520 -21.77 28.50 27.44
C LEU C 520 -20.37 28.61 28.06
N GLY C 521 -19.96 27.59 28.80
CA GLY C 521 -18.80 27.66 29.69
C GLY C 521 -17.46 27.33 29.06
N GLU C 522 -17.45 26.65 27.92
CA GLU C 522 -16.26 26.09 27.27
C GLU C 522 -15.17 27.12 27.00
N PHE C 523 -15.56 28.36 26.69
CA PHE C 523 -14.65 29.44 26.31
C PHE C 523 -14.66 30.59 27.33
N SER C 524 -15.03 30.32 28.58
CA SER C 524 -15.28 31.34 29.62
C SER C 524 -14.04 32.11 30.08
N ASP C 525 -12.86 31.48 30.07
CA ASP C 525 -11.55 32.11 30.27
C ASP C 525 -10.52 31.47 29.34
N TYR C 526 -9.39 32.12 29.12
CA TYR C 526 -8.43 31.68 28.11
C TYR C 526 -7.83 30.28 28.36
N PRO C 527 -7.44 29.88 29.59
CA PRO C 527 -7.04 28.50 29.87
C PRO C 527 -8.13 27.48 29.55
N THR C 528 -9.39 27.75 29.92
CA THR C 528 -10.49 26.85 29.59
C THR C 528 -10.74 26.84 28.09
N ALA C 529 -10.61 27.97 27.40
CA ALA C 529 -10.77 28.03 25.97
C ALA C 529 -9.71 27.17 25.25
N LEU C 530 -8.45 27.23 25.67
CA LEU C 530 -7.39 26.37 25.15
C LEU C 530 -7.73 24.90 25.37
N PHE C 531 -8.09 24.52 26.60
CA PHE C 531 -8.40 23.14 26.94
C PHE C 531 -9.63 22.63 26.18
N SER C 532 -10.73 23.38 26.15
CA SER C 532 -11.92 23.03 25.39
C SER C 532 -11.62 22.94 23.91
N THR C 533 -10.80 23.84 23.35
CA THR C 533 -10.40 23.77 21.94
C THR C 533 -9.57 22.52 21.65
N PHE C 534 -8.65 22.16 22.52
CA PHE C 534 -7.88 20.93 22.41
C PHE C 534 -8.78 19.68 22.44
N GLU C 535 -9.74 19.61 23.35
CA GLU C 535 -10.71 18.52 23.40
C GLU C 535 -11.64 18.51 22.18
N LEU C 536 -12.00 19.67 21.63
CA LEU C 536 -12.79 19.80 20.41
C LEU C 536 -11.99 19.41 19.17
N PHE C 537 -10.68 19.63 19.14
CA PHE C 537 -9.79 19.20 18.06
C PHE C 537 -9.86 17.68 17.93
N LEU C 538 -9.73 16.98 19.05
CA LEU C 538 -9.79 15.53 19.16
C LEU C 538 -11.21 14.96 19.12
N THR C 539 -12.24 15.80 19.10
CA THR C 539 -13.67 15.45 19.16
C THR C 539 -14.10 14.72 20.44
N ILE C 540 -13.33 14.84 21.52
CA ILE C 540 -13.56 14.12 22.79
C ILE C 540 -14.55 14.83 23.72
N ILE C 541 -14.89 16.09 23.45
CA ILE C 541 -16.12 16.70 23.94
C ILE C 541 -16.98 17.10 22.75
N ASP C 542 -18.30 17.14 22.95
CA ASP C 542 -19.22 17.61 21.93
C ASP C 542 -19.04 19.09 21.64
N GLY C 543 -19.29 19.46 20.39
CA GLY C 543 -19.38 20.83 19.91
C GLY C 543 -20.27 21.65 20.83
N PRO C 544 -19.81 22.81 21.34
CA PRO C 544 -20.59 23.62 22.25
C PRO C 544 -21.90 24.04 21.61
N ALA C 545 -23.01 23.82 22.30
CA ALA C 545 -24.33 24.13 21.84
C ALA C 545 -25.24 24.48 23.02
N ASN C 546 -26.10 25.46 22.81
CA ASN C 546 -27.20 25.76 23.71
C ASN C 546 -28.33 26.32 22.84
N TYR C 547 -29.23 25.44 22.38
CA TYR C 547 -30.32 25.82 21.49
C TYR C 547 -31.37 26.74 22.13
N SER C 548 -31.38 26.87 23.46
CA SER C 548 -32.28 27.78 24.24
C SER C 548 -31.82 29.25 24.18
N VAL C 549 -30.65 29.58 23.60
CA VAL C 549 -30.09 30.92 23.59
C VAL C 549 -29.50 31.31 22.22
N ASP C 550 -29.36 32.59 21.94
CA ASP C 550 -28.75 33.08 20.70
C ASP C 550 -27.22 33.23 20.86
N LEU C 551 -26.47 32.23 20.39
CA LEU C 551 -25.00 32.29 20.28
C LEU C 551 -24.55 33.34 19.25
N PRO C 552 -23.38 33.98 19.42
CA PRO C 552 -22.86 34.95 18.47
C PRO C 552 -22.57 34.31 17.10
N PHE C 553 -22.97 34.94 16.00
CA PHE C 553 -22.85 34.39 14.63
C PHE C 553 -21.40 34.00 14.25
N MET C 554 -20.43 34.74 14.79
CA MET C 554 -19.00 34.47 14.62
C MET C 554 -18.57 33.13 15.23
N TYR C 555 -19.28 32.59 16.23
CA TYR C 555 -19.05 31.24 16.74
C TYR C 555 -19.40 30.15 15.72
N CYS C 556 -20.55 30.23 15.07
CA CYS C 556 -20.97 29.25 14.07
C CYS C 556 -19.95 29.23 12.92
N ILE C 557 -19.54 30.40 12.42
CA ILE C 557 -18.50 30.54 11.39
C ILE C 557 -17.18 29.93 11.87
N THR C 558 -16.65 30.39 13.01
CA THR C 558 -15.38 29.90 13.55
C THR C 558 -15.43 28.39 13.81
N TYR C 559 -16.52 27.85 14.37
CA TYR C 559 -16.63 26.42 14.60
C TYR C 559 -16.74 25.63 13.30
N ALA C 560 -17.44 26.11 12.27
CA ALA C 560 -17.45 25.46 10.98
C ALA C 560 -16.02 25.39 10.40
N ALA C 561 -15.22 26.47 10.45
CA ALA C 561 -13.82 26.46 10.03
C ALA C 561 -12.95 25.51 10.88
N PHE C 562 -13.12 25.50 12.19
CA PHE C 562 -12.41 24.58 13.07
C PHE C 562 -12.80 23.11 12.83
N ALA C 563 -14.07 22.80 12.65
CA ALA C 563 -14.55 21.47 12.36
C ALA C 563 -13.98 20.97 11.00
N ILE C 564 -13.94 21.81 9.96
CA ILE C 564 -13.38 21.40 8.68
C ILE C 564 -11.86 21.23 8.82
N ILE C 565 -11.13 22.17 9.41
CA ILE C 565 -9.67 22.10 9.50
C ILE C 565 -9.19 21.12 10.56
N ALA C 566 -9.61 21.22 11.81
CA ALA C 566 -9.13 20.36 12.88
C ALA C 566 -9.72 18.95 12.78
N THR C 567 -11.05 18.86 12.85
CA THR C 567 -11.71 17.56 12.96
C THR C 567 -11.67 16.79 11.65
N LEU C 568 -12.26 17.31 10.57
CA LEU C 568 -12.39 16.59 9.33
C LEU C 568 -11.05 16.34 8.68
N LEU C 569 -10.26 17.39 8.41
CA LEU C 569 -9.01 17.35 7.69
C LEU C 569 -7.88 16.80 8.57
N MET C 570 -7.42 17.55 9.58
CA MET C 570 -6.18 17.27 10.30
C MET C 570 -6.21 15.95 11.06
N LEU C 571 -7.24 15.68 11.85
CA LEU C 571 -7.30 14.44 12.62
C LEU C 571 -7.35 13.20 11.73
N ASN C 572 -8.03 13.25 10.58
CA ASN C 572 -8.06 12.14 9.66
C ASN C 572 -6.79 12.06 8.83
N LEU C 573 -6.16 13.21 8.57
CA LEU C 573 -4.85 13.22 7.96
C LEU C 573 -3.80 12.58 8.93
N PHE C 574 -3.96 12.69 10.24
CA PHE C 574 -3.12 11.96 11.20
C PHE C 574 -3.25 10.42 11.06
N ILE C 575 -4.49 9.92 10.94
CA ILE C 575 -4.75 8.53 10.57
C ILE C 575 -4.08 8.16 9.23
N ALA C 576 -4.25 9.00 8.20
CA ALA C 576 -3.67 8.70 6.88
C ALA C 576 -2.14 8.67 6.93
N MET C 577 -1.54 9.61 7.64
CA MET C 577 -0.11 9.70 7.86
C MET C 577 0.45 8.49 8.62
N MET C 578 -0.13 8.11 9.77
CA MET C 578 0.33 6.92 10.48
C MET C 578 0.15 5.65 9.66
N GLY C 579 -0.94 5.52 8.89
CA GLY C 579 -1.14 4.39 7.97
C GLY C 579 -0.02 4.25 6.94
N ASP C 580 0.38 5.36 6.33
CA ASP C 580 1.52 5.39 5.43
C ASP C 580 2.85 5.07 6.17
N THR C 581 3.11 5.67 7.33
CA THR C 581 4.29 5.36 8.13
C THR C 581 4.36 3.90 8.53
N HIS C 582 3.23 3.28 8.90
CA HIS C 582 3.19 1.93 9.41
C HIS C 582 3.72 0.90 8.41
N TRP C 583 3.28 0.93 7.14
CA TRP C 583 3.72 -0.10 6.19
C TRP C 583 5.19 0.03 5.82
N ARG C 584 5.71 1.26 5.87
CA ARG C 584 7.12 1.57 5.50
C ARG C 584 8.08 1.36 6.70
N VAL C 585 7.57 1.37 7.91
CA VAL C 585 8.30 1.05 9.17
C VAL C 585 8.21 -0.43 9.57
N ALA C 586 7.26 -1.21 9.04
CA ALA C 586 6.97 -2.58 9.50
C ALA C 586 8.19 -3.53 9.57
N GLN C 587 9.11 -3.52 8.61
CA GLN C 587 10.32 -4.35 8.67
C GLN C 587 11.35 -3.87 9.70
N GLU C 588 11.63 -2.58 9.76
CA GLU C 588 12.48 -1.94 10.78
C GLU C 588 12.01 -2.31 12.20
N ARG C 589 10.69 -2.26 12.43
CA ARG C 589 10.04 -2.67 13.68
C ARG C 589 10.34 -4.12 14.07
N ASP C 590 10.32 -5.05 13.11
CA ASP C 590 10.56 -6.48 13.37
C ASP C 590 12.04 -6.80 13.62
N GLU C 591 12.95 -6.15 12.90
CA GLU C 591 14.39 -6.24 13.16
C GLU C 591 14.72 -5.69 14.55
N LEU C 592 14.17 -4.53 14.90
CA LEU C 592 14.33 -3.93 16.22
C LEU C 592 13.80 -4.85 17.31
N TRP C 593 12.72 -5.57 17.08
CA TRP C 593 12.22 -6.51 18.08
C TRP C 593 13.16 -7.69 18.30
N ARG C 594 13.73 -8.25 17.24
CA ARG C 594 14.67 -9.39 17.35
C ARG C 594 15.92 -8.92 18.08
N ALA C 595 16.40 -7.70 17.83
CA ALA C 595 17.46 -7.07 18.60
C ALA C 595 17.10 -6.80 20.08
N GLN C 596 15.88 -6.36 20.42
CA GLN C 596 15.44 -6.18 21.80
C GLN C 596 15.42 -7.48 22.59
N VAL C 597 15.05 -8.61 21.99
CA VAL C 597 15.11 -9.91 22.67
C VAL C 597 16.55 -10.23 23.07
N VAL C 598 17.51 -10.00 22.19
CA VAL C 598 18.92 -10.21 22.51
C VAL C 598 19.39 -9.24 23.58
N ALA C 599 19.10 -7.95 23.48
CA ALA C 599 19.47 -7.01 24.49
C ALA C 599 18.86 -7.28 25.86
N THR C 600 17.65 -7.81 25.92
CA THR C 600 17.08 -8.33 27.16
C THR C 600 17.88 -9.52 27.70
N THR C 601 18.30 -10.44 26.83
CA THR C 601 18.99 -11.68 27.18
C THR C 601 20.35 -11.36 27.81
N VAL C 602 21.06 -10.44 27.14
CA VAL C 602 22.38 -9.97 27.53
C VAL C 602 22.28 -9.26 28.88
N MET C 603 21.33 -8.33 29.04
CA MET C 603 21.10 -7.59 30.28
C MET C 603 20.76 -8.51 31.45
N LEU C 604 19.84 -9.46 31.28
CA LEU C 604 19.48 -10.40 32.33
C LEU C 604 20.67 -11.22 32.78
N GLU C 605 21.41 -11.83 31.86
CA GLU C 605 22.59 -12.62 32.23
C GLU C 605 23.70 -11.82 32.93
N ARG C 606 23.87 -10.58 32.56
CA ARG C 606 24.86 -9.72 33.24
C ARG C 606 24.38 -9.30 34.62
N LYS C 607 23.09 -9.03 34.82
CA LYS C 607 22.56 -8.51 36.09
C LYS C 607 22.13 -9.57 37.10
N MET C 608 21.61 -10.71 36.65
CA MET C 608 21.16 -11.78 37.54
C MET C 608 22.34 -12.54 38.18
N PRO C 609 22.16 -13.15 39.35
CA PRO C 609 23.12 -14.08 39.94
C PRO C 609 23.59 -15.24 39.02
N ARG C 610 24.89 -15.49 38.93
CA ARG C 610 25.47 -16.49 37.99
C ARG C 610 24.94 -17.91 38.09
N PHE C 611 24.53 -18.38 39.27
CA PHE C 611 23.94 -19.71 39.42
C PHE C 611 22.62 -19.90 38.63
N LEU C 612 21.92 -18.80 38.29
CA LEU C 612 20.73 -18.80 37.45
C LEU C 612 21.07 -18.80 35.96
N TRP C 613 22.29 -18.42 35.58
CA TRP C 613 22.76 -18.41 34.20
C TRP C 613 24.00 -19.29 34.04
N PRO C 614 23.84 -20.63 34.00
CA PRO C 614 24.92 -21.54 33.64
C PRO C 614 25.53 -21.17 32.29
N ARG C 615 26.85 -21.28 32.19
CA ARG C 615 27.61 -20.96 30.99
C ARG C 615 27.06 -21.71 29.78
N SER C 616 26.83 -21.00 28.68
CA SER C 616 26.12 -21.51 27.52
C SER C 616 27.03 -22.23 26.54
N GLY C 617 26.44 -23.14 25.77
CA GLY C 617 27.17 -24.03 24.88
C GLY C 617 27.74 -25.25 25.58
N ILE C 618 28.68 -25.88 24.92
CA ILE C 618 29.25 -27.19 25.22
C ILE C 618 30.65 -26.98 25.78
N CYS C 619 30.93 -27.49 26.98
CA CYS C 619 32.26 -27.39 27.56
C CYS C 619 33.23 -28.33 26.83
N GLY C 620 34.25 -27.79 26.17
CA GLY C 620 35.23 -28.59 25.44
C GLY C 620 36.04 -29.54 26.31
N TYR C 621 36.24 -29.21 27.58
CA TYR C 621 37.12 -29.94 28.49
C TYR C 621 36.64 -31.38 28.74
N GLU C 622 35.33 -31.64 28.75
CA GLU C 622 34.77 -33.00 28.85
C GLU C 622 35.18 -33.93 27.70
N TYR C 623 35.49 -33.38 26.52
CA TYR C 623 35.72 -34.10 25.28
C TYR C 623 37.16 -33.96 24.75
N GLY C 624 38.08 -33.40 25.55
CA GLY C 624 39.47 -33.21 25.17
C GLY C 624 39.72 -32.08 24.21
N LEU C 625 38.80 -31.11 24.08
CA LEU C 625 38.95 -29.94 23.21
C LEU C 625 39.61 -28.73 23.91
N GLY C 626 40.17 -28.93 25.10
CA GLY C 626 40.78 -27.86 25.90
C GLY C 626 39.76 -26.97 26.62
N ASP C 627 40.19 -25.78 27.00
CA ASP C 627 39.41 -24.84 27.84
C ASP C 627 38.29 -24.10 27.09
N ARG C 628 38.05 -24.41 25.82
CA ARG C 628 37.07 -23.62 25.04
C ARG C 628 35.65 -24.15 25.12
N TRP C 629 34.72 -23.30 24.81
CA TRP C 629 33.31 -23.69 24.79
C TRP C 629 32.73 -23.52 23.39
N PHE C 630 31.81 -24.39 23.01
CA PHE C 630 31.36 -24.50 21.63
C PHE C 630 29.84 -24.43 21.49
N LEU C 631 29.35 -24.05 20.33
CA LEU C 631 27.98 -24.31 19.92
C LEU C 631 28.01 -25.33 18.79
N ARG C 632 27.23 -26.39 18.92
CA ARG C 632 27.09 -27.32 17.79
C ARG C 632 25.83 -26.97 17.04
N VAL C 633 25.94 -26.73 15.78
CA VAL C 633 24.82 -26.45 14.89
C VAL C 633 24.71 -27.61 13.92
N GLU C 634 23.52 -28.16 13.77
CA GLU C 634 23.22 -29.12 12.73
C GLU C 634 22.33 -28.45 11.68
N ASN C 635 22.66 -28.59 10.40
CA ASN C 635 21.89 -27.97 9.33
C ASN C 635 21.79 -28.86 8.09
N HIS C 636 20.79 -28.55 7.26
CA HIS C 636 20.45 -29.21 6.00
C HIS C 636 20.82 -28.30 4.83
N HIS C 637 21.41 -28.83 3.76
CA HIS C 637 21.91 -28.08 2.62
C HIS C 637 21.66 -28.78 1.28
N ASP D 28 15.26 -30.15 26.08
CA ASP D 28 16.28 -31.12 26.55
C ASP D 28 16.96 -31.89 25.40
N TRP D 29 16.23 -32.49 24.47
CA TRP D 29 16.75 -33.30 23.34
C TRP D 29 17.93 -32.74 22.55
N GLU D 30 17.97 -31.41 22.35
CA GLU D 30 19.13 -30.78 21.72
C GLU D 30 20.40 -30.97 22.53
N GLN D 31 20.43 -30.63 23.84
CA GLN D 31 21.64 -30.82 24.66
C GLN D 31 22.08 -32.31 24.69
N TYR D 32 21.12 -33.24 24.72
CA TYR D 32 21.41 -34.65 24.69
C TYR D 32 22.06 -35.07 23.37
N ARG D 33 21.40 -34.73 22.25
CA ARG D 33 21.97 -35.03 20.92
C ARG D 33 23.35 -34.37 20.83
N ASP D 34 23.45 -33.07 21.16
CA ASP D 34 24.75 -32.43 21.15
C ASP D 34 25.79 -33.25 21.90
N ARG D 35 25.53 -33.72 23.12
CA ARG D 35 26.44 -34.58 23.87
C ARG D 35 26.79 -35.86 23.10
N VAL D 36 25.82 -36.53 22.51
CA VAL D 36 26.02 -37.73 21.68
C VAL D 36 26.99 -37.46 20.54
N ASN D 37 26.81 -36.34 19.83
CA ASN D 37 27.71 -35.94 18.76
C ASN D 37 29.12 -35.66 19.28
N MET D 38 29.27 -34.94 20.38
CA MET D 38 30.59 -34.71 20.98
C MET D 38 31.27 -36.00 21.39
N LEU D 39 30.51 -36.92 21.99
CA LEU D 39 30.96 -38.19 22.51
C LEU D 39 31.35 -39.17 21.38
N GLN D 40 30.67 -39.14 20.24
CA GLN D 40 31.08 -39.87 19.03
C GLN D 40 32.46 -39.42 18.57
N GLN D 41 32.68 -38.13 18.42
CA GLN D 41 33.96 -37.57 17.99
C GLN D 41 35.07 -37.84 19.02
N GLU D 42 34.78 -37.75 20.31
CA GLU D 42 35.68 -38.14 21.39
C GLU D 42 36.17 -39.58 21.22
N ARG D 43 35.31 -40.50 20.90
CA ARG D 43 35.75 -41.91 20.83
C ARG D 43 36.58 -42.08 19.56
N ILE D 44 36.13 -41.51 18.47
CA ILE D 44 36.88 -41.57 17.21
C ILE D 44 38.29 -41.06 17.43
N ARG D 45 38.45 -39.89 18.04
CA ARG D 45 39.73 -39.24 18.33
C ARG D 45 40.58 -40.04 19.32
N ASP D 46 39.95 -40.70 20.29
CA ASP D 46 40.59 -41.63 21.23
C ASP D 46 41.10 -42.93 20.61
N SER D 47 40.55 -43.38 19.49
CA SER D 47 40.78 -44.74 18.97
C SER D 47 41.53 -44.69 17.64
N PRO D 48 42.74 -45.27 17.51
CA PRO D 48 43.52 -45.14 16.29
C PRO D 48 42.88 -45.81 15.07
N LEU D 49 42.13 -46.90 15.25
CA LEU D 49 41.33 -47.53 14.19
C LEU D 49 40.26 -46.56 13.63
N LEU D 50 39.44 -45.98 14.51
CA LEU D 50 38.35 -45.09 14.11
C LEU D 50 38.91 -43.77 13.55
N GLN D 51 39.98 -43.22 14.13
CA GLN D 51 40.66 -42.07 13.57
C GLN D 51 41.20 -42.38 12.18
N ALA D 52 41.83 -43.54 11.95
CA ALA D 52 42.31 -43.92 10.62
C ALA D 52 41.17 -44.06 9.61
N ALA D 53 40.03 -44.64 10.02
CA ALA D 53 38.83 -44.74 9.21
C ALA D 53 38.23 -43.38 8.82
N LYS D 54 38.24 -42.39 9.72
CA LYS D 54 37.82 -41.01 9.45
C LYS D 54 38.81 -40.25 8.56
N GLU D 55 40.09 -40.32 8.92
CA GLU D 55 41.19 -39.62 8.26
C GLU D 55 41.53 -40.19 6.87
N ASN D 56 41.06 -41.40 6.57
CA ASN D 56 41.49 -42.21 5.42
C ASN D 56 43.00 -42.50 5.48
N ASP D 57 43.53 -42.77 6.66
CA ASP D 57 44.94 -43.11 6.83
C ASP D 57 45.16 -44.59 6.49
N LEU D 58 45.27 -44.89 5.19
CA LEU D 58 45.51 -46.22 4.66
C LEU D 58 46.76 -46.84 5.29
N ARG D 59 47.85 -46.07 5.42
CA ARG D 59 49.09 -46.55 6.02
C ARG D 59 48.90 -46.96 7.49
N LEU D 60 48.19 -46.18 8.30
CA LEU D 60 47.87 -46.60 9.67
C LEU D 60 46.98 -47.85 9.69
N LEU D 61 45.95 -47.97 8.84
CA LEU D 61 45.18 -49.21 8.74
C LEU D 61 46.05 -50.41 8.35
N LYS D 62 46.93 -50.25 7.35
CA LYS D 62 47.89 -51.27 6.91
C LYS D 62 48.94 -51.68 7.94
N ILE D 63 49.06 -50.96 9.06
CA ILE D 63 49.84 -51.37 10.23
C ILE D 63 48.90 -52.00 11.28
N LEU D 64 47.81 -51.30 11.59
CA LEU D 64 46.94 -51.56 12.72
C LEU D 64 46.07 -52.81 12.54
N LEU D 65 45.65 -53.12 11.31
CA LEU D 65 44.78 -54.26 11.00
C LEU D 65 45.49 -55.62 11.05
N LEU D 66 46.81 -55.66 11.27
CA LEU D 66 47.62 -56.88 11.17
C LEU D 66 47.76 -57.64 12.50
N ASN D 67 47.76 -56.97 13.67
CA ASN D 67 48.02 -57.61 14.96
C ASN D 67 46.94 -58.63 15.35
N ASP D 71 41.50 -55.34 17.93
CA ASP D 71 40.05 -55.61 17.90
C ASP D 71 39.35 -54.83 16.78
N PHE D 72 38.73 -55.51 15.82
CA PHE D 72 37.95 -54.91 14.72
C PHE D 72 36.51 -54.56 15.10
N GLN D 73 35.95 -55.17 16.15
CA GLN D 73 34.55 -55.02 16.58
C GLN D 73 34.37 -53.88 17.59
N GLN D 74 35.43 -53.15 17.95
CA GLN D 74 35.39 -52.00 18.84
C GLN D 74 34.47 -50.89 18.31
N ARG D 75 33.86 -50.15 19.22
CA ARG D 75 32.73 -49.26 18.93
C ARG D 75 33.01 -47.80 19.29
N GLY D 76 32.49 -46.89 18.47
CA GLY D 76 32.22 -45.51 18.85
C GLY D 76 31.12 -45.41 19.90
N ALA D 77 30.84 -44.20 20.39
CA ALA D 77 29.98 -43.97 21.55
C ALA D 77 28.54 -44.49 21.41
N VAL D 78 28.03 -44.62 20.19
CA VAL D 78 26.64 -45.09 19.91
C VAL D 78 26.56 -46.53 19.40
N GLY D 79 27.66 -47.29 19.47
CA GLY D 79 27.76 -48.64 18.91
C GLY D 79 28.12 -48.69 17.43
N GLU D 80 28.53 -47.58 16.82
CA GLU D 80 29.08 -47.54 15.46
C GLU D 80 30.42 -48.28 15.36
N THR D 81 30.65 -49.02 14.29
CA THR D 81 31.94 -49.67 13.99
C THR D 81 32.87 -48.72 13.24
N ALA D 82 34.14 -49.10 13.08
CA ALA D 82 35.06 -48.40 12.17
C ALA D 82 34.52 -48.30 10.72
N LEU D 83 33.73 -49.26 10.26
CA LEU D 83 33.12 -49.24 8.93
C LEU D 83 32.00 -48.21 8.82
N HIS D 84 31.21 -48.01 9.88
CA HIS D 84 30.28 -46.88 9.97
C HIS D 84 31.02 -45.55 9.86
N VAL D 85 32.16 -45.43 10.56
CA VAL D 85 33.02 -44.24 10.47
C VAL D 85 33.55 -44.04 9.05
N ALA D 86 34.09 -45.08 8.41
CA ALA D 86 34.60 -44.98 7.04
C ALA D 86 33.50 -44.58 6.05
N ALA D 87 32.30 -45.14 6.18
CA ALA D 87 31.14 -44.78 5.35
C ALA D 87 30.71 -43.36 5.58
N LEU D 88 30.68 -42.89 6.84
CA LEU D 88 30.29 -41.54 7.22
C LEU D 88 31.23 -40.47 6.66
N TYR D 89 32.54 -40.69 6.72
CA TYR D 89 33.53 -39.81 6.11
C TYR D 89 33.77 -40.09 4.62
N ASP D 90 32.95 -40.96 4.02
CA ASP D 90 32.85 -41.18 2.59
C ASP D 90 34.17 -41.74 2.00
N ASN D 91 34.85 -42.61 2.77
CA ASN D 91 36.17 -43.17 2.49
C ASN D 91 36.08 -44.62 1.98
N LEU D 92 35.86 -44.81 0.69
CA LEU D 92 35.79 -46.14 0.08
C LEU D 92 37.05 -46.96 0.31
N GLU D 93 38.21 -46.31 0.26
CA GLU D 93 39.52 -46.94 0.40
C GLU D 93 39.69 -47.56 1.79
N ALA D 94 39.45 -46.81 2.85
CA ALA D 94 39.40 -47.35 4.21
C ALA D 94 38.35 -48.46 4.38
N ALA D 95 37.16 -48.30 3.81
CA ALA D 95 36.06 -49.23 3.98
C ALA D 95 36.37 -50.58 3.33
N THR D 96 36.95 -50.60 2.14
CA THR D 96 37.39 -51.85 1.53
C THR D 96 38.53 -52.49 2.37
N LEU D 97 39.47 -51.76 2.98
CA LEU D 97 40.42 -52.37 3.91
C LEU D 97 39.73 -53.02 5.12
N LEU D 98 38.76 -52.32 5.73
CA LEU D 98 38.07 -52.79 6.94
C LEU D 98 37.28 -54.07 6.68
N MET D 99 36.63 -54.18 5.53
CA MET D 99 35.96 -55.42 5.07
C MET D 99 36.95 -56.53 4.67
N GLU D 100 38.07 -56.21 3.98
CA GLU D 100 39.14 -57.16 3.72
C GLU D 100 39.71 -57.80 4.99
N ALA D 101 39.86 -57.01 6.07
CA ALA D 101 40.29 -57.48 7.38
C ALA D 101 39.20 -58.19 8.18
N ALA D 102 37.96 -57.70 8.18
CA ALA D 102 36.86 -58.19 9.02
C ALA D 102 35.49 -58.02 8.31
N PRO D 103 35.10 -58.94 7.40
CA PRO D 103 33.92 -58.71 6.57
C PRO D 103 32.58 -58.66 7.35
N GLU D 104 32.51 -59.25 8.55
CA GLU D 104 31.32 -59.21 9.39
C GLU D 104 30.89 -57.79 9.78
N LEU D 105 31.78 -56.79 9.72
CA LEU D 105 31.43 -55.39 9.95
C LEU D 105 30.31 -54.89 9.02
N ALA D 106 30.21 -55.41 7.79
CA ALA D 106 29.13 -55.02 6.86
C ALA D 106 27.72 -55.34 7.41
N LYS D 107 27.60 -56.34 8.28
CA LYS D 107 26.34 -56.77 8.89
C LYS D 107 25.96 -56.05 10.18
N GLU D 108 26.87 -55.28 10.78
CA GLU D 108 26.71 -54.74 12.13
C GLU D 108 25.74 -53.54 12.22
N PRO D 109 24.75 -53.56 13.12
CA PRO D 109 23.97 -52.39 13.48
C PRO D 109 24.67 -51.55 14.57
N ALA D 110 24.42 -50.24 14.60
CA ALA D 110 24.65 -49.40 15.78
C ALA D 110 23.67 -49.75 16.92
N LEU D 111 24.01 -49.44 18.17
CA LEU D 111 23.41 -50.09 19.35
C LEU D 111 22.66 -49.16 20.31
N CYS D 112 22.97 -47.87 20.34
CA CYS D 112 22.41 -46.91 21.31
C CYS D 112 21.25 -46.11 20.73
N GLU D 113 20.30 -45.68 21.57
CA GLU D 113 18.98 -45.15 21.18
C GLU D 113 18.96 -44.09 20.05
N PRO D 114 19.93 -43.17 19.92
CA PRO D 114 19.91 -42.20 18.82
C PRO D 114 19.99 -42.86 17.45
N PHE D 115 20.88 -43.84 17.29
CA PHE D 115 21.23 -44.43 16.00
C PHE D 115 20.98 -45.94 15.92
N VAL D 116 20.31 -46.55 16.90
CA VAL D 116 20.13 -48.01 16.96
C VAL D 116 19.57 -48.60 15.67
N GLY D 117 20.19 -49.67 15.21
CA GLY D 117 19.87 -50.36 13.97
C GLY D 117 20.55 -49.78 12.72
N GLN D 118 21.13 -48.59 12.78
CA GLN D 118 21.82 -48.00 11.62
C GLN D 118 23.02 -48.85 11.20
N THR D 119 23.15 -49.11 9.91
CA THR D 119 24.26 -49.86 9.32
C THR D 119 25.15 -48.97 8.47
N ALA D 120 26.37 -49.42 8.15
CA ALA D 120 27.22 -48.75 7.16
C ALA D 120 26.53 -48.65 5.79
N LEU D 121 25.58 -49.53 5.47
CA LEU D 121 24.79 -49.47 4.24
C LEU D 121 23.83 -48.28 4.24
N HIS D 122 23.11 -48.00 5.33
CA HIS D 122 22.30 -46.78 5.44
C HIS D 122 23.14 -45.53 5.20
N ILE D 123 24.38 -45.51 5.71
CA ILE D 123 25.30 -44.38 5.64
C ILE D 123 25.83 -44.24 4.20
N ALA D 124 26.24 -45.32 3.56
CA ALA D 124 26.70 -45.29 2.19
C ALA D 124 25.64 -44.83 1.18
N VAL D 125 24.37 -45.20 1.41
CA VAL D 125 23.23 -44.61 0.71
C VAL D 125 23.02 -43.13 1.04
N MET D 126 23.04 -42.69 2.29
CA MET D 126 22.98 -41.24 2.61
C MET D 126 24.03 -40.44 1.83
N ASN D 127 25.25 -40.94 1.80
CA ASN D 127 26.38 -40.33 1.11
C ASN D 127 26.40 -40.63 -0.42
N GLN D 128 25.40 -41.30 -0.99
CA GLN D 128 25.28 -41.61 -2.42
C GLN D 128 26.51 -42.28 -3.04
N ASN D 129 27.26 -43.00 -2.26
CA ASN D 129 28.47 -43.70 -2.72
C ASN D 129 28.11 -45.08 -3.29
N LEU D 130 27.85 -45.11 -4.61
CA LEU D 130 27.41 -46.31 -5.30
C LEU D 130 28.40 -47.47 -5.16
N ASN D 131 29.71 -47.20 -5.28
CA ASN D 131 30.74 -48.20 -5.17
C ASN D 131 30.85 -48.77 -3.75
N LEU D 132 30.77 -47.92 -2.72
CA LEU D 132 30.73 -48.35 -1.33
C LEU D 132 29.44 -49.16 -1.01
N VAL D 133 28.28 -48.72 -1.51
CA VAL D 133 27.04 -49.50 -1.37
C VAL D 133 27.24 -50.89 -1.99
N ARG D 134 27.62 -50.99 -3.25
CA ARG D 134 27.84 -52.26 -3.97
C ARG D 134 28.92 -53.13 -3.30
N ALA D 135 29.94 -52.52 -2.71
CA ALA D 135 30.92 -53.25 -1.86
C ALA D 135 30.32 -53.82 -0.57
N LEU D 136 29.43 -53.10 0.14
CA LEU D 136 28.78 -53.61 1.35
C LEU D 136 27.81 -54.73 0.99
N LEU D 137 27.15 -54.64 -0.17
CA LEU D 137 26.25 -55.67 -0.65
C LEU D 137 26.96 -56.93 -1.11
N ALA D 138 28.14 -56.78 -1.68
CA ALA D 138 29.06 -57.87 -1.98
C ALA D 138 29.51 -58.62 -0.73
N ARG D 139 29.75 -57.93 0.39
CA ARG D 139 29.94 -58.54 1.71
C ARG D 139 28.68 -59.04 2.40
N GLY D 140 27.50 -58.87 1.80
CA GLY D 140 26.23 -59.31 2.35
C GLY D 140 25.69 -58.49 3.53
N ALA D 141 25.88 -57.14 3.51
CA ALA D 141 25.11 -56.20 4.29
C ALA D 141 23.62 -56.37 3.99
N SER D 142 22.78 -56.25 5.02
CA SER D 142 21.34 -56.49 4.91
C SER D 142 20.61 -55.35 4.21
N VAL D 143 19.96 -55.62 3.09
CA VAL D 143 19.08 -54.67 2.40
C VAL D 143 17.83 -54.32 3.20
N SER D 144 17.48 -55.08 4.23
CA SER D 144 16.25 -54.96 5.02
C SER D 144 16.49 -54.55 6.48
N ALA D 145 17.70 -54.10 6.83
CA ALA D 145 17.98 -53.57 8.16
C ALA D 145 17.16 -52.30 8.46
N ARG D 146 16.60 -52.18 9.67
CA ARG D 146 15.86 -51.00 10.11
C ARG D 146 16.70 -50.13 11.02
N ALA D 147 16.98 -48.91 10.60
CA ALA D 147 17.53 -47.85 11.44
C ALA D 147 16.42 -47.29 12.33
N THR D 148 16.03 -48.01 13.36
CA THR D 148 14.86 -47.70 14.20
C THR D 148 15.10 -46.64 15.27
N GLY D 149 16.34 -46.18 15.48
CA GLY D 149 16.67 -45.18 16.50
C GLY D 149 16.05 -43.80 16.30
N ALA D 150 16.05 -43.00 17.37
CA ALA D 150 15.35 -41.72 17.45
C ALA D 150 15.77 -40.70 16.37
N ALA D 151 16.99 -40.78 15.83
CA ALA D 151 17.48 -39.96 14.72
C ALA D 151 16.77 -40.20 13.39
N PHE D 152 15.94 -41.24 13.28
CA PHE D 152 15.29 -41.67 12.03
C PHE D 152 13.76 -41.62 12.07
N ARG D 153 13.21 -41.08 13.14
CA ARG D 153 11.75 -41.07 13.29
C ARG D 153 11.21 -39.73 12.80
N ARG D 154 10.07 -39.70 12.11
CA ARG D 154 9.50 -38.38 11.77
C ARG D 154 9.22 -37.63 13.08
N SER D 155 9.85 -36.49 13.23
CA SER D 155 9.72 -35.63 14.42
C SER D 155 10.19 -34.21 14.10
N PRO D 156 9.81 -33.21 14.90
CA PRO D 156 10.38 -31.86 14.79
C PRO D 156 11.84 -31.81 15.22
N HIS D 157 12.36 -32.83 15.91
CA HIS D 157 13.76 -32.95 16.28
C HIS D 157 14.66 -33.22 15.08
N ASN D 158 14.17 -33.96 14.09
CA ASN D 158 14.97 -34.43 12.95
C ASN D 158 14.75 -33.55 11.71
N LEU D 159 15.85 -33.17 11.05
CA LEU D 159 15.81 -32.30 9.87
C LEU D 159 15.40 -33.03 8.58
N ILE D 160 15.52 -34.35 8.56
CA ILE D 160 15.08 -35.24 7.50
C ILE D 160 14.24 -36.36 8.09
N TYR D 161 13.36 -36.93 7.27
CA TYR D 161 12.73 -38.20 7.54
C TYR D 161 12.80 -39.06 6.29
N TYR D 162 13.69 -40.04 6.28
CA TYR D 162 13.92 -40.95 5.18
C TYR D 162 13.35 -42.35 5.44
N GLY D 163 12.49 -42.53 6.45
CA GLY D 163 12.04 -43.84 6.89
C GLY D 163 13.14 -44.59 7.65
N GLU D 164 13.13 -45.91 7.61
CA GLU D 164 14.08 -46.75 8.37
C GLU D 164 14.90 -47.73 7.53
N HIS D 165 14.60 -47.94 6.25
CA HIS D 165 15.25 -48.96 5.40
C HIS D 165 16.18 -48.32 4.35
N PRO D 166 17.24 -49.02 3.90
CA PRO D 166 18.14 -48.51 2.87
C PRO D 166 17.44 -48.10 1.59
N LEU D 167 16.42 -48.82 1.16
CA LEU D 167 15.62 -48.45 -0.01
C LEU D 167 14.88 -47.11 0.16
N SER D 168 14.30 -46.87 1.33
CA SER D 168 13.67 -45.61 1.67
C SER D 168 14.66 -44.45 1.62
N PHE D 169 15.88 -44.66 2.10
CA PHE D 169 16.93 -43.66 2.02
C PHE D 169 17.31 -43.40 0.57
N ALA D 170 17.49 -44.46 -0.23
CA ALA D 170 17.90 -44.37 -1.65
C ALA D 170 16.89 -43.61 -2.50
N ALA D 171 15.61 -43.82 -2.23
CA ALA D 171 14.53 -43.02 -2.79
C ALA D 171 14.56 -41.55 -2.38
N CYS D 172 14.79 -41.24 -1.11
CA CYS D 172 14.80 -39.86 -0.61
C CYS D 172 16.03 -39.05 -1.01
N VAL D 173 17.19 -39.68 -1.17
CA VAL D 173 18.36 -39.03 -1.79
C VAL D 173 18.27 -38.96 -3.32
N GLY D 174 17.25 -39.58 -3.94
CA GLY D 174 17.03 -39.48 -5.38
C GLY D 174 17.99 -40.35 -6.20
N SER D 175 18.63 -41.37 -5.64
CA SER D 175 19.59 -42.15 -6.41
C SER D 175 18.91 -43.31 -7.18
N GLU D 176 18.65 -43.13 -8.48
CA GLU D 176 18.08 -44.20 -9.32
C GLU D 176 19.00 -45.43 -9.38
N GLU D 177 20.31 -45.24 -9.48
CA GLU D 177 21.30 -46.34 -9.48
C GLU D 177 21.23 -47.18 -8.21
N ILE D 178 21.20 -46.52 -7.04
CA ILE D 178 21.15 -47.23 -5.76
C ILE D 178 19.76 -47.87 -5.50
N VAL D 179 18.66 -47.19 -5.83
CA VAL D 179 17.31 -47.79 -5.77
C VAL D 179 17.21 -49.06 -6.61
N ARG D 180 17.76 -49.04 -7.83
CA ARG D 180 17.77 -50.28 -8.68
C ARG D 180 18.71 -51.33 -8.07
N LEU D 181 19.92 -50.92 -7.69
CA LEU D 181 20.86 -51.88 -7.12
C LEU D 181 20.35 -52.58 -5.85
N LEU D 182 19.58 -51.85 -4.99
CA LEU D 182 18.98 -52.43 -3.78
C LEU D 182 17.81 -53.37 -4.12
N ILE D 183 16.94 -53.04 -5.07
CA ILE D 183 15.87 -53.96 -5.49
C ILE D 183 16.46 -55.19 -6.20
N GLU D 184 17.53 -55.04 -6.98
CA GLU D 184 18.28 -56.18 -7.53
C GLU D 184 18.83 -57.13 -6.44
N HIS D 185 19.26 -56.60 -5.29
CA HIS D 185 19.74 -57.39 -4.13
C HIS D 185 18.57 -57.79 -3.20
N GLY D 186 17.28 -57.60 -3.56
CA GLY D 186 16.14 -58.15 -2.81
C GLY D 186 15.52 -57.17 -1.81
N ALA D 187 15.84 -55.89 -1.86
CA ALA D 187 15.10 -54.94 -1.06
C ALA D 187 13.61 -54.95 -1.42
N ASP D 188 12.78 -54.97 -0.38
CA ASP D 188 11.33 -55.03 -0.51
C ASP D 188 10.72 -53.61 -0.59
N ILE D 189 10.14 -53.25 -1.73
CA ILE D 189 9.42 -51.98 -1.92
C ILE D 189 8.27 -51.80 -0.92
N ARG D 190 7.73 -52.87 -0.36
CA ARG D 190 6.51 -52.73 0.48
C ARG D 190 6.88 -52.66 1.96
N ALA D 191 8.16 -52.70 2.29
CA ALA D 191 8.63 -52.56 3.66
C ALA D 191 8.06 -51.29 4.31
N GLN D 192 7.55 -51.43 5.54
CA GLN D 192 6.95 -50.34 6.31
C GLN D 192 7.79 -50.01 7.54
N ASP D 193 7.91 -48.73 7.87
CA ASP D 193 8.60 -48.29 9.07
C ASP D 193 7.69 -48.27 10.32
N SER D 194 8.17 -47.70 11.43
CA SER D 194 7.43 -47.58 12.71
C SER D 194 6.16 -46.72 12.65
N LEU D 195 5.96 -45.89 11.63
CA LEU D 195 4.70 -45.19 11.37
C LEU D 195 3.81 -45.98 10.39
N GLY D 196 4.27 -47.12 9.89
CA GLY D 196 3.61 -47.88 8.83
C GLY D 196 3.85 -47.28 7.44
N ASN D 197 4.74 -46.31 7.29
CA ASN D 197 4.99 -45.69 6.01
C ASN D 197 5.81 -46.61 5.11
N THR D 198 5.26 -46.96 3.95
CA THR D 198 6.01 -47.54 2.83
C THR D 198 6.83 -46.45 2.16
N VAL D 199 7.77 -46.82 1.29
CA VAL D 199 8.58 -45.84 0.56
C VAL D 199 7.76 -44.81 -0.19
N LEU D 200 6.56 -45.15 -0.68
CA LEU D 200 5.68 -44.21 -1.37
C LEU D 200 5.18 -43.12 -0.44
N HIS D 201 4.84 -43.46 0.80
CA HIS D 201 4.56 -42.47 1.83
C HIS D 201 5.78 -41.62 2.16
N ILE D 202 6.97 -42.23 2.29
CA ILE D 202 8.18 -41.47 2.61
C ILE D 202 8.49 -40.45 1.52
N LEU D 203 8.38 -40.84 0.25
CA LEU D 203 8.59 -39.96 -0.91
C LEU D 203 7.62 -38.77 -0.90
N ILE D 204 6.35 -39.01 -0.64
CA ILE D 204 5.37 -37.93 -0.54
C ILE D 204 5.63 -36.95 0.61
N LEU D 205 6.40 -37.33 1.63
CA LEU D 205 6.81 -36.46 2.73
C LEU D 205 8.05 -35.62 2.44
N GLN D 206 8.75 -35.83 1.33
CA GLN D 206 9.97 -35.09 1.00
C GLN D 206 9.71 -33.65 0.52
N PRO D 207 10.64 -32.70 0.75
CA PRO D 207 10.58 -31.37 0.15
C PRO D 207 10.58 -31.45 -1.38
N ASN D 208 9.73 -30.68 -2.04
CA ASN D 208 9.47 -30.84 -3.48
C ASN D 208 10.76 -30.53 -4.28
N LYS D 209 11.35 -31.57 -4.89
CA LYS D 209 12.61 -31.57 -5.66
C LYS D 209 12.43 -32.56 -6.82
N THR D 210 13.09 -32.29 -7.96
CA THR D 210 12.71 -32.81 -9.29
C THR D 210 12.62 -34.35 -9.40
N PHE D 211 13.47 -35.08 -8.69
CA PHE D 211 13.44 -36.54 -8.74
C PHE D 211 12.23 -37.14 -8.03
N ALA D 212 11.50 -36.43 -7.16
CA ALA D 212 10.58 -37.14 -6.24
C ALA D 212 9.41 -37.88 -6.94
N CYS D 213 8.87 -37.30 -8.01
CA CYS D 213 7.87 -37.94 -8.88
C CYS D 213 8.51 -39.01 -9.80
N GLN D 214 9.69 -38.75 -10.36
CA GLN D 214 10.47 -39.74 -11.12
C GLN D 214 10.72 -41.01 -10.32
N MET D 215 11.08 -40.83 -9.05
CA MET D 215 11.38 -41.89 -8.10
C MET D 215 10.14 -42.68 -7.69
N TYR D 216 9.00 -42.02 -7.50
CA TYR D 216 7.70 -42.67 -7.30
C TYR D 216 7.30 -43.53 -8.51
N ASN D 217 7.41 -42.98 -9.72
CA ASN D 217 7.12 -43.66 -10.99
C ASN D 217 8.08 -44.86 -11.23
N LEU D 218 9.35 -44.73 -10.83
CA LEU D 218 10.31 -45.85 -10.83
C LEU D 218 9.89 -46.93 -9.83
N LEU D 219 9.56 -46.59 -8.59
CA LEU D 219 9.23 -47.58 -7.58
C LEU D 219 7.95 -48.34 -7.88
N LEU D 220 6.92 -47.69 -8.42
CA LEU D 220 5.75 -48.42 -8.92
C LEU D 220 6.04 -49.36 -10.08
N SER D 221 7.11 -49.15 -10.85
CA SER D 221 7.49 -50.11 -11.90
C SER D 221 7.93 -51.48 -11.34
N TYR D 222 8.21 -51.60 -10.04
CA TYR D 222 8.47 -52.86 -9.34
C TYR D 222 7.27 -53.40 -8.54
N ASP D 223 6.14 -52.67 -8.49
CA ASP D 223 4.90 -53.16 -7.87
C ASP D 223 4.33 -54.38 -8.63
N GLU D 224 4.46 -54.38 -9.96
CA GLU D 224 4.25 -55.56 -10.80
C GLU D 224 5.31 -56.64 -10.56
N GLN D 230 -2.71 -56.80 -3.49
CA GLN D 230 -3.09 -55.39 -3.82
C GLN D 230 -1.87 -54.55 -4.20
N SER D 231 -2.05 -53.49 -4.99
CA SER D 231 -0.98 -52.56 -5.36
C SER D 231 -0.35 -51.86 -4.14
N LEU D 232 0.93 -51.54 -4.20
CA LEU D 232 1.63 -50.84 -3.13
C LEU D 232 1.02 -49.47 -2.82
N GLU D 233 0.49 -48.76 -3.82
CA GLU D 233 -0.13 -47.46 -3.55
C GLU D 233 -1.52 -47.55 -2.88
N LEU D 234 -2.00 -48.75 -2.54
CA LEU D 234 -3.18 -48.97 -1.69
C LEU D 234 -2.84 -49.36 -0.24
N VAL D 235 -1.57 -49.59 0.11
CA VAL D 235 -1.16 -49.92 1.48
C VAL D 235 -1.32 -48.70 2.39
N PRO D 236 -2.06 -48.76 3.51
CA PRO D 236 -2.19 -47.65 4.44
C PRO D 236 -1.09 -47.64 5.51
N ASN D 237 -0.70 -46.46 5.99
CA ASN D 237 0.13 -46.32 7.19
C ASN D 237 -0.71 -46.48 8.47
N HIS D 238 -0.10 -46.33 9.65
CA HIS D 238 -0.79 -46.50 10.95
C HIS D 238 -1.82 -45.40 11.27
N GLN D 239 -1.83 -44.26 10.55
CA GLN D 239 -2.93 -43.30 10.57
C GLN D 239 -4.10 -43.72 9.69
N GLY D 240 -3.97 -44.80 8.92
CA GLY D 240 -4.95 -45.25 7.93
C GLY D 240 -4.79 -44.61 6.55
N LEU D 241 -3.75 -43.82 6.31
CA LEU D 241 -3.59 -43.09 5.05
C LEU D 241 -2.84 -43.93 4.02
N THR D 242 -3.44 -44.10 2.85
CA THR D 242 -2.74 -44.51 1.64
C THR D 242 -1.88 -43.35 1.14
N PRO D 243 -0.90 -43.59 0.25
CA PRO D 243 -0.06 -42.53 -0.31
C PRO D 243 -0.86 -41.38 -0.94
N PHE D 244 -1.98 -41.65 -1.60
CA PHE D 244 -2.85 -40.63 -2.20
C PHE D 244 -3.47 -39.69 -1.16
N LYS D 245 -4.05 -40.26 -0.10
CA LYS D 245 -4.61 -39.50 1.02
C LYS D 245 -3.51 -38.75 1.76
N LEU D 246 -2.33 -39.34 1.89
CA LEU D 246 -1.19 -38.64 2.47
C LEU D 246 -0.77 -37.44 1.63
N ALA D 247 -0.74 -37.54 0.29
CA ALA D 247 -0.47 -36.37 -0.55
C ALA D 247 -1.50 -35.26 -0.32
N GLY D 248 -2.77 -35.62 -0.19
CA GLY D 248 -3.84 -34.68 0.15
C GLY D 248 -3.64 -34.01 1.52
N VAL D 249 -3.46 -34.78 2.59
CA VAL D 249 -3.21 -34.28 3.96
C VAL D 249 -1.95 -33.43 4.03
N GLU D 250 -0.88 -33.84 3.36
CA GLU D 250 0.41 -33.13 3.40
C GLU D 250 0.46 -31.94 2.47
N GLY D 251 -0.59 -31.70 1.66
CA GLY D 251 -0.58 -30.61 0.72
C GLY D 251 0.41 -30.77 -0.42
N ASN D 252 0.92 -31.97 -0.72
CA ASN D 252 1.86 -32.17 -1.85
C ASN D 252 1.12 -32.15 -3.19
N THR D 253 0.97 -30.95 -3.72
CA THR D 253 0.19 -30.73 -4.95
C THR D 253 0.90 -31.21 -6.20
N VAL D 254 2.24 -31.27 -6.21
CA VAL D 254 3.04 -31.87 -7.30
C VAL D 254 2.84 -33.38 -7.34
N MET D 255 2.93 -34.10 -6.23
CA MET D 255 2.62 -35.51 -6.20
C MET D 255 1.14 -35.76 -6.46
N PHE D 256 0.20 -34.90 -6.00
CA PHE D 256 -1.22 -35.06 -6.30
C PHE D 256 -1.54 -35.02 -7.81
N GLN D 257 -1.00 -34.02 -8.51
CA GLN D 257 -1.10 -33.98 -9.97
C GLN D 257 -0.44 -35.18 -10.62
N HIS D 258 0.71 -35.66 -10.13
CA HIS D 258 1.33 -36.86 -10.65
C HIS D 258 0.46 -38.10 -10.44
N LEU D 259 -0.10 -38.30 -9.25
CA LEU D 259 -1.02 -39.39 -8.93
C LEU D 259 -2.23 -39.37 -9.87
N MET D 260 -2.78 -38.19 -10.17
CA MET D 260 -3.93 -38.10 -11.07
C MET D 260 -3.62 -38.38 -12.51
N GLN D 261 -2.40 -38.23 -13.02
CA GLN D 261 -2.03 -38.58 -14.41
C GLN D 261 -2.40 -40.05 -14.72
N LYS D 262 -2.44 -40.94 -13.72
CA LYS D 262 -2.82 -42.36 -13.85
C LYS D 262 -4.26 -42.68 -13.46
N ARG D 263 -5.01 -41.65 -13.09
CA ARG D 263 -6.44 -41.82 -12.76
C ARG D 263 -7.27 -41.11 -13.84
N LYS D 264 -6.69 -40.20 -14.61
CA LYS D 264 -7.37 -39.61 -15.78
C LYS D 264 -7.38 -40.53 -17.00
N HIS D 265 -8.39 -40.41 -17.84
CA HIS D 265 -8.42 -40.92 -19.22
C HIS D 265 -8.78 -39.75 -20.13
N VAL D 266 -7.97 -39.42 -21.13
CA VAL D 266 -8.30 -38.44 -22.19
C VAL D 266 -9.25 -39.07 -23.19
N GLN D 267 -10.51 -38.67 -23.11
CA GLN D 267 -11.65 -39.26 -23.81
C GLN D 267 -11.66 -38.90 -25.30
N TRP D 268 -11.45 -37.62 -25.63
CA TRP D 268 -11.25 -37.12 -27.01
C TRP D 268 -10.57 -35.76 -27.00
N THR D 269 -9.96 -35.39 -28.12
CA THR D 269 -9.43 -34.04 -28.36
C THR D 269 -9.89 -33.55 -29.71
N CYS D 270 -10.44 -32.34 -29.82
CA CYS D 270 -10.90 -31.77 -31.08
C CYS D 270 -10.55 -30.29 -31.14
N GLY D 271 -9.68 -29.89 -32.09
CA GLY D 271 -9.14 -28.53 -32.13
C GLY D 271 -8.52 -28.17 -30.77
N PRO D 272 -8.96 -27.06 -30.15
CA PRO D 272 -8.46 -26.64 -28.85
C PRO D 272 -9.14 -27.32 -27.66
N LEU D 273 -10.21 -28.09 -27.88
CA LEU D 273 -10.97 -28.72 -26.81
C LEU D 273 -10.52 -30.14 -26.54
N THR D 274 -10.52 -30.53 -25.28
CA THR D 274 -10.42 -31.93 -24.91
C THR D 274 -11.39 -32.28 -23.80
N SER D 275 -11.91 -33.50 -23.83
CA SER D 275 -12.73 -34.07 -22.78
C SER D 275 -11.91 -35.10 -22.05
N THR D 276 -11.80 -34.97 -20.73
CA THR D 276 -11.00 -35.83 -19.87
C THR D 276 -11.89 -36.40 -18.80
N LEU D 277 -11.78 -37.69 -18.54
CA LEU D 277 -12.58 -38.40 -17.57
C LEU D 277 -11.70 -38.82 -16.38
N TYR D 278 -11.97 -38.29 -15.20
CA TYR D 278 -11.18 -38.51 -13.99
C TYR D 278 -11.89 -39.50 -13.08
N ASP D 279 -11.20 -40.55 -12.64
CA ASP D 279 -11.73 -41.51 -11.67
C ASP D 279 -11.82 -40.88 -10.28
N LEU D 280 -13.03 -40.80 -9.72
CA LEU D 280 -13.31 -40.18 -8.43
C LEU D 280 -13.12 -41.12 -7.25
N THR D 281 -12.76 -42.38 -7.43
CA THR D 281 -12.74 -43.39 -6.38
C THR D 281 -11.97 -42.93 -5.13
N GLU D 282 -10.69 -42.56 -5.27
CA GLU D 282 -9.90 -42.07 -4.14
C GLU D 282 -10.36 -40.69 -3.65
N ILE D 283 -10.74 -39.79 -4.56
CA ILE D 283 -11.11 -38.39 -4.21
C ILE D 283 -12.41 -38.29 -3.41
N ASP D 284 -13.47 -38.95 -3.85
CA ASP D 284 -14.77 -38.91 -3.18
C ASP D 284 -14.82 -39.93 -2.00
N SER D 285 -13.97 -40.95 -2.02
CA SER D 285 -13.78 -41.82 -0.86
C SER D 285 -15.05 -42.46 -0.33
N TRP D 286 -15.89 -42.99 -1.23
CA TRP D 286 -17.28 -43.35 -0.96
C TRP D 286 -17.44 -44.45 0.09
N GLY D 287 -18.34 -44.23 1.06
CA GLY D 287 -18.70 -45.16 2.10
C GLY D 287 -17.71 -45.30 3.22
N GLU D 288 -16.52 -44.72 3.11
CA GLU D 288 -15.51 -44.66 4.17
C GLU D 288 -15.87 -43.62 5.27
N GLU D 289 -15.46 -43.88 6.52
CA GLU D 289 -15.67 -43.00 7.66
C GLU D 289 -14.97 -41.65 7.50
N LEU D 290 -13.66 -41.64 7.17
CA LEU D 290 -12.90 -40.41 6.87
C LEU D 290 -12.59 -40.36 5.38
N SER D 291 -13.17 -39.38 4.68
CA SER D 291 -12.96 -39.19 3.25
C SER D 291 -11.68 -38.42 2.96
N PHE D 292 -11.13 -38.61 1.76
CA PHE D 292 -10.07 -37.75 1.22
C PHE D 292 -10.40 -36.26 1.40
N LEU D 293 -11.57 -35.75 1.03
CA LEU D 293 -11.91 -34.32 1.14
C LEU D 293 -11.95 -33.90 2.61
N GLU D 294 -12.50 -34.70 3.52
CA GLU D 294 -12.49 -34.37 4.95
C GLU D 294 -11.07 -34.30 5.53
N LEU D 295 -10.20 -35.23 5.18
CA LEU D 295 -8.81 -35.25 5.62
C LEU D 295 -8.02 -34.05 5.11
N VAL D 296 -8.28 -33.60 3.89
CA VAL D 296 -7.70 -32.40 3.29
C VAL D 296 -8.12 -31.13 4.03
N VAL D 297 -9.42 -30.87 4.19
CA VAL D 297 -9.91 -29.64 4.85
C VAL D 297 -9.57 -29.59 6.34
N SER D 298 -9.57 -30.74 7.02
CA SER D 298 -9.22 -30.84 8.44
C SER D 298 -7.73 -30.98 8.70
N SER D 299 -6.87 -30.96 7.67
CA SER D 299 -5.42 -31.00 7.83
C SER D 299 -4.92 -29.75 8.56
N LYS D 300 -3.95 -29.92 9.46
CA LYS D 300 -3.28 -28.80 10.16
C LYS D 300 -2.34 -28.03 9.23
N LYS D 301 -1.78 -28.67 8.21
CA LYS D 301 -0.84 -28.04 7.28
C LYS D 301 -1.51 -27.04 6.35
N ARG D 302 -0.90 -25.87 6.19
CA ARG D 302 -1.36 -24.76 5.35
C ARG D 302 -1.52 -25.16 3.88
N GLU D 303 -0.55 -25.91 3.36
CA GLU D 303 -0.50 -26.36 1.97
C GLU D 303 -1.64 -27.26 1.55
N ALA D 304 -2.35 -27.92 2.50
CA ALA D 304 -3.43 -28.83 2.10
C ALA D 304 -4.59 -28.09 1.48
N ARG D 305 -4.73 -26.78 1.66
CA ARG D 305 -5.76 -25.98 0.96
C ARG D 305 -5.53 -25.99 -0.56
N GLN D 306 -4.29 -26.06 -1.01
CA GLN D 306 -3.98 -25.98 -2.43
C GLN D 306 -4.46 -27.22 -3.20
N ILE D 307 -4.65 -28.35 -2.51
CA ILE D 307 -5.20 -29.55 -3.11
C ILE D 307 -6.65 -29.33 -3.59
N LEU D 308 -7.39 -28.48 -2.87
CA LEU D 308 -8.78 -28.13 -3.22
C LEU D 308 -8.90 -27.30 -4.49
N GLU D 309 -7.82 -26.69 -4.97
CA GLU D 309 -7.75 -25.95 -6.23
C GLU D 309 -7.23 -26.81 -7.40
N GLN D 310 -6.91 -28.09 -7.16
CA GLN D 310 -6.48 -29.06 -8.21
C GLN D 310 -7.64 -29.63 -9.00
N THR D 311 -7.45 -29.77 -10.32
CA THR D 311 -8.55 -29.81 -11.32
C THR D 311 -9.76 -30.69 -10.98
N PRO D 312 -9.60 -32.01 -10.75
CA PRO D 312 -10.75 -32.87 -10.51
C PRO D 312 -11.41 -32.53 -9.17
N VAL D 313 -10.62 -32.23 -8.13
CA VAL D 313 -11.12 -31.86 -6.81
C VAL D 313 -11.92 -30.57 -6.89
N LYS D 314 -11.36 -29.54 -7.52
CA LYS D 314 -11.98 -28.23 -7.68
C LYS D 314 -13.33 -28.36 -8.39
N GLU D 315 -13.40 -29.05 -9.52
CA GLU D 315 -14.68 -29.24 -10.21
C GLU D 315 -15.68 -30.08 -9.40
N LEU D 316 -15.25 -31.14 -8.72
CA LEU D 316 -16.14 -31.96 -7.89
C LEU D 316 -16.77 -31.15 -6.75
N VAL D 317 -15.98 -30.49 -5.92
CA VAL D 317 -16.51 -29.71 -4.78
C VAL D 317 -17.34 -28.52 -5.25
N SER D 318 -16.97 -27.92 -6.37
CA SER D 318 -17.77 -26.89 -7.00
C SER D 318 -19.16 -27.38 -7.42
N PHE D 319 -19.22 -28.51 -8.13
CA PHE D 319 -20.48 -29.16 -8.47
C PHE D 319 -21.33 -29.45 -7.23
N LYS D 320 -20.75 -30.11 -6.22
CA LYS D 320 -21.44 -30.40 -4.97
C LYS D 320 -22.00 -29.18 -4.27
N TRP D 321 -21.26 -28.09 -4.26
CA TRP D 321 -21.68 -26.83 -3.66
C TRP D 321 -22.81 -26.18 -4.44
N LYS D 322 -22.64 -25.94 -5.74
CA LYS D 322 -23.66 -25.25 -6.53
C LYS D 322 -24.93 -26.06 -6.73
N LYS D 323 -24.84 -27.39 -6.76
CA LYS D 323 -25.95 -28.33 -6.90
C LYS D 323 -26.70 -28.58 -5.59
N TYR D 324 -26.03 -28.85 -4.48
CA TYR D 324 -26.69 -29.24 -3.22
C TYR D 324 -26.30 -28.37 -2.03
N GLY D 325 -25.01 -28.08 -1.87
CA GLY D 325 -24.49 -27.40 -0.69
C GLY D 325 -25.07 -26.01 -0.49
N ARG D 326 -25.00 -25.14 -1.50
CA ARG D 326 -25.48 -23.75 -1.32
C ARG D 326 -26.99 -23.77 -1.07
N PRO D 327 -27.83 -24.47 -1.84
CA PRO D 327 -29.26 -24.57 -1.56
C PRO D 327 -29.56 -25.01 -0.12
N TYR D 328 -28.95 -26.07 0.36
CA TYR D 328 -29.22 -26.57 1.71
C TYR D 328 -28.67 -25.63 2.80
N PHE D 329 -27.52 -25.02 2.59
CA PHE D 329 -26.95 -24.07 3.54
C PHE D 329 -27.79 -22.80 3.65
N CYS D 330 -28.40 -22.32 2.57
CA CYS D 330 -29.36 -21.21 2.61
C CYS D 330 -30.64 -21.56 3.38
N VAL D 331 -31.12 -22.80 3.27
CA VAL D 331 -32.24 -23.28 4.08
C VAL D 331 -31.84 -23.34 5.54
N LEU D 332 -30.72 -23.96 5.89
CA LEU D 332 -30.24 -24.04 7.26
C LEU D 332 -29.99 -22.66 7.87
N ALA D 333 -29.44 -21.71 7.12
CA ALA D 333 -29.33 -20.33 7.54
C ALA D 333 -30.70 -19.71 7.83
N SER D 334 -31.68 -19.89 6.95
CA SER D 334 -33.04 -19.40 7.17
C SER D 334 -33.68 -19.99 8.42
N LEU D 335 -33.60 -21.31 8.61
CA LEU D 335 -34.09 -21.97 9.81
C LEU D 335 -33.38 -21.49 11.07
N TYR D 336 -32.08 -21.28 11.04
CA TYR D 336 -31.35 -20.76 12.19
C TYR D 336 -31.71 -19.30 12.51
N ILE D 337 -31.87 -18.44 11.50
CA ILE D 337 -32.33 -17.07 11.70
C ILE D 337 -33.75 -17.05 12.29
N LEU D 338 -34.67 -17.85 11.76
CA LEU D 338 -36.02 -18.02 12.31
C LEU D 338 -36.01 -18.53 13.75
N TYR D 339 -35.16 -19.50 14.06
CA TYR D 339 -34.95 -19.94 15.44
C TYR D 339 -34.42 -18.81 16.33
N MET D 340 -33.48 -17.99 15.86
CA MET D 340 -32.95 -16.88 16.64
C MET D 340 -33.99 -15.76 16.86
N ILE D 341 -34.90 -15.54 15.92
CA ILE D 341 -36.05 -14.66 16.08
C ILE D 341 -37.01 -15.22 17.13
N CYS D 342 -37.29 -16.52 17.11
CA CYS D 342 -38.13 -17.17 18.12
C CYS D 342 -37.54 -16.99 19.53
N PHE D 343 -36.27 -17.30 19.72
CA PHE D 343 -35.58 -17.09 20.99
C PHE D 343 -35.59 -15.61 21.44
N THR D 344 -35.37 -14.68 20.51
CA THR D 344 -35.41 -13.24 20.81
C THR D 344 -36.77 -12.76 21.27
N THR D 345 -37.82 -13.19 20.61
CA THR D 345 -39.19 -12.98 21.04
C THR D 345 -39.47 -13.56 22.43
N CYS D 346 -38.91 -14.72 22.77
CA CYS D 346 -39.09 -15.32 24.10
C CYS D 346 -38.32 -14.56 25.20
N CYS D 347 -37.21 -13.92 24.84
CA CYS D 347 -36.51 -12.97 25.68
C CYS D 347 -37.30 -11.67 25.87
N ILE D 348 -37.82 -11.07 24.82
CA ILE D 348 -38.60 -9.83 24.91
C ILE D 348 -39.88 -9.99 25.75
N TYR D 349 -40.60 -11.09 25.57
CA TYR D 349 -41.84 -11.36 26.28
C TYR D 349 -41.61 -12.14 27.57
N ARG D 350 -40.38 -12.18 28.12
CA ARG D 350 -40.06 -12.91 29.35
C ARG D 350 -40.95 -12.47 30.54
N PRO D 351 -41.30 -13.36 31.48
CA PRO D 351 -42.37 -13.10 32.44
C PRO D 351 -41.91 -12.25 33.63
N LEU D 352 -42.32 -10.98 33.66
CA LEU D 352 -41.95 -9.99 34.68
C LEU D 352 -43.17 -9.33 35.36
N LYS D 353 -43.08 -9.09 36.67
CA LYS D 353 -44.11 -8.44 37.53
C LYS D 353 -43.56 -7.27 38.33
N LEU D 354 -44.39 -6.32 38.74
CA LEU D 354 -43.99 -5.20 39.59
C LEU D 354 -43.32 -5.71 40.88
N ARG D 355 -42.15 -5.17 41.20
CA ARG D 355 -41.33 -5.67 42.36
C ARG D 355 -42.15 -5.81 43.65
N ASP D 356 -41.75 -6.75 44.52
CA ASP D 356 -42.44 -7.08 45.77
C ASP D 356 -42.00 -6.28 47.02
N ASP D 357 -41.09 -5.32 46.86
CA ASP D 357 -40.60 -4.45 47.95
C ASP D 357 -40.40 -2.99 47.48
N ASN D 358 -40.48 -2.04 48.41
CA ASN D 358 -40.33 -0.62 48.09
C ASN D 358 -38.88 -0.24 47.79
N ARG D 359 -38.74 0.67 46.85
CA ARG D 359 -37.38 1.21 46.63
C ARG D 359 -37.22 2.27 47.72
N THR D 360 -36.05 2.38 48.32
CA THR D 360 -35.72 3.27 49.44
C THR D 360 -34.76 4.38 49.01
N ASP D 361 -33.50 4.08 48.75
CA ASP D 361 -32.50 5.04 48.28
C ASP D 361 -32.76 5.48 46.82
N PRO D 362 -32.51 6.76 46.49
CA PRO D 362 -32.80 7.32 45.17
C PRO D 362 -32.00 6.64 44.04
N ARG D 363 -30.94 5.94 44.47
CA ARG D 363 -29.99 5.31 43.50
C ARG D 363 -30.54 4.00 42.96
N ASP D 364 -31.54 3.40 43.61
CA ASP D 364 -32.21 2.19 43.10
C ASP D 364 -33.26 2.52 42.03
N ILE D 365 -33.11 1.96 40.83
CA ILE D 365 -34.02 2.12 39.70
C ILE D 365 -34.75 0.84 39.29
N THR D 366 -34.55 -0.29 39.98
CA THR D 366 -35.28 -1.52 39.67
C THR D 366 -36.72 -1.39 40.12
N ILE D 367 -37.69 -1.57 39.24
CA ILE D 367 -39.14 -1.44 39.51
C ILE D 367 -39.94 -2.72 39.30
N LEU D 368 -39.33 -3.61 38.48
CA LEU D 368 -39.97 -4.88 38.02
C LEU D 368 -39.14 -6.08 38.50
N GLN D 369 -39.60 -7.31 38.25
CA GLN D 369 -39.04 -8.51 38.90
C GLN D 369 -39.48 -9.79 38.18
N GLN D 370 -38.71 -10.89 38.25
CA GLN D 370 -39.14 -12.17 37.67
C GLN D 370 -40.40 -12.74 38.34
N LYS D 371 -41.37 -13.17 37.54
CA LYS D 371 -42.53 -13.97 37.97
C LYS D 371 -42.10 -15.40 38.33
N LEU D 372 -42.79 -16.02 39.29
CA LEU D 372 -42.60 -17.44 39.64
C LEU D 372 -43.32 -18.34 38.60
N LEU D 373 -42.97 -19.62 38.48
CA LEU D 373 -43.56 -20.54 37.48
C LEU D 373 -45.09 -20.50 37.43
N GLN D 374 -45.76 -20.63 38.58
CA GLN D 374 -47.22 -20.61 38.67
C GLN D 374 -47.86 -19.22 38.48
N GLU D 375 -47.06 -18.17 38.42
CA GLU D 375 -47.46 -16.83 37.95
C GLU D 375 -47.14 -16.62 36.45
N ALA D 376 -46.13 -17.32 35.93
CA ALA D 376 -45.53 -17.09 34.62
C ALA D 376 -46.31 -17.69 33.44
N TYR D 377 -47.18 -18.66 33.68
CA TYR D 377 -47.97 -19.34 32.65
C TYR D 377 -49.45 -19.35 33.02
N VAL D 378 -50.12 -18.22 32.82
CA VAL D 378 -51.51 -17.99 33.28
C VAL D 378 -52.41 -17.27 32.26
N THR D 379 -51.87 -16.93 31.08
CA THR D 379 -52.60 -16.29 29.98
C THR D 379 -52.32 -16.97 28.64
N HIS D 380 -53.19 -16.77 27.65
CA HIS D 380 -52.97 -17.23 26.27
C HIS D 380 -51.63 -16.73 25.71
N GLN D 381 -51.25 -15.49 26.01
CA GLN D 381 -49.95 -14.91 25.67
C GLN D 381 -48.78 -15.69 26.28
N ASP D 382 -48.89 -16.14 27.53
CA ASP D 382 -47.89 -17.04 28.10
C ASP D 382 -47.87 -18.40 27.43
N ASN D 383 -49.02 -18.95 27.04
CA ASN D 383 -49.09 -20.25 26.36
C ASN D 383 -48.43 -20.19 24.98
N ILE D 384 -48.60 -19.08 24.24
CA ILE D 384 -47.86 -18.82 23.01
C ILE D 384 -46.37 -18.68 23.29
N ARG D 385 -45.97 -17.91 24.32
CA ARG D 385 -44.56 -17.83 24.69
C ARG D 385 -43.99 -19.19 25.09
N LEU D 386 -44.73 -20.04 25.79
CA LEU D 386 -44.29 -21.37 26.18
C LEU D 386 -43.92 -22.24 24.99
N VAL D 387 -44.71 -22.26 23.90
CA VAL D 387 -44.29 -23.02 22.72
C VAL D 387 -43.05 -22.42 22.06
N GLY D 388 -42.89 -21.10 22.07
CA GLY D 388 -41.64 -20.45 21.69
C GLY D 388 -40.45 -20.86 22.58
N GLU D 389 -40.63 -20.96 23.89
CA GLU D 389 -39.62 -21.48 24.81
C GLU D 389 -39.30 -22.96 24.54
N LEU D 390 -40.29 -23.80 24.28
CA LEU D 390 -40.07 -25.20 23.92
C LEU D 390 -39.33 -25.36 22.60
N VAL D 391 -39.66 -24.59 21.57
CA VAL D 391 -38.88 -24.51 20.32
C VAL D 391 -37.45 -24.05 20.61
N THR D 392 -37.28 -23.04 21.43
CA THR D 392 -35.97 -22.54 21.87
C THR D 392 -35.13 -23.63 22.52
N VAL D 393 -35.67 -24.34 23.50
CA VAL D 393 -35.00 -25.42 24.23
C VAL D 393 -34.73 -26.61 23.32
N THR D 394 -35.70 -27.02 22.51
CA THR D 394 -35.55 -28.11 21.54
C THR D 394 -34.39 -27.84 20.61
N GLY D 395 -34.28 -26.62 20.08
CA GLY D 395 -33.15 -26.22 19.23
C GLY D 395 -31.80 -26.23 19.95
N ALA D 396 -31.73 -25.88 21.22
CA ALA D 396 -30.50 -26.01 22.00
C ALA D 396 -30.09 -27.47 22.16
N VAL D 397 -31.03 -28.37 22.44
CA VAL D 397 -30.77 -29.82 22.47
C VAL D 397 -30.28 -30.31 21.10
N ILE D 398 -30.97 -29.97 20.02
CA ILE D 398 -30.58 -30.34 18.65
C ILE D 398 -29.17 -29.84 18.31
N ILE D 399 -28.80 -28.61 18.67
CA ILE D 399 -27.42 -28.13 18.55
C ILE D 399 -26.45 -29.06 19.27
N LEU D 400 -26.70 -29.44 20.52
CA LEU D 400 -25.80 -30.33 21.25
C LEU D 400 -25.74 -31.73 20.62
N LEU D 401 -26.87 -32.31 20.21
CA LEU D 401 -26.89 -33.59 19.51
C LEU D 401 -26.13 -33.57 18.18
N LEU D 402 -26.11 -32.45 17.47
CA LEU D 402 -25.35 -32.30 16.23
C LEU D 402 -23.88 -32.00 16.47
N GLU D 403 -23.52 -31.20 17.47
CA GLU D 403 -22.15 -30.74 17.72
C GLU D 403 -21.32 -31.75 18.52
N ILE D 404 -21.83 -32.25 19.64
CA ILE D 404 -21.03 -32.99 20.63
C ILE D 404 -20.37 -34.25 20.04
N PRO D 405 -21.04 -35.07 19.21
CA PRO D 405 -20.39 -36.21 18.57
C PRO D 405 -19.20 -35.83 17.67
N ASP D 406 -19.25 -34.68 17.00
CA ASP D 406 -18.17 -34.23 16.12
C ASP D 406 -16.94 -33.71 16.88
N ILE D 407 -17.08 -33.23 18.13
CA ILE D 407 -15.93 -32.98 19.01
C ILE D 407 -15.08 -34.25 19.12
N PHE D 408 -15.70 -35.38 19.47
CA PHE D 408 -15.00 -36.63 19.72
C PHE D 408 -14.37 -37.21 18.44
N ARG D 409 -15.12 -37.21 17.34
CA ARG D 409 -14.63 -37.78 16.07
C ARG D 409 -13.43 -36.98 15.59
N VAL D 410 -13.56 -35.66 15.47
CA VAL D 410 -12.50 -34.80 14.91
C VAL D 410 -11.35 -34.57 15.90
N GLY D 411 -11.61 -34.63 17.20
CA GLY D 411 -10.68 -34.25 18.27
C GLY D 411 -10.78 -32.77 18.62
N ALA D 412 -10.92 -32.45 19.90
CA ALA D 412 -11.29 -31.11 20.37
C ALA D 412 -10.33 -30.00 19.90
N SER D 413 -9.03 -30.28 19.81
CA SER D 413 -8.02 -29.37 19.26
C SER D 413 -8.28 -28.98 17.81
N ARG D 414 -8.76 -29.90 16.99
CA ARG D 414 -9.00 -29.58 15.56
C ARG D 414 -10.43 -29.06 15.39
N TYR D 415 -11.36 -29.58 16.17
CA TYR D 415 -12.75 -29.17 16.08
C TYR D 415 -12.96 -27.71 16.48
N PHE D 416 -12.31 -27.24 17.54
CA PHE D 416 -12.37 -25.85 17.98
C PHE D 416 -11.25 -24.96 17.42
N GLY D 417 -10.13 -25.53 17.00
CA GLY D 417 -8.91 -24.78 16.65
C GLY D 417 -8.72 -24.43 15.17
N GLN D 418 -9.62 -24.86 14.28
CA GLN D 418 -9.47 -24.66 12.83
C GLN D 418 -10.43 -23.60 12.29
N THR D 419 -9.90 -22.54 11.65
CA THR D 419 -10.71 -21.52 10.97
C THR D 419 -11.53 -22.11 9.81
N ILE D 420 -10.97 -23.07 9.07
CA ILE D 420 -11.63 -23.68 7.90
C ILE D 420 -12.86 -24.50 8.31
N LEU D 421 -12.80 -25.23 9.42
CA LEU D 421 -13.93 -26.02 9.91
C LEU D 421 -15.02 -25.19 10.61
N GLY D 422 -14.73 -23.95 11.00
CA GLY D 422 -15.63 -23.13 11.82
C GLY D 422 -15.40 -23.24 13.33
N GLY D 423 -14.18 -23.54 13.76
CA GLY D 423 -13.78 -23.72 15.16
C GLY D 423 -14.39 -22.75 16.18
N PRO D 424 -14.20 -21.43 16.08
CA PRO D 424 -14.76 -20.52 17.08
C PRO D 424 -16.28 -20.45 17.07
N PHE D 425 -16.93 -20.64 15.92
CA PHE D 425 -18.37 -20.80 15.85
C PHE D 425 -18.88 -22.07 16.55
N HIS D 426 -18.15 -23.19 16.51
CA HIS D 426 -18.45 -24.36 17.34
C HIS D 426 -18.37 -24.02 18.83
N VAL D 427 -17.35 -23.29 19.28
CA VAL D 427 -17.26 -22.86 20.69
C VAL D 427 -18.50 -22.04 21.09
N ILE D 428 -18.84 -20.99 20.33
CA ILE D 428 -19.94 -20.13 20.77
C ILE D 428 -21.30 -20.79 20.60
N ILE D 429 -21.54 -21.61 19.57
CA ILE D 429 -22.86 -22.26 19.41
C ILE D 429 -23.13 -23.30 20.51
N ILE D 430 -22.10 -23.98 21.00
CA ILE D 430 -22.23 -24.86 22.16
C ILE D 430 -22.41 -24.05 23.45
N THR D 431 -21.72 -22.90 23.59
CA THR D 431 -21.91 -21.98 24.72
C THR D 431 -23.34 -21.47 24.75
N TYR D 432 -23.88 -21.03 23.62
CA TYR D 432 -25.27 -20.65 23.45
C TYR D 432 -26.24 -21.75 23.92
N ALA D 433 -26.10 -22.98 23.44
CA ALA D 433 -26.97 -24.07 23.84
C ALA D 433 -26.89 -24.39 25.34
N SER D 434 -25.68 -24.33 25.91
CA SER D 434 -25.43 -24.52 27.33
C SER D 434 -26.11 -23.44 28.18
N LEU D 435 -26.07 -22.18 27.74
CA LEU D 435 -26.71 -21.03 28.41
C LEU D 435 -28.22 -21.09 28.31
N VAL D 436 -28.79 -21.56 27.20
CA VAL D 436 -30.24 -21.78 27.07
C VAL D 436 -30.70 -22.90 28.00
N LEU D 437 -29.97 -24.01 28.08
CA LEU D 437 -30.33 -25.07 29.02
C LEU D 437 -30.09 -24.66 30.47
N LEU D 438 -29.05 -23.87 30.78
CA LEU D 438 -28.90 -23.23 32.09
C LEU D 438 -30.12 -22.35 32.41
N THR D 439 -30.56 -21.54 31.47
CA THR D 439 -31.74 -20.65 31.65
C THR D 439 -32.99 -21.46 31.94
N MET D 440 -33.18 -22.60 31.27
CA MET D 440 -34.34 -23.44 31.52
C MET D 440 -34.29 -24.09 32.90
N VAL D 441 -33.17 -24.57 33.39
CA VAL D 441 -33.07 -25.09 34.75
C VAL D 441 -33.21 -23.99 35.83
N MET D 442 -32.67 -22.79 35.61
CA MET D 442 -32.98 -21.62 36.46
C MET D 442 -34.47 -21.32 36.56
N ARG D 443 -35.17 -21.23 35.42
CA ARG D 443 -36.63 -21.02 35.31
C ARG D 443 -37.43 -22.04 36.12
N LEU D 444 -37.11 -23.32 35.97
CA LEU D 444 -37.75 -24.44 36.65
C LEU D 444 -37.52 -24.35 38.16
N THR D 445 -36.43 -23.73 38.60
CA THR D 445 -36.04 -23.59 40.00
C THR D 445 -36.58 -22.29 40.65
N ASN D 446 -37.30 -21.45 39.91
CA ASN D 446 -37.58 -20.05 40.28
C ASN D 446 -36.31 -19.24 40.63
N MET D 447 -35.17 -19.55 40.02
CA MET D 447 -33.90 -18.90 40.33
C MET D 447 -33.83 -17.48 39.73
N ASN D 448 -33.42 -16.49 40.54
CA ASN D 448 -33.29 -15.12 40.08
C ASN D 448 -32.04 -14.86 39.22
N GLY D 449 -32.07 -13.82 38.39
CA GLY D 449 -30.95 -13.42 37.50
C GLY D 449 -30.88 -14.13 36.16
N GLU D 450 -32.02 -14.65 35.65
CA GLU D 450 -32.11 -15.19 34.27
C GLU D 450 -31.61 -14.20 33.23
N VAL D 451 -31.66 -12.90 33.48
CA VAL D 451 -31.15 -11.85 32.55
C VAL D 451 -29.69 -12.09 32.17
N VAL D 452 -28.82 -12.60 33.06
CA VAL D 452 -27.41 -12.92 32.80
C VAL D 452 -27.18 -13.97 31.70
N PRO D 453 -27.57 -15.27 31.83
CA PRO D 453 -27.40 -16.22 30.75
C PRO D 453 -28.18 -15.84 29.50
N LEU D 454 -29.41 -15.28 29.60
CA LEU D 454 -30.18 -14.75 28.44
C LEU D 454 -29.38 -13.67 27.71
N SER D 455 -28.72 -12.72 28.37
CA SER D 455 -27.95 -11.70 27.66
C SER D 455 -26.75 -12.29 26.90
N PHE D 456 -25.98 -13.19 27.51
CA PHE D 456 -24.89 -13.86 26.85
C PHE D 456 -25.44 -14.74 25.69
N ALA D 457 -26.54 -15.47 25.88
CA ALA D 457 -27.23 -16.22 24.84
C ALA D 457 -27.71 -15.36 23.69
N LEU D 458 -28.26 -14.16 23.90
CA LEU D 458 -28.64 -13.31 22.81
C LEU D 458 -27.45 -12.84 21.99
N VAL D 459 -26.36 -12.43 22.65
CA VAL D 459 -25.15 -12.00 21.98
C VAL D 459 -24.53 -13.13 21.15
N LEU D 460 -24.21 -14.27 21.78
CA LEU D 460 -23.60 -15.40 21.10
C LEU D 460 -24.55 -16.10 20.13
N GLY D 461 -25.85 -16.22 20.46
CA GLY D 461 -26.91 -16.72 19.59
C GLY D 461 -26.90 -15.94 18.29
N TRP D 462 -27.06 -14.63 18.33
CA TRP D 462 -27.02 -13.82 17.11
C TRP D 462 -25.64 -13.78 16.45
N CYS D 463 -24.54 -13.60 17.17
CA CYS D 463 -23.21 -13.62 16.58
C CYS D 463 -22.95 -14.92 15.84
N SER D 464 -23.40 -16.08 16.31
CA SER D 464 -23.24 -17.34 15.59
C SER D 464 -23.98 -17.39 14.24
N VAL D 465 -24.95 -16.51 13.94
CA VAL D 465 -25.51 -16.39 12.58
C VAL D 465 -24.42 -16.07 11.57
N MET D 466 -23.34 -15.39 11.97
CA MET D 466 -22.20 -15.14 11.08
C MET D 466 -21.48 -16.43 10.61
N TYR D 467 -21.72 -17.60 11.21
CA TYR D 467 -21.28 -18.86 10.66
C TYR D 467 -21.76 -19.03 9.22
N PHE D 468 -23.00 -18.65 8.93
CA PHE D 468 -23.61 -18.75 7.61
C PHE D 468 -23.07 -17.74 6.61
N ALA D 469 -22.29 -16.74 7.02
CA ALA D 469 -21.63 -15.82 6.11
C ALA D 469 -20.72 -16.54 5.10
N ARG D 470 -20.21 -17.72 5.49
CA ARG D 470 -19.27 -18.51 4.67
C ARG D 470 -19.89 -19.03 3.39
N GLY D 471 -21.22 -19.07 3.32
CA GLY D 471 -21.95 -19.51 2.15
C GLY D 471 -21.99 -18.51 0.99
N PHE D 472 -21.59 -17.26 1.21
CA PHE D 472 -21.78 -16.15 0.28
C PHE D 472 -20.47 -15.42 0.05
N GLN D 473 -20.11 -15.13 -1.19
CA GLN D 473 -18.85 -14.45 -1.51
C GLN D 473 -18.79 -13.02 -0.96
N MET D 474 -19.94 -12.36 -0.80
CA MET D 474 -20.03 -11.04 -0.22
C MET D 474 -19.47 -11.06 1.23
N LEU D 475 -19.79 -12.10 2.02
CA LEU D 475 -19.66 -12.03 3.49
C LEU D 475 -18.61 -13.00 4.06
N GLY D 476 -18.33 -14.10 3.39
CA GLY D 476 -17.43 -15.14 3.88
C GLY D 476 -16.00 -14.68 4.10
N PRO D 477 -15.32 -14.11 3.08
CA PRO D 477 -13.97 -13.59 3.24
C PRO D 477 -13.90 -12.51 4.32
N PHE D 478 -14.88 -11.63 4.40
CA PHE D 478 -14.93 -10.61 5.44
C PHE D 478 -15.08 -11.18 6.86
N THR D 479 -15.79 -12.28 7.02
CA THR D 479 -15.94 -12.94 8.33
C THR D 479 -14.63 -13.59 8.80
N ILE D 480 -13.84 -14.14 7.87
CA ILE D 480 -12.46 -14.58 8.14
C ILE D 480 -11.59 -13.39 8.55
N MET D 481 -11.67 -12.26 7.85
CA MET D 481 -10.89 -11.08 8.20
C MET D 481 -11.23 -10.58 9.60
N ILE D 482 -12.50 -10.51 10.00
CA ILE D 482 -12.87 -10.19 11.39
C ILE D 482 -12.24 -11.19 12.38
N GLN D 483 -12.23 -12.48 12.07
CA GLN D 483 -11.59 -13.48 12.94
C GLN D 483 -10.07 -13.27 13.09
N LYS D 484 -9.36 -13.04 11.99
CA LYS D 484 -7.93 -12.74 12.01
C LYS D 484 -7.61 -11.41 12.70
N MET D 485 -8.49 -10.42 12.68
CA MET D 485 -8.37 -9.22 13.51
C MET D 485 -8.61 -9.47 15.00
N ILE D 486 -9.59 -10.29 15.38
CA ILE D 486 -9.83 -10.64 16.80
C ILE D 486 -8.64 -11.36 17.43
N PHE D 487 -8.18 -12.44 16.80
CA PHE D 487 -7.08 -13.20 17.39
C PHE D 487 -5.69 -12.58 17.10
N GLY D 488 -5.63 -11.52 16.31
CA GLY D 488 -4.40 -10.83 15.97
C GLY D 488 -4.37 -9.46 16.59
N ASP D 489 -4.62 -8.41 15.79
CA ASP D 489 -4.36 -7.03 16.20
C ASP D 489 -5.24 -6.59 17.39
N LEU D 490 -6.46 -7.13 17.58
CA LEU D 490 -7.27 -6.78 18.73
C LEU D 490 -6.68 -7.23 20.07
N MET D 491 -6.24 -8.47 20.25
CA MET D 491 -5.60 -8.89 21.53
C MET D 491 -4.36 -8.05 21.82
N ARG D 492 -3.55 -7.80 20.78
CA ARG D 492 -2.31 -7.02 20.98
C ARG D 492 -2.67 -5.59 21.40
N PHE D 493 -3.70 -4.99 20.78
CA PHE D 493 -4.12 -3.68 21.20
C PHE D 493 -4.73 -3.70 22.61
N CYS D 494 -5.54 -4.70 22.94
CA CYS D 494 -6.25 -4.77 24.24
C CYS D 494 -5.34 -4.98 25.44
N TRP D 495 -4.20 -5.66 25.27
CA TRP D 495 -3.17 -5.80 26.33
C TRP D 495 -2.53 -4.44 26.62
N LEU D 496 -2.09 -3.69 25.60
CA LEU D 496 -1.46 -2.40 25.83
C LEU D 496 -2.48 -1.34 26.25
N MET D 497 -3.70 -1.40 25.72
CA MET D 497 -4.83 -0.60 26.18
C MET D 497 -5.15 -0.86 27.66
N ALA D 498 -5.15 -2.11 28.15
CA ALA D 498 -5.42 -2.39 29.57
C ALA D 498 -4.41 -1.70 30.50
N VAL D 499 -3.13 -1.70 30.14
CA VAL D 499 -2.04 -1.08 30.87
C VAL D 499 -2.19 0.46 30.91
N VAL D 500 -2.56 1.11 29.79
CA VAL D 500 -2.91 2.54 29.78
C VAL D 500 -4.14 2.82 30.65
N ILE D 501 -5.18 1.98 30.59
CA ILE D 501 -6.40 2.17 31.38
C ILE D 501 -6.11 2.04 32.87
N LEU D 502 -5.36 1.04 33.33
CA LEU D 502 -4.97 0.89 34.73
C LEU D 502 -4.19 2.10 35.25
N GLY D 503 -3.24 2.60 34.48
CA GLY D 503 -2.51 3.82 34.78
C GLY D 503 -3.44 5.00 34.97
N PHE D 504 -4.11 5.42 33.91
CA PHE D 504 -4.89 6.63 33.91
C PHE D 504 -6.15 6.56 34.77
N ALA D 505 -6.83 5.41 34.87
CA ALA D 505 -8.00 5.26 35.73
C ALA D 505 -7.64 5.44 37.19
N SER D 506 -6.50 4.93 37.61
CA SER D 506 -5.97 5.14 38.95
C SER D 506 -5.61 6.59 39.17
N ALA D 507 -4.94 7.25 38.23
CA ALA D 507 -4.69 8.69 38.32
C ALA D 507 -5.98 9.52 38.41
N PHE D 508 -6.97 9.27 37.56
CA PHE D 508 -8.26 9.96 37.59
C PHE D 508 -9.01 9.70 38.90
N HIS D 509 -9.10 8.45 39.35
CA HIS D 509 -9.77 8.10 40.60
C HIS D 509 -9.19 8.89 41.75
N ILE D 510 -7.87 8.84 41.96
CA ILE D 510 -7.27 9.52 43.11
C ILE D 510 -7.31 11.03 42.97
N THR D 511 -7.30 11.56 41.74
CA THR D 511 -7.55 12.97 41.45
C THR D 511 -8.93 13.42 41.90
N PHE D 512 -9.95 12.57 41.77
CA PHE D 512 -11.32 12.89 42.18
C PHE D 512 -11.70 12.45 43.59
N GLN D 513 -10.90 11.64 44.28
CA GLN D 513 -11.19 11.20 45.65
C GLN D 513 -11.41 12.35 46.66
N THR D 514 -10.75 13.48 46.45
CA THR D 514 -10.87 14.70 47.27
C THR D 514 -12.20 15.44 47.05
N GLU D 515 -12.83 15.21 45.89
CA GLU D 515 -13.95 15.98 45.37
C GLU D 515 -15.30 15.29 45.60
N ASP D 516 -16.36 16.08 45.54
CA ASP D 516 -17.74 15.62 45.69
C ASP D 516 -18.20 14.78 44.48
N PRO D 517 -18.53 13.48 44.65
CA PRO D 517 -18.87 12.60 43.53
C PRO D 517 -20.13 13.02 42.77
N ASN D 518 -21.06 13.74 43.40
CA ASN D 518 -22.26 14.25 42.73
C ASN D 518 -21.98 15.36 41.71
N ASN D 519 -20.82 16.03 41.78
CA ASN D 519 -20.42 17.04 40.80
C ASN D 519 -19.63 16.49 39.60
N LEU D 520 -18.99 15.32 39.71
CA LEU D 520 -18.39 14.62 38.56
C LEU D 520 -18.31 13.12 38.90
N GLY D 521 -19.20 12.32 38.32
CA GLY D 521 -19.45 10.95 38.77
C GLY D 521 -18.55 9.89 38.14
N GLU D 522 -17.91 10.19 37.01
CA GLU D 522 -17.16 9.24 36.19
C GLU D 522 -16.07 8.49 36.95
N PHE D 523 -15.44 9.14 37.91
CA PHE D 523 -14.32 8.60 38.67
C PHE D 523 -14.65 8.43 40.15
N SER D 524 -15.93 8.28 40.50
CA SER D 524 -16.43 8.30 41.89
C SER D 524 -15.99 7.10 42.74
N ASP D 525 -15.80 5.93 42.15
CA ASP D 525 -15.18 4.76 42.76
C ASP D 525 -14.31 4.04 41.73
N TYR D 526 -13.40 3.16 42.17
CA TYR D 526 -12.40 2.58 41.29
C TYR D 526 -12.97 1.72 40.15
N PRO D 527 -13.99 0.87 40.35
CA PRO D 527 -14.67 0.18 39.24
C PRO D 527 -15.28 1.14 38.21
N THR D 528 -15.94 2.21 38.66
CA THR D 528 -16.49 3.21 37.75
C THR D 528 -15.38 3.97 37.05
N ALA D 529 -14.27 4.26 37.74
CA ALA D 529 -13.14 4.93 37.14
C ALA D 529 -12.52 4.09 36.02
N LEU D 530 -12.35 2.79 36.22
CA LEU D 530 -11.89 1.86 35.19
C LEU D 530 -12.84 1.88 34.00
N PHE D 531 -14.14 1.71 34.23
CA PHE D 531 -15.14 1.66 33.18
C PHE D 531 -15.21 2.98 32.40
N SER D 532 -15.30 4.13 33.09
CA SER D 532 -15.29 5.43 32.47
C SER D 532 -14.00 5.67 31.70
N THR D 533 -12.84 5.27 32.21
CA THR D 533 -11.57 5.39 31.49
C THR D 533 -11.55 4.54 30.24
N PHE D 534 -12.06 3.31 30.28
CA PHE D 534 -12.21 2.47 29.11
C PHE D 534 -13.13 3.09 28.05
N GLU D 535 -14.27 3.64 28.43
CA GLU D 535 -15.15 4.35 27.52
C GLU D 535 -14.52 5.64 26.97
N LEU D 536 -13.72 6.34 27.76
CA LEU D 536 -12.97 7.52 27.34
C LEU D 536 -11.82 7.17 26.40
N PHE D 537 -11.19 6.01 26.55
CA PHE D 537 -10.16 5.52 25.65
C PHE D 537 -10.73 5.39 24.23
N LEU D 538 -11.90 4.76 24.13
CA LEU D 538 -12.64 4.56 22.88
C LEU D 538 -13.41 5.79 22.40
N THR D 539 -13.42 6.88 23.18
CA THR D 539 -14.18 8.11 22.93
C THR D 539 -15.71 7.94 22.89
N ILE D 540 -16.23 6.87 23.47
CA ILE D 540 -17.67 6.53 23.42
C ILE D 540 -18.50 7.21 24.49
N ILE D 541 -17.86 7.80 25.50
CA ILE D 541 -18.48 8.86 26.32
C ILE D 541 -17.67 10.14 26.15
N ASP D 542 -18.33 11.28 26.31
CA ASP D 542 -17.66 12.58 26.29
C ASP D 542 -16.70 12.75 27.47
N GLY D 543 -15.61 13.47 27.23
CA GLY D 543 -14.68 13.93 28.23
C GLY D 543 -15.41 14.56 29.41
N PRO D 544 -15.15 14.12 30.66
CA PRO D 544 -15.84 14.64 31.82
C PRO D 544 -15.64 16.15 31.93
N ALA D 545 -16.73 16.88 32.08
CA ALA D 545 -16.73 18.33 32.19
C ALA D 545 -17.89 18.78 33.07
N ASN D 546 -17.63 19.80 33.88
CA ASN D 546 -18.65 20.54 34.57
C ASN D 546 -18.15 21.98 34.71
N TYR D 547 -18.50 22.83 33.75
CA TYR D 547 -18.04 24.22 33.72
C TYR D 547 -18.56 25.10 34.86
N SER D 548 -19.59 24.66 35.58
CA SER D 548 -20.18 25.33 36.77
C SER D 548 -19.31 25.16 38.04
N VAL D 549 -18.25 24.34 38.04
CA VAL D 549 -17.44 24.04 39.20
C VAL D 549 -15.93 24.04 38.90
N ASP D 550 -15.09 24.20 39.90
CA ASP D 550 -13.63 24.17 39.75
C ASP D 550 -13.12 22.71 39.92
N LEU D 551 -12.87 22.04 38.79
CA LEU D 551 -12.19 20.74 38.75
C LEU D 551 -10.72 20.85 39.19
N PRO D 552 -10.13 19.80 39.80
CA PRO D 552 -8.73 19.82 40.21
C PRO D 552 -7.79 19.94 39.00
N PHE D 553 -6.76 20.80 39.07
CA PHE D 553 -5.84 21.09 37.94
C PHE D 553 -5.15 19.84 37.39
N MET D 554 -4.88 18.87 38.27
CA MET D 554 -4.31 17.57 37.91
C MET D 554 -5.21 16.74 36.98
N TYR D 555 -6.53 16.97 36.98
CA TYR D 555 -7.45 16.35 36.00
C TYR D 555 -7.23 16.88 34.59
N CYS D 556 -7.12 18.19 34.38
CA CYS D 556 -6.88 18.79 33.08
C CYS D 556 -5.57 18.25 32.50
N ILE D 557 -4.48 18.22 33.30
CA ILE D 557 -3.19 17.66 32.92
C ILE D 557 -3.33 16.17 32.55
N THR D 558 -3.85 15.35 33.46
CA THR D 558 -4.01 13.92 33.24
C THR D 558 -4.91 13.64 32.02
N TYR D 559 -6.02 14.35 31.83
CA TYR D 559 -6.86 14.15 30.67
C TYR D 559 -6.20 14.60 29.38
N ALA D 560 -5.42 15.69 29.35
CA ALA D 560 -4.66 16.05 28.18
C ALA D 560 -3.65 14.94 27.81
N ALA D 561 -2.92 14.35 28.76
CA ALA D 561 -2.04 13.21 28.53
C ALA D 561 -2.80 11.96 28.05
N PHE D 562 -3.95 11.63 28.64
CA PHE D 562 -4.79 10.53 28.20
C PHE D 562 -5.38 10.75 26.81
N ALA D 563 -5.86 11.94 26.49
CA ALA D 563 -6.38 12.28 25.18
C ALA D 563 -5.29 12.17 24.10
N ILE D 564 -4.05 12.63 24.37
CA ILE D 564 -2.96 12.51 23.40
C ILE D 564 -2.56 11.03 23.26
N ILE D 565 -2.34 10.29 24.35
CA ILE D 565 -1.89 8.90 24.28
C ILE D 565 -2.99 7.92 23.88
N ALA D 566 -4.12 7.88 24.56
CA ALA D 566 -5.19 6.93 24.27
C ALA D 566 -5.94 7.30 23.00
N THR D 567 -6.55 8.48 22.99
CA THR D 567 -7.46 8.85 21.91
C THR D 567 -6.72 9.17 20.62
N LEU D 568 -5.84 10.17 20.61
CA LEU D 568 -5.20 10.62 19.40
C LEU D 568 -4.26 9.58 18.83
N LEU D 569 -3.27 9.12 19.62
CA LEU D 569 -2.23 8.21 19.22
C LEU D 569 -2.75 6.77 19.10
N MET D 570 -3.06 6.11 20.22
CA MET D 570 -3.28 4.67 20.27
C MET D 570 -4.47 4.22 19.43
N LEU D 571 -5.65 4.84 19.59
CA LEU D 571 -6.83 4.43 18.84
C LEU D 571 -6.68 4.61 17.33
N ASN D 572 -5.97 5.66 16.88
CA ASN D 572 -5.71 5.84 15.47
C ASN D 572 -4.57 4.96 14.99
N LEU D 573 -3.62 4.64 15.85
CA LEU D 573 -2.63 3.65 15.55
C LEU D 573 -3.27 2.25 15.40
N PHE D 574 -4.37 1.93 16.10
CA PHE D 574 -5.12 0.71 15.86
C PHE D 574 -5.75 0.64 14.44
N ILE D 575 -6.34 1.75 13.97
CA ILE D 575 -6.74 1.91 12.58
C ILE D 575 -5.55 1.71 11.62
N ALA D 576 -4.41 2.36 11.89
CA ALA D 576 -3.24 2.26 11.01
C ALA D 576 -2.70 0.83 10.95
N MET D 577 -2.64 0.17 12.10
CA MET D 577 -2.23 -1.23 12.23
C MET D 577 -3.15 -2.19 11.49
N MET D 578 -4.47 -2.12 11.69
CA MET D 578 -5.39 -2.99 10.95
C MET D 578 -5.35 -2.71 9.44
N GLY D 579 -5.20 -1.46 9.00
CA GLY D 579 -5.02 -1.13 7.60
C GLY D 579 -3.81 -1.80 6.98
N ASP D 580 -2.68 -1.80 7.67
CA ASP D 580 -1.49 -2.51 7.24
C ASP D 580 -1.71 -4.05 7.25
N THR D 581 -2.29 -4.61 8.31
CA THR D 581 -2.61 -6.04 8.37
C THR D 581 -3.55 -6.46 7.25
N HIS D 582 -4.55 -5.65 6.91
CA HIS D 582 -5.57 -6.00 5.93
C HIS D 582 -5.00 -6.29 4.55
N TRP D 583 -4.14 -5.43 4.01
CA TRP D 583 -3.63 -5.65 2.64
C TRP D 583 -2.70 -6.86 2.55
N ARG D 584 -2.01 -7.16 3.65
CA ARG D 584 -1.03 -8.28 3.71
C ARG D 584 -1.73 -9.61 4.05
N VAL D 585 -2.90 -9.60 4.62
CA VAL D 585 -3.77 -10.76 4.89
C VAL D 585 -4.78 -11.05 3.77
N ALA D 586 -5.07 -10.10 2.87
CA ALA D 586 -6.13 -10.21 1.86
C ALA D 586 -6.14 -11.50 1.02
N GLN D 587 -4.99 -12.00 0.56
CA GLN D 587 -4.93 -13.27 -0.19
C GLN D 587 -5.17 -14.52 0.68
N GLU D 588 -4.54 -14.59 1.85
CA GLU D 588 -4.78 -15.63 2.85
C GLU D 588 -6.27 -15.76 3.19
N ARG D 589 -6.95 -14.64 3.37
CA ARG D 589 -8.40 -14.54 3.61
C ARG D 589 -9.22 -15.18 2.48
N ASP D 590 -8.85 -14.96 1.23
CA ASP D 590 -9.59 -15.49 0.08
C ASP D 590 -9.35 -17.00 -0.16
N GLU D 591 -8.13 -17.48 0.07
CA GLU D 591 -7.82 -18.90 0.08
C GLU D 591 -8.59 -19.63 1.18
N LEU D 592 -8.59 -19.07 2.40
CA LEU D 592 -9.33 -19.60 3.52
C LEU D 592 -10.82 -19.64 3.23
N TRP D 593 -11.38 -18.66 2.51
CA TRP D 593 -12.79 -18.71 2.15
C TRP D 593 -13.11 -19.83 1.17
N ARG D 594 -12.28 -20.08 0.18
CA ARG D 594 -12.49 -21.15 -0.82
C ARG D 594 -12.40 -22.50 -0.10
N ALA D 595 -11.48 -22.66 0.85
CA ALA D 595 -11.43 -23.81 1.75
C ALA D 595 -12.65 -23.97 2.66
N GLN D 596 -13.20 -22.90 3.25
CA GLN D 596 -14.42 -22.96 4.05
C GLN D 596 -15.64 -23.42 3.25
N VAL D 597 -15.78 -23.04 1.99
CA VAL D 597 -16.88 -23.53 1.16
C VAL D 597 -16.79 -25.05 1.01
N VAL D 598 -15.59 -25.59 0.77
CA VAL D 598 -15.40 -27.04 0.70
C VAL D 598 -15.67 -27.70 2.03
N ALA D 599 -15.14 -27.19 3.14
CA ALA D 599 -15.41 -27.75 4.42
C ALA D 599 -16.87 -27.73 4.83
N THR D 600 -17.63 -26.71 4.44
CA THR D 600 -19.09 -26.71 4.55
C THR D 600 -19.73 -27.82 3.72
N THR D 601 -19.25 -28.04 2.49
CA THR D 601 -19.81 -28.99 1.53
C THR D 601 -19.65 -30.42 2.06
N VAL D 602 -18.43 -30.69 2.54
CA VAL D 602 -18.05 -31.98 3.11
C VAL D 602 -18.87 -32.26 4.36
N MET D 603 -18.96 -31.30 5.29
CA MET D 603 -19.73 -31.41 6.52
C MET D 603 -21.22 -31.66 6.25
N LEU D 604 -21.85 -30.90 5.35
CA LEU D 604 -23.26 -31.09 5.02
C LEU D 604 -23.52 -32.48 4.47
N GLU D 605 -22.75 -32.92 3.48
CA GLU D 605 -22.92 -34.26 2.90
C GLU D 605 -22.72 -35.41 3.91
N ARG D 606 -21.81 -35.24 4.83
CA ARG D 606 -21.61 -36.27 5.87
C ARG D 606 -22.75 -36.26 6.89
N LYS D 607 -23.28 -35.10 7.26
CA LYS D 607 -24.30 -34.98 8.33
C LYS D 607 -25.75 -35.11 7.86
N MET D 608 -26.09 -34.65 6.66
CA MET D 608 -27.44 -34.71 6.14
C MET D 608 -27.83 -36.14 5.71
N PRO D 609 -29.12 -36.48 5.72
CA PRO D 609 -29.63 -37.72 5.14
C PRO D 609 -29.20 -38.01 3.66
N ARG D 610 -28.73 -39.21 3.36
CA ARG D 610 -28.18 -39.56 2.03
C ARG D 610 -29.08 -39.33 0.82
N PHE D 611 -30.40 -39.45 0.96
CA PHE D 611 -31.33 -39.16 -0.14
C PHE D 611 -31.28 -37.69 -0.62
N LEU D 612 -30.80 -36.77 0.22
CA LEU D 612 -30.58 -35.36 -0.13
C LEU D 612 -29.24 -35.14 -0.83
N TRP D 613 -28.29 -36.06 -0.71
CA TRP D 613 -26.97 -36.01 -1.33
C TRP D 613 -26.75 -37.23 -2.24
N PRO D 614 -27.35 -37.27 -3.43
CA PRO D 614 -27.04 -38.28 -4.43
C PRO D 614 -25.55 -38.30 -4.75
N ARG D 615 -25.00 -39.50 -4.94
CA ARG D 615 -23.58 -39.72 -5.22
C ARG D 615 -23.14 -38.89 -6.43
N SER D 616 -22.03 -38.19 -6.29
CA SER D 616 -21.58 -37.19 -7.25
C SER D 616 -20.75 -37.78 -8.38
N GLY D 617 -20.74 -37.11 -9.52
CA GLY D 617 -20.12 -37.60 -10.73
C GLY D 617 -21.01 -38.56 -11.51
N ILE D 618 -20.37 -39.29 -12.41
CA ILE D 618 -20.96 -40.13 -13.46
C ILE D 618 -20.78 -41.59 -13.05
N CYS D 619 -21.87 -42.35 -12.96
CA CYS D 619 -21.79 -43.77 -12.65
C CYS D 619 -21.22 -44.54 -13.85
N GLY D 620 -20.06 -45.16 -13.70
CA GLY D 620 -19.42 -45.92 -14.77
C GLY D 620 -20.23 -47.13 -15.24
N TYR D 621 -21.05 -47.71 -14.37
CA TYR D 621 -21.77 -48.96 -14.63
C TYR D 621 -22.77 -48.83 -15.79
N GLU D 622 -23.41 -47.67 -15.97
CA GLU D 622 -24.29 -47.40 -17.11
C GLU D 622 -23.60 -47.51 -18.48
N TYR D 623 -22.28 -47.29 -18.53
CA TYR D 623 -21.50 -47.17 -19.76
C TYR D 623 -20.46 -48.28 -19.92
N GLY D 624 -20.50 -49.32 -19.08
CA GLY D 624 -19.57 -50.44 -19.13
C GLY D 624 -18.20 -50.16 -18.57
N LEU D 625 -18.03 -49.12 -17.75
CA LEU D 625 -16.75 -48.76 -17.12
C LEU D 625 -16.55 -49.44 -15.74
N GLY D 626 -17.38 -50.41 -15.38
CA GLY D 626 -17.34 -51.09 -14.08
C GLY D 626 -17.92 -50.27 -12.94
N ASP D 627 -17.56 -50.62 -11.71
CA ASP D 627 -18.13 -50.06 -10.48
C ASP D 627 -17.64 -48.64 -10.12
N ARG D 628 -16.83 -48.01 -10.98
CA ARG D 628 -16.24 -46.72 -10.60
C ARG D 628 -17.09 -45.52 -10.99
N TRP D 629 -16.82 -44.42 -10.36
CA TRP D 629 -17.52 -43.17 -10.66
C TRP D 629 -16.53 -42.11 -11.13
N PHE D 630 -16.96 -41.26 -12.06
CA PHE D 630 -16.06 -40.37 -12.78
C PHE D 630 -16.51 -38.92 -12.73
N LEU D 631 -15.59 -37.99 -12.91
CA LEU D 631 -15.89 -36.62 -13.29
C LEU D 631 -15.41 -36.39 -14.72
N ARG D 632 -16.27 -35.89 -15.57
CA ARG D 632 -15.81 -35.50 -16.92
C ARG D 632 -15.54 -34.01 -16.89
N VAL D 633 -14.36 -33.63 -17.27
CA VAL D 633 -13.95 -32.24 -17.40
C VAL D 633 -13.71 -31.97 -18.87
N GLU D 634 -14.29 -30.90 -19.39
CA GLU D 634 -13.97 -30.39 -20.72
C GLU D 634 -13.18 -29.10 -20.58
N ASN D 635 -12.06 -28.97 -21.29
CA ASN D 635 -11.23 -27.77 -21.21
C ASN D 635 -10.63 -27.38 -22.56
N HIS D 636 -10.23 -26.12 -22.64
CA HIS D 636 -9.61 -25.46 -23.79
C HIS D 636 -8.12 -25.24 -23.53
N HIS D 637 -7.26 -25.49 -24.53
CA HIS D 637 -5.81 -25.42 -24.38
C HIS D 637 -5.12 -24.81 -25.61
#